data_9NGX
#
_entry.id   9NGX
#
_entity_poly.entity_id   1
_entity_poly.type   'polypeptide(L)'
_entity_poly.pdbx_seq_one_letter_code
;GEDLEQEWKPPDEELIKKLVDQIEFYFSDENLEKDAFLLKHVRRNKLGYVSVKLLTSFKKVKHLTRDWRTTAHALKYSVV
LELNEDHRKVRRTTPVPLFPNENLPS
;
_entity_poly.pdbx_strand_id   A
#
# COMPACT_ATOMS: atom_id res chain seq x y z
N GLY A 1 -4.64 -35.55 -11.08
CA GLY A 1 -4.29 -34.15 -11.41
C GLY A 1 -3.44 -33.54 -10.31
N GLU A 2 -2.19 -33.16 -10.62
CA GLU A 2 -1.18 -32.71 -9.64
C GLU A 2 -0.75 -31.24 -9.82
N ASP A 3 -1.44 -30.49 -10.69
CA ASP A 3 -1.22 -29.05 -10.93
C ASP A 3 -1.32 -28.20 -9.64
N LEU A 4 -0.40 -27.24 -9.47
CA LEU A 4 -0.39 -26.28 -8.37
C LEU A 4 -1.63 -25.35 -8.38
N GLU A 5 -2.11 -24.99 -7.19
CA GLU A 5 -3.19 -24.00 -6.99
C GLU A 5 -2.84 -22.60 -7.53
N GLN A 6 -3.88 -21.83 -7.87
CA GLN A 6 -3.79 -20.44 -8.39
C GLN A 6 -4.36 -19.40 -7.39
N GLU A 7 -4.31 -19.73 -6.09
CA GLU A 7 -4.90 -19.02 -4.97
C GLU A 7 -4.17 -19.38 -3.65
N TRP A 8 -4.62 -18.84 -2.52
CA TRP A 8 -4.07 -19.08 -1.19
C TRP A 8 -5.15 -18.88 -0.10
N LYS A 9 -4.82 -19.12 1.17
CA LYS A 9 -5.73 -18.89 2.31
C LYS A 9 -5.55 -17.48 2.91
N PRO A 10 -6.50 -16.54 2.75
CA PRO A 10 -6.38 -15.18 3.28
C PRO A 10 -6.44 -15.10 4.82
N PRO A 11 -5.97 -13.96 5.39
CA PRO A 11 -5.96 -13.69 6.83
C PRO A 11 -7.36 -13.62 7.48
N ASP A 12 -7.37 -13.69 8.80
CA ASP A 12 -8.53 -13.45 9.67
C ASP A 12 -8.90 -11.96 9.75
N GLU A 13 -10.16 -11.68 10.08
CA GLU A 13 -10.74 -10.34 10.23
C GLU A 13 -9.87 -9.40 11.09
N GLU A 14 -9.37 -9.86 12.23
CA GLU A 14 -8.54 -9.06 13.14
C GLU A 14 -7.16 -8.71 12.56
N LEU A 15 -6.50 -9.65 11.87
CA LEU A 15 -5.26 -9.37 11.14
C LEU A 15 -5.50 -8.30 10.06
N ILE A 16 -6.59 -8.45 9.30
CA ILE A 16 -7.05 -7.48 8.28
C ILE A 16 -7.16 -6.06 8.83
N LYS A 17 -7.82 -5.87 9.98
CA LYS A 17 -7.97 -4.55 10.65
C LYS A 17 -6.62 -3.86 10.88
N LYS A 18 -5.64 -4.59 11.43
CA LYS A 18 -4.27 -4.11 11.63
C LYS A 18 -3.57 -3.81 10.31
N LEU A 19 -3.59 -4.76 9.36
CA LEU A 19 -2.96 -4.66 8.05
C LEU A 19 -3.47 -3.44 7.26
N VAL A 20 -4.79 -3.34 7.01
CA VAL A 20 -5.43 -2.19 6.35
C VAL A 20 -5.16 -0.87 7.07
N ASP A 21 -5.15 -0.85 8.41
CA ASP A 21 -4.89 0.36 9.20
C ASP A 21 -3.47 0.92 8.98
N GLN A 22 -2.46 0.05 8.83
CA GLN A 22 -1.13 0.46 8.40
C GLN A 22 -1.17 1.08 6.99
N ILE A 23 -1.68 0.35 5.99
CA ILE A 23 -1.60 0.79 4.58
C ILE A 23 -2.39 2.10 4.36
N GLU A 24 -3.50 2.26 5.10
CA GLU A 24 -4.30 3.47 5.18
C GLU A 24 -3.47 4.70 5.57
N PHE A 25 -2.80 4.67 6.74
CA PHE A 25 -1.95 5.79 7.16
C PHE A 25 -0.70 5.94 6.27
N TYR A 26 -0.21 4.87 5.64
CA TYR A 26 0.94 4.94 4.73
C TYR A 26 0.71 5.88 3.54
N PHE A 27 -0.51 5.97 3.01
CA PHE A 27 -0.87 6.96 1.99
C PHE A 27 -1.33 8.32 2.53
N SER A 28 -1.55 8.47 3.84
CA SER A 28 -1.87 9.77 4.47
C SER A 28 -0.69 10.73 4.41
N ASP A 29 -0.98 12.03 4.30
CA ASP A 29 -0.01 13.12 4.20
C ASP A 29 1.01 13.10 5.36
N GLU A 30 0.56 12.68 6.56
CA GLU A 30 1.39 12.58 7.77
C GLU A 30 2.52 11.53 7.68
N ASN A 31 2.31 10.42 6.96
CA ASN A 31 3.40 9.50 6.61
C ASN A 31 4.26 10.06 5.49
N LEU A 32 3.65 10.61 4.43
CA LEU A 32 4.37 11.15 3.26
C LEU A 32 5.39 12.24 3.65
N GLU A 33 5.10 13.04 4.67
CA GLU A 33 6.02 14.06 5.20
C GLU A 33 7.35 13.48 5.73
N LYS A 34 7.33 12.28 6.32
CA LYS A 34 8.49 11.59 6.92
C LYS A 34 9.09 10.46 6.06
N ASP A 35 8.31 9.83 5.18
CA ASP A 35 8.73 8.75 4.27
C ASP A 35 8.77 9.24 2.82
N ALA A 36 9.86 9.96 2.51
CA ALA A 36 10.13 10.54 1.18
C ALA A 36 10.24 9.45 0.09
N PHE A 37 10.73 8.26 0.47
CA PHE A 37 10.74 7.05 -0.35
C PHE A 37 9.33 6.66 -0.86
N LEU A 38 8.36 6.47 0.04
CA LEU A 38 6.98 6.09 -0.32
C LEU A 38 6.29 7.22 -1.08
N LEU A 39 6.49 8.47 -0.63
CA LEU A 39 6.09 9.70 -1.31
C LEU A 39 6.55 9.71 -2.79
N LYS A 40 7.80 9.30 -3.07
CA LYS A 40 8.31 9.21 -4.45
C LYS A 40 7.48 8.24 -5.29
N HIS A 41 7.25 7.01 -4.84
CA HIS A 41 6.45 6.01 -5.60
C HIS A 41 5.00 6.44 -5.85
N VAL A 42 4.31 6.97 -4.83
CA VAL A 42 2.94 7.49 -5.00
C VAL A 42 2.88 8.69 -5.96
N ARG A 43 3.85 9.61 -5.88
CA ARG A 43 4.01 10.75 -6.82
C ARG A 43 4.43 10.32 -8.25
N ARG A 44 5.14 9.18 -8.38
CA ARG A 44 5.63 8.62 -9.67
C ARG A 44 4.49 8.27 -10.63
N ASN A 45 3.35 7.87 -10.09
CA ASN A 45 2.22 7.34 -10.85
C ASN A 45 1.15 8.39 -11.14
N LYS A 46 0.49 8.18 -12.28
CA LYS A 46 -0.69 8.97 -12.69
C LYS A 46 -1.89 8.81 -11.73
N LEU A 47 -2.07 7.61 -11.17
CA LEU A 47 -3.18 7.26 -10.25
C LEU A 47 -2.71 7.11 -8.79
N GLY A 48 -1.43 6.79 -8.58
CA GLY A 48 -0.79 6.70 -7.26
C GLY A 48 -0.36 5.28 -6.81
N TYR A 49 -0.31 4.31 -7.73
CA TYR A 49 -0.08 2.90 -7.40
C TYR A 49 1.31 2.60 -6.80
N VAL A 50 1.32 1.71 -5.80
CA VAL A 50 2.53 1.18 -5.14
C VAL A 50 2.38 -0.32 -4.93
N SER A 51 3.43 -1.07 -5.28
CA SER A 51 3.50 -2.54 -5.21
C SER A 51 3.29 -3.13 -3.82
N VAL A 52 2.44 -4.15 -3.70
CA VAL A 52 2.02 -4.72 -2.41
C VAL A 52 3.16 -5.50 -1.72
N LYS A 53 4.12 -6.05 -2.47
CA LYS A 53 5.33 -6.71 -1.91
C LYS A 53 6.22 -5.74 -1.11
N LEU A 54 6.20 -4.45 -1.47
CA LEU A 54 6.87 -3.39 -0.72
C LEU A 54 6.03 -2.97 0.50
N LEU A 55 4.73 -2.73 0.29
CA LEU A 55 3.81 -2.29 1.35
C LEU A 55 3.70 -3.29 2.51
N THR A 56 3.67 -4.59 2.20
CA THR A 56 3.68 -5.66 3.21
C THR A 56 5.00 -5.70 4.00
N SER A 57 6.09 -5.24 3.41
CA SER A 57 7.43 -5.28 4.04
C SER A 57 7.81 -3.96 4.74
N PHE A 58 6.85 -3.07 4.99
CA PHE A 58 7.05 -1.82 5.73
C PHE A 58 7.36 -2.03 7.20
N LYS A 59 7.88 -0.98 7.85
CA LYS A 59 8.54 -1.00 9.15
C LYS A 59 7.61 -1.44 10.29
N LYS A 60 6.33 -1.06 10.20
CA LYS A 60 5.24 -1.57 11.04
C LYS A 60 4.67 -2.90 10.51
N VAL A 61 4.39 -2.97 9.21
CA VAL A 61 3.64 -4.10 8.61
C VAL A 61 4.36 -5.43 8.80
N LYS A 62 5.70 -5.43 8.73
CA LYS A 62 6.56 -6.59 9.01
C LYS A 62 6.31 -7.25 10.36
N HIS A 63 5.84 -6.51 11.37
CA HIS A 63 5.48 -7.09 12.66
C HIS A 63 4.28 -8.07 12.57
N LEU A 64 3.37 -7.82 11.62
CA LEU A 64 2.17 -8.63 11.33
C LEU A 64 2.43 -9.65 10.20
N THR A 65 2.89 -9.16 9.03
CA THR A 65 2.83 -9.85 7.72
C THR A 65 4.03 -9.46 6.84
N ARG A 66 4.52 -10.39 6.01
CA ARG A 66 5.52 -10.18 4.92
C ARG A 66 5.11 -10.95 3.66
N ASP A 67 3.89 -10.69 3.20
CA ASP A 67 3.24 -11.41 2.09
C ASP A 67 2.25 -10.51 1.36
N TRP A 68 2.53 -10.32 0.07
CA TRP A 68 1.72 -9.50 -0.81
C TRP A 68 0.28 -10.01 -0.92
N ARG A 69 0.06 -11.34 -0.94
CA ARG A 69 -1.28 -11.95 -1.01
C ARG A 69 -2.10 -11.62 0.24
N THR A 70 -1.49 -11.82 1.41
CA THR A 70 -2.14 -11.57 2.70
C THR A 70 -2.52 -10.09 2.84
N THR A 71 -1.67 -9.17 2.40
CA THR A 71 -2.01 -7.74 2.31
C THR A 71 -3.03 -7.43 1.22
N ALA A 72 -2.97 -8.10 0.06
CA ALA A 72 -3.91 -7.96 -1.06
C ALA A 72 -5.36 -8.23 -0.66
N HIS A 73 -5.62 -9.28 0.15
CA HIS A 73 -6.94 -9.48 0.75
C HIS A 73 -7.42 -8.26 1.56
N ALA A 74 -6.55 -7.67 2.40
CA ALA A 74 -6.87 -6.51 3.23
C ALA A 74 -7.18 -5.24 2.40
N LEU A 75 -6.63 -5.10 1.19
CA LEU A 75 -6.95 -4.00 0.26
C LEU A 75 -8.45 -3.92 -0.11
N LYS A 76 -9.15 -5.06 -0.09
CA LYS A 76 -10.60 -5.14 -0.33
C LYS A 76 -11.43 -4.42 0.75
N TYR A 77 -10.88 -4.32 1.97
CA TYR A 77 -11.53 -3.72 3.14
C TYR A 77 -11.16 -2.23 3.31
N SER A 78 -10.16 -1.73 2.58
CA SER A 78 -9.80 -0.31 2.48
C SER A 78 -11.02 0.58 2.17
N VAL A 79 -11.11 1.69 2.92
CA VAL A 79 -12.17 2.72 2.77
C VAL A 79 -11.65 4.03 2.13
N VAL A 80 -10.35 4.13 1.89
CA VAL A 80 -9.65 5.30 1.30
C VAL A 80 -8.66 4.93 0.20
N LEU A 81 -8.46 3.64 -0.09
CA LEU A 81 -7.53 3.12 -1.09
C LEU A 81 -8.23 2.16 -2.07
N GLU A 82 -7.61 1.91 -3.22
CA GLU A 82 -8.11 1.04 -4.29
C GLU A 82 -7.01 0.11 -4.81
N LEU A 83 -7.23 -1.21 -4.72
CA LEU A 83 -6.41 -2.24 -5.38
C LEU A 83 -6.43 -2.14 -6.92
N ASN A 84 -5.42 -2.73 -7.58
CA ASN A 84 -5.37 -2.89 -9.04
C ASN A 84 -6.00 -4.22 -9.52
N GLU A 85 -5.89 -4.52 -10.83
CA GLU A 85 -6.63 -5.61 -11.50
C GLU A 85 -6.44 -7.01 -10.89
N ASP A 86 -5.20 -7.37 -10.52
CA ASP A 86 -4.86 -8.66 -9.90
C ASP A 86 -4.44 -8.52 -8.41
N HIS A 87 -4.68 -7.33 -7.83
CA HIS A 87 -4.44 -6.99 -6.41
C HIS A 87 -2.93 -6.88 -6.05
N ARG A 88 -2.07 -6.68 -7.05
CA ARG A 88 -0.60 -6.57 -6.97
C ARG A 88 -0.09 -5.18 -6.58
N LYS A 89 -0.93 -4.14 -6.72
CA LYS A 89 -0.67 -2.74 -6.38
C LYS A 89 -1.92 -2.11 -5.75
N VAL A 90 -1.74 -1.02 -5.01
CA VAL A 90 -2.81 -0.17 -4.45
C VAL A 90 -2.48 1.31 -4.58
N ARG A 91 -3.50 2.14 -4.81
CA ARG A 91 -3.43 3.61 -4.88
C ARG A 91 -4.43 4.26 -3.93
N ARG A 92 -4.10 5.44 -3.41
CA ARG A 92 -5.01 6.28 -2.61
C ARG A 92 -6.15 6.81 -3.49
N THR A 93 -7.40 6.75 -3.03
CA THR A 93 -8.59 7.21 -3.79
C THR A 93 -8.48 8.67 -4.25
N THR A 94 -7.82 9.52 -3.46
CA THR A 94 -7.45 10.91 -3.85
C THR A 94 -6.00 11.01 -4.28
N PRO A 95 -5.69 11.88 -5.28
CA PRO A 95 -4.31 12.28 -5.56
C PRO A 95 -3.69 12.90 -4.28
N VAL A 96 -2.46 12.51 -3.94
CA VAL A 96 -1.78 13.04 -2.75
C VAL A 96 -1.23 14.44 -3.05
N PRO A 97 -1.40 15.41 -2.15
CA PRO A 97 -0.96 16.78 -2.37
C PRO A 97 0.57 16.84 -2.56
N LEU A 98 1.03 17.73 -3.43
CA LEU A 98 2.45 17.99 -3.61
C LEU A 98 3.14 18.47 -2.32
N PHE A 99 4.40 18.07 -2.16
CA PHE A 99 5.28 18.38 -1.03
C PHE A 99 6.40 19.36 -1.46
N PRO A 100 7.07 20.06 -0.53
CA PRO A 100 8.15 21.00 -0.85
C PRO A 100 9.29 20.40 -1.66
N ASN A 101 9.60 19.11 -1.42
CA ASN A 101 10.62 18.36 -2.14
C ASN A 101 10.25 18.11 -3.62
N GLU A 102 8.96 18.10 -3.95
CA GLU A 102 8.45 17.92 -5.32
C GLU A 102 8.52 19.21 -6.17
N ASN A 103 8.58 20.37 -5.51
CA ASN A 103 8.64 21.69 -6.16
C ASN A 103 10.02 21.99 -6.80
N LEU A 104 11.08 21.26 -6.42
CA LEU A 104 12.43 21.39 -6.99
C LEU A 104 12.45 21.09 -8.50
N PRO A 105 13.28 21.80 -9.30
CA PRO A 105 13.35 21.63 -10.76
C PRO A 105 14.40 20.58 -11.21
N SER A 106 15.15 19.99 -10.27
CA SER A 106 16.18 18.95 -10.51
C SER A 106 15.61 17.57 -10.89
N GLY A 1 -2.12 -33.12 -4.33
CA GLY A 1 -2.65 -32.23 -3.27
C GLY A 1 -2.64 -30.78 -3.72
N GLU A 2 -2.12 -29.87 -2.90
CA GLU A 2 -1.92 -28.45 -3.26
C GLU A 2 -0.57 -28.29 -3.99
N ASP A 3 -0.55 -28.73 -5.26
CA ASP A 3 0.69 -28.93 -6.04
C ASP A 3 1.26 -27.64 -6.66
N LEU A 4 0.53 -26.54 -6.56
CA LEU A 4 0.87 -25.19 -7.03
C LEU A 4 0.09 -24.14 -6.23
N GLU A 5 0.77 -23.06 -5.80
CA GLU A 5 0.13 -21.95 -5.09
C GLU A 5 -0.45 -20.92 -6.08
N GLN A 6 -1.50 -21.32 -6.79
CA GLN A 6 -2.31 -20.47 -7.69
C GLN A 6 -3.34 -19.59 -6.97
N GLU A 7 -3.38 -19.76 -5.66
CA GLU A 7 -4.32 -19.29 -4.64
C GLU A 7 -3.71 -19.54 -3.25
N TRP A 8 -4.30 -18.97 -2.20
CA TRP A 8 -3.80 -19.12 -0.82
C TRP A 8 -4.90 -18.90 0.23
N LYS A 9 -4.53 -18.99 1.52
CA LYS A 9 -5.44 -18.80 2.67
C LYS A 9 -5.35 -17.38 3.23
N PRO A 10 -6.34 -16.49 3.03
CA PRO A 10 -6.26 -15.12 3.52
C PRO A 10 -6.30 -14.99 5.05
N PRO A 11 -5.84 -13.84 5.58
CA PRO A 11 -5.79 -13.54 7.01
C PRO A 11 -7.17 -13.49 7.69
N ASP A 12 -7.15 -13.54 9.03
CA ASP A 12 -8.31 -13.30 9.90
C ASP A 12 -8.68 -11.81 9.95
N GLU A 13 -9.93 -11.53 10.31
CA GLU A 13 -10.51 -10.18 10.45
C GLU A 13 -9.61 -9.20 11.24
N GLU A 14 -9.05 -9.64 12.36
CA GLU A 14 -8.15 -8.81 13.19
C GLU A 14 -6.81 -8.48 12.50
N LEU A 15 -6.18 -9.44 11.82
CA LEU A 15 -4.98 -9.19 11.01
C LEU A 15 -5.30 -8.18 9.90
N ILE A 16 -6.45 -8.33 9.23
CA ILE A 16 -6.99 -7.40 8.23
C ILE A 16 -7.12 -5.97 8.78
N LYS A 17 -7.72 -5.78 9.97
CA LYS A 17 -7.81 -4.46 10.63
C LYS A 17 -6.46 -3.79 10.80
N LYS A 18 -5.46 -4.53 11.29
CA LYS A 18 -4.07 -4.06 11.43
C LYS A 18 -3.44 -3.71 10.07
N LEU A 19 -3.49 -4.62 9.09
CA LEU A 19 -3.00 -4.40 7.72
C LEU A 19 -3.61 -3.15 7.09
N VAL A 20 -4.95 -3.07 6.97
CA VAL A 20 -5.63 -1.91 6.35
C VAL A 20 -5.34 -0.61 7.10
N ASP A 21 -5.27 -0.66 8.43
CA ASP A 21 -4.93 0.52 9.26
C ASP A 21 -3.52 1.06 8.96
N GLN A 22 -2.53 0.18 8.78
CA GLN A 22 -1.21 0.58 8.33
C GLN A 22 -1.24 1.21 6.93
N ILE A 23 -1.76 0.51 5.93
CA ILE A 23 -1.70 0.98 4.54
C ILE A 23 -2.48 2.31 4.35
N GLU A 24 -3.61 2.46 5.06
CA GLU A 24 -4.40 3.70 5.13
C GLU A 24 -3.57 4.91 5.57
N PHE A 25 -2.91 4.83 6.74
CA PHE A 25 -2.03 5.91 7.20
C PHE A 25 -0.79 6.08 6.31
N TYR A 26 -0.31 5.02 5.66
CA TYR A 26 0.85 5.09 4.76
C TYR A 26 0.61 6.02 3.56
N PHE A 27 -0.55 5.92 2.92
CA PHE A 27 -0.94 6.84 1.85
C PHE A 27 -1.38 8.24 2.36
N SER A 28 -1.67 8.40 3.65
CA SER A 28 -2.04 9.69 4.25
C SER A 28 -0.84 10.64 4.41
N ASP A 29 -1.10 11.93 4.24
CA ASP A 29 -0.11 13.03 4.21
C ASP A 29 0.84 13.00 5.42
N GLU A 30 0.32 12.58 6.58
CA GLU A 30 1.06 12.50 7.85
C GLU A 30 2.22 11.49 7.83
N ASN A 31 2.09 10.38 7.08
CA ASN A 31 3.21 9.51 6.77
C ASN A 31 4.10 10.11 5.66
N LEU A 32 3.50 10.65 4.60
CA LEU A 32 4.25 11.15 3.43
C LEU A 32 5.29 12.23 3.80
N GLU A 33 5.00 13.06 4.79
CA GLU A 33 5.94 14.01 5.39
C GLU A 33 7.27 13.38 5.87
N LYS A 34 7.19 12.21 6.54
CA LYS A 34 8.34 11.51 7.13
C LYS A 34 8.92 10.37 6.26
N ASP A 35 8.13 9.81 5.34
CA ASP A 35 8.51 8.73 4.42
C ASP A 35 8.48 9.24 2.97
N ALA A 36 9.54 10.00 2.65
CA ALA A 36 9.80 10.54 1.31
C ALA A 36 9.97 9.41 0.28
N PHE A 37 10.48 8.26 0.72
CA PHE A 37 10.53 7.00 -0.04
C PHE A 37 9.17 6.60 -0.62
N LEU A 38 8.13 6.47 0.21
CA LEU A 38 6.79 6.07 -0.22
C LEU A 38 6.12 7.18 -1.06
N LEU A 39 6.32 8.44 -0.65
CA LEU A 39 5.95 9.64 -1.40
C LEU A 39 6.49 9.64 -2.85
N LYS A 40 7.71 9.14 -3.07
CA LYS A 40 8.33 8.97 -4.39
C LYS A 40 7.61 7.91 -5.26
N HIS A 41 7.11 6.82 -4.68
CA HIS A 41 6.37 5.79 -5.44
C HIS A 41 4.97 6.24 -5.82
N VAL A 42 4.28 6.94 -4.91
CA VAL A 42 2.97 7.51 -5.21
C VAL A 42 3.05 8.62 -6.26
N ARG A 43 4.13 9.42 -6.29
CA ARG A 43 4.38 10.43 -7.35
C ARG A 43 4.98 9.87 -8.64
N ARG A 44 5.57 8.67 -8.63
CA ARG A 44 6.01 7.93 -9.84
C ARG A 44 4.85 7.50 -10.75
N ASN A 45 3.65 7.32 -10.19
CA ASN A 45 2.47 6.80 -10.90
C ASN A 45 1.36 7.86 -11.00
N LYS A 46 0.63 7.85 -12.13
CA LYS A 46 -0.41 8.85 -12.44
C LYS A 46 -1.64 8.79 -11.52
N LEU A 47 -1.99 7.60 -11.04
CA LEU A 47 -3.11 7.35 -10.11
C LEU A 47 -2.68 7.20 -8.64
N GLY A 48 -1.39 6.93 -8.39
CA GLY A 48 -0.78 6.79 -7.07
C GLY A 48 -0.42 5.36 -6.65
N TYR A 49 -0.35 4.42 -7.59
CA TYR A 49 -0.11 2.99 -7.33
C TYR A 49 1.26 2.70 -6.69
N VAL A 50 1.27 1.75 -5.75
CA VAL A 50 2.46 1.18 -5.09
C VAL A 50 2.32 -0.34 -4.94
N SER A 51 3.37 -1.07 -5.31
CA SER A 51 3.46 -2.54 -5.29
C SER A 51 3.22 -3.16 -3.91
N VAL A 52 2.37 -4.18 -3.84
CA VAL A 52 1.94 -4.78 -2.55
C VAL A 52 3.07 -5.58 -1.88
N LYS A 53 4.04 -6.11 -2.64
CA LYS A 53 5.25 -6.77 -2.11
C LYS A 53 6.15 -5.84 -1.29
N LEU A 54 6.11 -4.53 -1.59
CA LEU A 54 6.79 -3.48 -0.85
C LEU A 54 5.95 -3.02 0.36
N LEU A 55 4.67 -2.72 0.14
CA LEU A 55 3.74 -2.30 1.19
C LEU A 55 3.62 -3.32 2.33
N THR A 56 3.60 -4.62 1.99
CA THR A 56 3.54 -5.72 2.97
C THR A 56 4.81 -5.79 3.82
N SER A 57 5.95 -5.34 3.27
CA SER A 57 7.26 -5.39 3.93
C SER A 57 7.65 -4.07 4.61
N PHE A 58 6.69 -3.16 4.83
CA PHE A 58 6.91 -1.91 5.54
C PHE A 58 7.24 -2.12 7.01
N LYS A 59 7.84 -1.08 7.62
CA LYS A 59 8.46 -1.10 8.95
C LYS A 59 7.49 -1.50 10.05
N LYS A 60 6.23 -1.09 9.91
CA LYS A 60 5.08 -1.51 10.71
C LYS A 60 4.54 -2.88 10.28
N VAL A 61 4.19 -3.03 9.00
CA VAL A 61 3.45 -4.20 8.47
C VAL A 61 4.20 -5.52 8.67
N LYS A 62 5.54 -5.48 8.58
CA LYS A 62 6.42 -6.63 8.86
C LYS A 62 6.21 -7.27 10.23
N HIS A 63 5.72 -6.52 11.22
CA HIS A 63 5.39 -7.10 12.53
C HIS A 63 4.24 -8.12 12.44
N LEU A 64 3.31 -7.94 11.49
CA LEU A 64 2.17 -8.82 11.22
C LEU A 64 2.48 -9.85 10.11
N THR A 65 2.92 -9.36 8.94
CA THR A 65 2.88 -10.06 7.65
C THR A 65 4.02 -9.61 6.73
N ARG A 66 4.54 -10.52 5.88
CA ARG A 66 5.50 -10.26 4.80
C ARG A 66 5.11 -11.05 3.53
N ASP A 67 3.87 -10.87 3.08
CA ASP A 67 3.28 -11.59 1.94
C ASP A 67 2.25 -10.71 1.24
N TRP A 68 2.52 -10.43 -0.04
CA TRP A 68 1.70 -9.56 -0.87
C TRP A 68 0.25 -10.04 -0.95
N ARG A 69 0.01 -11.36 -0.96
CA ARG A 69 -1.33 -11.97 -0.97
C ARG A 69 -2.09 -11.63 0.30
N THR A 70 -1.46 -11.84 1.45
CA THR A 70 -2.07 -11.62 2.76
C THR A 70 -2.44 -10.15 2.95
N THR A 71 -1.55 -9.21 2.60
CA THR A 71 -1.92 -7.79 2.51
C THR A 71 -2.99 -7.52 1.45
N ALA A 72 -2.92 -8.14 0.25
CA ALA A 72 -3.88 -7.97 -0.84
C ALA A 72 -5.33 -8.27 -0.44
N HIS A 73 -5.57 -9.33 0.34
CA HIS A 73 -6.90 -9.55 0.93
C HIS A 73 -7.40 -8.35 1.73
N ALA A 74 -6.56 -7.74 2.57
CA ALA A 74 -6.90 -6.55 3.37
C ALA A 74 -7.18 -5.30 2.51
N LEU A 75 -6.58 -5.19 1.31
CA LEU A 75 -6.84 -4.08 0.37
C LEU A 75 -8.31 -3.99 -0.08
N LYS A 76 -9.04 -5.12 -0.04
CA LYS A 76 -10.49 -5.18 -0.29
C LYS A 76 -11.34 -4.42 0.73
N TYR A 77 -10.85 -4.32 1.98
CA TYR A 77 -11.53 -3.70 3.12
C TYR A 77 -11.21 -2.19 3.23
N SER A 78 -10.19 -1.71 2.50
CA SER A 78 -9.83 -0.30 2.36
C SER A 78 -11.02 0.62 2.07
N VAL A 79 -11.04 1.76 2.77
CA VAL A 79 -12.07 2.81 2.69
C VAL A 79 -11.61 4.11 1.99
N VAL A 80 -10.30 4.25 1.75
CA VAL A 80 -9.66 5.41 1.09
C VAL A 80 -8.68 5.01 -0.02
N LEU A 81 -8.55 3.70 -0.29
CA LEU A 81 -7.60 3.12 -1.25
C LEU A 81 -8.30 2.15 -2.20
N GLU A 82 -7.69 1.90 -3.36
CA GLU A 82 -8.20 1.02 -4.41
C GLU A 82 -7.10 0.06 -4.91
N LEU A 83 -7.28 -1.25 -4.70
CA LEU A 83 -6.42 -2.29 -5.27
C LEU A 83 -6.42 -2.35 -6.81
N ASN A 84 -5.37 -2.97 -7.35
CA ASN A 84 -5.22 -3.35 -8.76
C ASN A 84 -6.30 -4.33 -9.23
N GLU A 85 -6.42 -4.48 -10.55
CA GLU A 85 -7.23 -5.53 -11.21
C GLU A 85 -6.77 -6.97 -10.88
N ASP A 86 -5.47 -7.16 -10.66
CA ASP A 86 -4.82 -8.42 -10.25
C ASP A 86 -4.32 -8.39 -8.79
N HIS A 87 -4.63 -7.30 -8.08
CA HIS A 87 -4.25 -7.02 -6.68
C HIS A 87 -2.73 -6.81 -6.48
N ARG A 88 -1.93 -6.58 -7.54
CA ARG A 88 -0.44 -6.50 -7.44
C ARG A 88 0.08 -5.13 -6.94
N LYS A 89 -0.76 -4.10 -7.02
CA LYS A 89 -0.56 -2.74 -6.48
C LYS A 89 -1.85 -2.22 -5.83
N VAL A 90 -1.77 -1.07 -5.18
CA VAL A 90 -2.90 -0.27 -4.65
C VAL A 90 -2.58 1.22 -4.73
N ARG A 91 -3.60 2.04 -4.98
CA ARG A 91 -3.50 3.51 -5.06
C ARG A 91 -4.47 4.20 -4.11
N ARG A 92 -4.11 5.38 -3.62
CA ARG A 92 -4.98 6.26 -2.83
C ARG A 92 -6.10 6.84 -3.71
N THR A 93 -7.35 6.81 -3.25
CA THR A 93 -8.51 7.33 -4.02
C THR A 93 -8.36 8.80 -4.44
N THR A 94 -7.68 9.61 -3.62
CA THR A 94 -7.29 11.00 -3.94
C THR A 94 -5.83 11.13 -4.33
N PRO A 95 -5.49 12.04 -5.26
CA PRO A 95 -4.10 12.47 -5.48
C PRO A 95 -3.51 13.03 -4.18
N VAL A 96 -2.27 12.67 -3.86
CA VAL A 96 -1.57 13.15 -2.66
C VAL A 96 -1.06 14.58 -2.88
N PRO A 97 -1.19 15.50 -1.91
CA PRO A 97 -0.70 16.86 -2.04
C PRO A 97 0.82 16.87 -2.21
N LEU A 98 1.33 17.77 -3.05
CA LEU A 98 2.77 17.98 -3.20
C LEU A 98 3.42 18.49 -1.89
N PHE A 99 4.70 18.15 -1.73
CA PHE A 99 5.57 18.47 -0.59
C PHE A 99 6.73 19.38 -1.03
N PRO A 100 7.37 20.13 -0.11
CA PRO A 100 8.43 21.10 -0.46
C PRO A 100 9.66 20.48 -1.11
N ASN A 101 9.90 19.17 -0.92
CA ASN A 101 11.00 18.42 -1.54
C ASN A 101 10.53 17.54 -2.72
N GLU A 102 9.32 17.77 -3.20
CA GLU A 102 8.85 17.41 -4.56
C GLU A 102 8.74 18.67 -5.43
N ASN A 103 8.14 19.73 -4.88
CA ASN A 103 7.94 21.04 -5.50
C ASN A 103 8.99 22.06 -5.02
N LEU A 104 10.27 21.70 -5.20
CA LEU A 104 11.46 22.52 -4.91
C LEU A 104 11.32 23.97 -5.45
N PRO A 105 11.86 24.98 -4.74
CA PRO A 105 11.75 26.39 -5.14
C PRO A 105 12.70 26.80 -6.28
N SER A 106 13.75 26.03 -6.55
CA SER A 106 14.81 26.31 -7.54
C SER A 106 15.34 25.03 -8.18
N GLY A 1 9.14 -13.81 -14.48
CA GLY A 1 8.36 -15.06 -14.51
C GLY A 1 6.96 -14.83 -15.05
N GLU A 2 6.37 -15.85 -15.68
CA GLU A 2 4.98 -15.83 -16.18
C GLU A 2 3.93 -15.66 -15.06
N ASP A 3 2.81 -15.02 -15.36
CA ASP A 3 1.68 -14.82 -14.43
C ASP A 3 0.73 -16.05 -14.45
N LEU A 4 1.26 -17.18 -13.99
CA LEU A 4 0.53 -18.44 -13.84
C LEU A 4 -0.63 -18.33 -12.82
N GLU A 5 -1.73 -19.04 -13.09
CA GLU A 5 -2.89 -19.14 -12.19
C GLU A 5 -2.50 -19.69 -10.80
N GLN A 6 -3.05 -19.09 -9.74
CA GLN A 6 -2.65 -19.29 -8.35
C GLN A 6 -3.76 -18.88 -7.35
N GLU A 7 -3.66 -19.37 -6.12
CA GLU A 7 -4.62 -19.15 -5.02
C GLU A 7 -3.96 -19.35 -3.66
N TRP A 8 -4.55 -18.83 -2.59
CA TRP A 8 -4.10 -19.06 -1.22
C TRP A 8 -5.24 -18.87 -0.18
N LYS A 9 -4.94 -19.14 1.10
CA LYS A 9 -5.88 -18.93 2.23
C LYS A 9 -5.69 -17.55 2.88
N PRO A 10 -6.64 -16.60 2.72
CA PRO A 10 -6.50 -15.25 3.25
C PRO A 10 -6.53 -15.14 4.79
N PRO A 11 -6.04 -14.00 5.33
CA PRO A 11 -6.04 -13.69 6.76
C PRO A 11 -7.42 -13.61 7.43
N ASP A 12 -7.39 -13.66 8.76
CA ASP A 12 -8.50 -13.31 9.65
C ASP A 12 -8.71 -11.79 9.74
N GLU A 13 -9.92 -11.37 10.13
CA GLU A 13 -10.32 -9.97 10.33
C GLU A 13 -9.27 -9.16 11.14
N GLU A 14 -8.80 -9.72 12.25
CA GLU A 14 -7.73 -9.15 13.10
C GLU A 14 -6.50 -8.67 12.30
N LEU A 15 -5.91 -9.56 11.50
CA LEU A 15 -4.76 -9.22 10.64
C LEU A 15 -5.15 -8.18 9.58
N ILE A 16 -6.30 -8.35 8.92
CA ILE A 16 -6.86 -7.41 7.94
C ILE A 16 -6.95 -5.99 8.48
N LYS A 17 -7.54 -5.80 9.67
CA LYS A 17 -7.70 -4.49 10.33
C LYS A 17 -6.35 -3.79 10.55
N LYS A 18 -5.38 -4.51 11.12
CA LYS A 18 -3.99 -4.05 11.31
C LYS A 18 -3.28 -3.72 10.00
N LEU A 19 -3.31 -4.63 9.01
CA LEU A 19 -2.75 -4.42 7.66
C LEU A 19 -3.33 -3.15 7.01
N VAL A 20 -4.65 -3.07 6.83
CA VAL A 20 -5.28 -1.92 6.18
C VAL A 20 -5.05 -0.61 6.94
N ASP A 21 -5.05 -0.64 8.28
CA ASP A 21 -4.78 0.54 9.10
C ASP A 21 -3.38 1.11 8.85
N GLN A 22 -2.36 0.25 8.68
CA GLN A 22 -1.04 0.67 8.25
C GLN A 22 -1.07 1.30 6.85
N ILE A 23 -1.55 0.58 5.83
CA ILE A 23 -1.47 1.07 4.44
C ILE A 23 -2.24 2.37 4.22
N GLU A 24 -3.36 2.55 4.93
CA GLU A 24 -4.18 3.78 4.92
C GLU A 24 -3.44 4.99 5.51
N PHE A 25 -2.79 4.86 6.68
CA PHE A 25 -1.92 5.93 7.19
C PHE A 25 -0.69 6.14 6.31
N TYR A 26 -0.17 5.11 5.63
CA TYR A 26 0.99 5.24 4.75
C TYR A 26 0.73 6.20 3.57
N PHE A 27 -0.44 6.12 2.93
CA PHE A 27 -0.84 7.07 1.90
C PHE A 27 -1.39 8.41 2.45
N SER A 28 -1.64 8.52 3.76
CA SER A 28 -2.04 9.78 4.41
C SER A 28 -0.85 10.74 4.54
N ASP A 29 -1.13 12.03 4.37
CA ASP A 29 -0.17 13.15 4.31
C ASP A 29 0.82 13.16 5.50
N GLU A 30 0.34 12.72 6.66
CA GLU A 30 1.09 12.68 7.93
C GLU A 30 2.28 11.68 7.90
N ASN A 31 2.15 10.56 7.18
CA ASN A 31 3.28 9.70 6.87
C ASN A 31 4.17 10.30 5.77
N LEU A 32 3.55 10.81 4.70
CA LEU A 32 4.27 11.29 3.51
C LEU A 32 5.29 12.39 3.82
N GLU A 33 5.03 13.22 4.83
CA GLU A 33 5.96 14.23 5.33
C GLU A 33 7.32 13.64 5.82
N LYS A 34 7.32 12.44 6.41
CA LYS A 34 8.52 11.74 6.90
C LYS A 34 9.03 10.61 5.98
N ASP A 35 8.16 9.93 5.24
CA ASP A 35 8.52 8.84 4.33
C ASP A 35 8.57 9.32 2.87
N ALA A 36 9.65 10.03 2.54
CA ALA A 36 9.92 10.57 1.22
C ALA A 36 10.03 9.46 0.15
N PHE A 37 10.50 8.27 0.55
CA PHE A 37 10.50 7.04 -0.24
C PHE A 37 9.10 6.63 -0.75
N LEU A 38 8.12 6.47 0.15
CA LEU A 38 6.75 6.10 -0.22
C LEU A 38 6.06 7.23 -0.99
N LEU A 39 6.31 8.48 -0.59
CA LEU A 39 5.94 9.70 -1.32
C LEU A 39 6.45 9.70 -2.77
N LYS A 40 7.69 9.25 -3.03
CA LYS A 40 8.19 9.02 -4.41
C LYS A 40 7.33 8.00 -5.14
N HIS A 41 7.11 6.80 -4.59
CA HIS A 41 6.31 5.76 -5.25
C HIS A 41 4.89 6.19 -5.61
N VAL A 42 4.17 6.83 -4.68
CA VAL A 42 2.81 7.36 -4.94
C VAL A 42 2.81 8.49 -5.99
N ARG A 43 3.88 9.29 -6.10
CA ARG A 43 4.03 10.31 -7.16
C ARG A 43 4.63 9.78 -8.48
N ARG A 44 5.26 8.61 -8.48
CA ARG A 44 5.91 7.97 -9.64
C ARG A 44 4.93 7.62 -10.77
N ASN A 45 3.72 7.20 -10.39
CA ASN A 45 2.74 6.59 -11.29
C ASN A 45 1.50 7.49 -11.46
N LYS A 46 0.80 7.32 -12.58
CA LYS A 46 -0.32 8.18 -13.03
C LYS A 46 -1.51 8.26 -12.06
N LEU A 47 -1.84 7.13 -11.41
CA LEU A 47 -2.99 7.01 -10.48
C LEU A 47 -2.58 6.91 -9.01
N GLY A 48 -1.31 6.55 -8.76
CA GLY A 48 -0.69 6.50 -7.43
C GLY A 48 -0.30 5.11 -6.94
N TYR A 49 -0.26 4.11 -7.81
CA TYR A 49 -0.03 2.71 -7.45
C TYR A 49 1.34 2.44 -6.80
N VAL A 50 1.35 1.54 -5.82
CA VAL A 50 2.54 1.03 -5.13
C VAL A 50 2.40 -0.49 -4.92
N SER A 51 3.44 -1.23 -5.26
CA SER A 51 3.51 -2.70 -5.19
C SER A 51 3.31 -3.24 -3.77
N VAL A 52 2.43 -4.24 -3.63
CA VAL A 52 2.04 -4.80 -2.32
C VAL A 52 3.17 -5.60 -1.66
N LYS A 53 4.10 -6.17 -2.44
CA LYS A 53 5.31 -6.84 -1.91
C LYS A 53 6.23 -5.90 -1.12
N LEU A 54 6.23 -4.62 -1.47
CA LEU A 54 6.92 -3.55 -0.74
C LEU A 54 6.12 -3.07 0.46
N LEU A 55 4.83 -2.78 0.27
CA LEU A 55 3.92 -2.32 1.32
C LEU A 55 3.80 -3.31 2.48
N THR A 56 3.73 -4.62 2.19
CA THR A 56 3.70 -5.69 3.19
C THR A 56 5.01 -5.76 4.00
N SER A 57 6.13 -5.35 3.40
CA SER A 57 7.45 -5.43 4.01
C SER A 57 7.90 -4.09 4.64
N PHE A 58 6.97 -3.16 4.87
CA PHE A 58 7.24 -1.91 5.59
C PHE A 58 7.63 -2.15 7.04
N LYS A 59 8.32 -1.17 7.63
CA LYS A 59 9.02 -1.29 8.92
C LYS A 59 8.09 -1.62 10.10
N LYS A 60 6.82 -1.24 10.00
CA LYS A 60 5.74 -1.61 10.92
C LYS A 60 4.92 -2.82 10.47
N VAL A 61 4.60 -2.93 9.17
CA VAL A 61 3.77 -4.03 8.60
C VAL A 61 4.44 -5.39 8.77
N LYS A 62 5.77 -5.46 8.67
CA LYS A 62 6.57 -6.68 8.90
C LYS A 62 6.35 -7.33 10.27
N HIS A 63 5.94 -6.56 11.28
CA HIS A 63 5.60 -7.13 12.58
C HIS A 63 4.37 -8.05 12.53
N LEU A 64 3.45 -7.82 11.58
CA LEU A 64 2.24 -8.60 11.33
C LEU A 64 2.46 -9.67 10.23
N THR A 65 2.98 -9.26 9.07
CA THR A 65 2.94 -10.02 7.80
C THR A 65 4.05 -9.58 6.84
N ARG A 66 4.55 -10.50 6.01
CA ARG A 66 5.52 -10.26 4.91
C ARG A 66 5.09 -11.02 3.65
N ASP A 67 3.85 -10.82 3.23
CA ASP A 67 3.22 -11.53 2.11
C ASP A 67 2.21 -10.64 1.39
N TRP A 68 2.50 -10.42 0.10
CA TRP A 68 1.70 -9.57 -0.75
C TRP A 68 0.25 -10.06 -0.85
N ARG A 69 0.01 -11.37 -0.89
CA ARG A 69 -1.33 -11.99 -0.94
C ARG A 69 -2.14 -11.63 0.30
N THR A 70 -1.52 -11.80 1.47
CA THR A 70 -2.15 -11.56 2.77
C THR A 70 -2.52 -10.08 2.94
N THR A 71 -1.65 -9.15 2.53
CA THR A 71 -2.00 -7.72 2.46
C THR A 71 -3.01 -7.40 1.34
N ALA A 72 -2.95 -8.08 0.20
CA ALA A 72 -3.87 -7.95 -0.94
C ALA A 72 -5.34 -8.21 -0.55
N HIS A 73 -5.60 -9.26 0.24
CA HIS A 73 -6.93 -9.47 0.83
C HIS A 73 -7.41 -8.26 1.65
N ALA A 74 -6.53 -7.67 2.47
CA ALA A 74 -6.86 -6.50 3.31
C ALA A 74 -7.18 -5.24 2.49
N LEU A 75 -6.61 -5.09 1.29
CA LEU A 75 -6.92 -3.98 0.37
C LEU A 75 -8.42 -3.85 0.08
N LYS A 76 -9.14 -4.98 0.00
CA LYS A 76 -10.58 -5.07 -0.26
C LYS A 76 -11.44 -4.35 0.79
N TYR A 77 -10.94 -4.27 2.03
CA TYR A 77 -11.62 -3.69 3.18
C TYR A 77 -11.31 -2.19 3.33
N SER A 78 -10.32 -1.66 2.60
CA SER A 78 -9.99 -0.24 2.59
C SER A 78 -11.19 0.66 2.29
N VAL A 79 -11.21 1.80 2.97
CA VAL A 79 -12.19 2.90 2.86
C VAL A 79 -11.62 4.16 2.16
N VAL A 80 -10.32 4.20 1.87
CA VAL A 80 -9.63 5.36 1.23
C VAL A 80 -8.67 4.96 0.11
N LEU A 81 -8.47 3.66 -0.14
CA LEU A 81 -7.56 3.13 -1.16
C LEU A 81 -8.28 2.19 -2.13
N GLU A 82 -7.63 1.89 -3.26
CA GLU A 82 -8.14 1.03 -4.33
C GLU A 82 -7.04 0.06 -4.82
N LEU A 83 -7.29 -1.25 -4.73
CA LEU A 83 -6.47 -2.29 -5.37
C LEU A 83 -6.47 -2.18 -6.90
N ASN A 84 -5.44 -2.74 -7.55
CA ASN A 84 -5.35 -2.89 -9.01
C ASN A 84 -6.07 -4.17 -9.51
N GLU A 85 -5.90 -4.50 -10.80
CA GLU A 85 -6.63 -5.55 -11.51
C GLU A 85 -6.41 -6.97 -10.92
N ASP A 86 -5.17 -7.27 -10.50
CA ASP A 86 -4.75 -8.58 -9.98
C ASP A 86 -4.35 -8.54 -8.48
N HIS A 87 -4.55 -7.38 -7.84
CA HIS A 87 -4.33 -7.08 -6.42
C HIS A 87 -2.84 -6.96 -6.03
N ARG A 88 -1.91 -6.90 -7.00
CA ARG A 88 -0.45 -6.75 -6.78
C ARG A 88 -0.02 -5.31 -6.44
N LYS A 89 -0.89 -4.33 -6.63
CA LYS A 89 -0.69 -2.91 -6.33
C LYS A 89 -1.94 -2.26 -5.71
N VAL A 90 -1.75 -1.15 -5.01
CA VAL A 90 -2.82 -0.29 -4.44
C VAL A 90 -2.48 1.20 -4.60
N ARG A 91 -3.50 2.04 -4.78
CA ARG A 91 -3.41 3.50 -4.87
C ARG A 91 -4.43 4.20 -3.98
N ARG A 92 -4.11 5.43 -3.53
CA ARG A 92 -5.03 6.28 -2.75
C ARG A 92 -6.17 6.82 -3.63
N THR A 93 -7.41 6.77 -3.17
CA THR A 93 -8.59 7.24 -3.92
C THR A 93 -8.49 8.72 -4.34
N THR A 94 -7.82 9.55 -3.54
CA THR A 94 -7.50 10.96 -3.85
C THR A 94 -6.01 11.15 -4.15
N PRO A 95 -5.66 12.12 -5.02
CA PRO A 95 -4.29 12.58 -5.17
C PRO A 95 -3.73 13.06 -3.82
N VAL A 96 -2.51 12.62 -3.48
CA VAL A 96 -1.78 13.13 -2.31
C VAL A 96 -1.39 14.59 -2.55
N PRO A 97 -1.39 15.47 -1.54
CA PRO A 97 -0.91 16.84 -1.69
C PRO A 97 0.57 16.84 -2.06
N LEU A 98 0.99 17.77 -2.93
CA LEU A 98 2.41 18.02 -3.20
C LEU A 98 3.17 18.51 -1.95
N PHE A 99 4.45 18.14 -1.92
CA PHE A 99 5.42 18.43 -0.85
C PHE A 99 6.58 19.29 -1.40
N PRO A 100 7.36 19.99 -0.54
CA PRO A 100 8.38 20.94 -0.99
C PRO A 100 9.53 20.30 -1.78
N ASN A 101 9.78 18.99 -1.57
CA ASN A 101 10.76 18.21 -2.33
C ASN A 101 10.23 17.76 -3.71
N GLU A 102 8.92 17.48 -3.82
CA GLU A 102 8.23 17.24 -5.10
C GLU A 102 8.09 18.51 -5.97
N ASN A 103 8.00 19.67 -5.32
CA ASN A 103 7.88 20.99 -5.96
C ASN A 103 9.17 21.48 -6.66
N LEU A 104 10.33 20.89 -6.36
CA LEU A 104 11.63 21.23 -6.96
C LEU A 104 11.64 21.06 -8.50
N PRO A 105 12.40 21.90 -9.25
CA PRO A 105 12.57 21.75 -10.69
C PRO A 105 13.19 20.40 -11.12
N SER A 106 12.84 19.95 -12.32
CA SER A 106 13.44 18.78 -12.99
C SER A 106 14.88 19.03 -13.47
N GLY A 1 4.31 -26.92 -14.37
CA GLY A 1 3.23 -26.77 -13.36
C GLY A 1 1.85 -26.84 -13.99
N GLU A 2 0.84 -27.20 -13.19
CA GLU A 2 -0.58 -27.23 -13.60
C GLU A 2 -1.10 -25.85 -14.10
N ASP A 3 -1.96 -25.86 -15.12
CA ASP A 3 -2.52 -24.66 -15.74
C ASP A 3 -3.89 -24.31 -15.13
N LEU A 4 -3.87 -23.50 -14.06
CA LEU A 4 -5.05 -23.07 -13.28
C LEU A 4 -4.93 -21.63 -12.76
N GLU A 5 -6.07 -21.01 -12.44
CA GLU A 5 -6.16 -19.66 -11.88
C GLU A 5 -5.45 -19.52 -10.52
N GLN A 6 -4.73 -18.42 -10.30
CA GLN A 6 -4.07 -18.09 -9.04
C GLN A 6 -5.06 -18.00 -7.85
N GLU A 7 -4.67 -18.56 -6.71
CA GLU A 7 -5.48 -18.67 -5.48
C GLU A 7 -4.61 -18.98 -4.25
N TRP A 8 -5.07 -18.59 -3.06
CA TRP A 8 -4.50 -18.98 -1.77
C TRP A 8 -5.55 -18.83 -0.63
N LYS A 9 -5.14 -19.06 0.62
CA LYS A 9 -5.99 -18.92 1.82
C LYS A 9 -5.82 -17.56 2.52
N PRO A 10 -6.74 -16.60 2.39
CA PRO A 10 -6.59 -15.27 2.98
C PRO A 10 -6.70 -15.23 4.52
N PRO A 11 -6.18 -14.15 5.15
CA PRO A 11 -6.31 -13.87 6.57
C PRO A 11 -7.75 -13.61 7.04
N ASP A 12 -7.96 -13.74 8.34
CA ASP A 12 -9.21 -13.38 9.03
C ASP A 12 -9.39 -11.86 9.16
N GLU A 13 -10.63 -11.41 9.35
CA GLU A 13 -11.03 -10.01 9.56
C GLU A 13 -10.17 -9.28 10.61
N GLU A 14 -9.89 -9.92 11.74
CA GLU A 14 -9.07 -9.31 12.81
C GLU A 14 -7.62 -9.09 12.41
N LEU A 15 -7.01 -9.99 11.63
CA LEU A 15 -5.68 -9.81 11.07
C LEU A 15 -5.65 -8.67 10.02
N ILE A 16 -6.67 -8.64 9.16
CA ILE A 16 -6.90 -7.59 8.15
C ILE A 16 -6.89 -6.18 8.77
N LYS A 17 -7.51 -5.96 9.94
CA LYS A 17 -7.54 -4.64 10.62
C LYS A 17 -6.14 -4.02 10.78
N LYS A 18 -5.18 -4.78 11.32
CA LYS A 18 -3.78 -4.33 11.51
C LYS A 18 -2.87 -4.48 10.27
N LEU A 19 -3.41 -4.92 9.14
CA LEU A 19 -2.86 -4.69 7.80
C LEU A 19 -3.39 -3.35 7.24
N VAL A 20 -4.69 -3.28 6.91
CA VAL A 20 -5.34 -2.10 6.32
C VAL A 20 -5.05 -0.80 7.08
N ASP A 21 -5.07 -0.82 8.42
CA ASP A 21 -4.84 0.37 9.26
C ASP A 21 -3.47 1.03 8.97
N GLN A 22 -2.44 0.20 8.77
CA GLN A 22 -1.12 0.65 8.34
C GLN A 22 -1.14 1.26 6.94
N ILE A 23 -1.63 0.52 5.93
CA ILE A 23 -1.54 0.95 4.53
C ILE A 23 -2.33 2.25 4.28
N GLU A 24 -3.46 2.42 4.96
CA GLU A 24 -4.28 3.63 4.92
C GLU A 24 -3.51 4.87 5.42
N PHE A 25 -2.91 4.83 6.62
CA PHE A 25 -2.09 5.95 7.10
C PHE A 25 -0.80 6.13 6.28
N TYR A 26 -0.26 5.07 5.67
CA TYR A 26 0.92 5.17 4.82
C TYR A 26 0.69 6.11 3.61
N PHE A 27 -0.50 6.09 3.00
CA PHE A 27 -0.86 7.04 1.95
C PHE A 27 -1.35 8.42 2.46
N SER A 28 -1.60 8.59 3.76
CA SER A 28 -1.96 9.90 4.34
C SER A 28 -0.76 10.84 4.40
N ASP A 29 -1.02 12.13 4.17
CA ASP A 29 -0.04 13.24 4.09
C ASP A 29 0.93 13.26 5.30
N GLU A 30 0.42 12.87 6.48
CA GLU A 30 1.15 12.82 7.74
C GLU A 30 2.29 11.78 7.75
N ASN A 31 2.14 10.65 7.07
CA ASN A 31 3.26 9.74 6.77
C ASN A 31 4.13 10.31 5.63
N LEU A 32 3.50 10.77 4.54
CA LEU A 32 4.23 11.21 3.35
C LEU A 32 5.28 12.30 3.62
N GLU A 33 5.01 13.20 4.58
CA GLU A 33 5.94 14.26 5.00
C GLU A 33 7.27 13.71 5.56
N LYS A 34 7.26 12.54 6.22
CA LYS A 34 8.44 11.89 6.83
C LYS A 34 8.99 10.69 6.02
N ASP A 35 8.15 9.96 5.29
CA ASP A 35 8.55 8.83 4.44
C ASP A 35 8.63 9.25 2.98
N ALA A 36 9.73 9.95 2.66
CA ALA A 36 10.05 10.46 1.33
C ALA A 36 10.15 9.35 0.27
N PHE A 37 10.63 8.17 0.69
CA PHE A 37 10.63 6.94 -0.10
C PHE A 37 9.24 6.53 -0.62
N LEU A 38 8.23 6.42 0.26
CA LEU A 38 6.87 6.04 -0.14
C LEU A 38 6.20 7.17 -0.93
N LEU A 39 6.39 8.42 -0.49
CA LEU A 39 6.03 9.64 -1.22
C LEU A 39 6.53 9.62 -2.67
N LYS A 40 7.78 9.18 -2.91
CA LYS A 40 8.33 9.04 -4.26
C LYS A 40 7.48 8.11 -5.11
N HIS A 41 7.22 6.87 -4.69
CA HIS A 41 6.42 5.92 -5.48
C HIS A 41 4.98 6.38 -5.75
N VAL A 42 4.27 6.90 -4.73
CA VAL A 42 2.90 7.40 -4.91
C VAL A 42 2.87 8.59 -5.89
N ARG A 43 3.89 9.45 -5.88
CA ARG A 43 4.03 10.57 -6.84
C ARG A 43 4.55 10.15 -8.22
N ARG A 44 5.26 9.01 -8.32
CA ARG A 44 5.78 8.42 -9.57
C ARG A 44 4.73 7.72 -10.44
N ASN A 45 3.52 7.48 -9.92
CA ASN A 45 2.39 6.94 -10.68
C ASN A 45 1.26 7.95 -10.81
N LYS A 46 0.58 7.95 -11.96
CA LYS A 46 -0.48 8.91 -12.30
C LYS A 46 -1.73 8.82 -11.41
N LEU A 47 -2.04 7.61 -10.93
CA LEU A 47 -3.15 7.33 -10.00
C LEU A 47 -2.70 7.16 -8.54
N GLY A 48 -1.43 6.79 -8.32
CA GLY A 48 -0.82 6.64 -6.99
C GLY A 48 -0.36 5.23 -6.61
N TYR A 49 -0.29 4.29 -7.55
CA TYR A 49 -0.05 2.86 -7.28
C TYR A 49 1.32 2.57 -6.65
N VAL A 50 1.33 1.64 -5.69
CA VAL A 50 2.55 1.10 -5.03
C VAL A 50 2.41 -0.42 -4.84
N SER A 51 3.46 -1.15 -5.20
CA SER A 51 3.56 -2.62 -5.15
C SER A 51 3.33 -3.21 -3.76
N VAL A 52 2.47 -4.22 -3.65
CA VAL A 52 2.05 -4.78 -2.36
C VAL A 52 3.16 -5.59 -1.68
N LYS A 53 4.11 -6.16 -2.44
CA LYS A 53 5.32 -6.83 -1.91
C LYS A 53 6.22 -5.89 -1.10
N LEU A 54 6.20 -4.59 -1.44
CA LEU A 54 6.91 -3.54 -0.71
C LEU A 54 6.09 -3.05 0.49
N LEU A 55 4.80 -2.76 0.28
CA LEU A 55 3.89 -2.31 1.34
C LEU A 55 3.77 -3.32 2.50
N THR A 56 3.72 -4.63 2.17
CA THR A 56 3.69 -5.71 3.17
C THR A 56 4.97 -5.77 4.00
N SER A 57 6.10 -5.32 3.44
CA SER A 57 7.41 -5.36 4.08
C SER A 57 7.81 -4.02 4.73
N PHE A 58 6.85 -3.11 4.96
CA PHE A 58 7.09 -1.86 5.69
C PHE A 58 7.39 -2.08 7.17
N LYS A 59 7.96 -1.05 7.81
CA LYS A 59 8.63 -1.17 9.11
C LYS A 59 7.69 -1.58 10.25
N LYS A 60 6.42 -1.14 10.18
CA LYS A 60 5.33 -1.67 11.02
C LYS A 60 4.76 -2.98 10.48
N VAL A 61 4.41 -3.03 9.19
CA VAL A 61 3.67 -4.16 8.59
C VAL A 61 4.40 -5.50 8.74
N LYS A 62 5.73 -5.50 8.65
CA LYS A 62 6.59 -6.67 8.88
C LYS A 62 6.40 -7.33 10.25
N HIS A 63 5.97 -6.59 11.27
CA HIS A 63 5.67 -7.18 12.57
C HIS A 63 4.46 -8.15 12.50
N LEU A 64 3.53 -7.92 11.57
CA LEU A 64 2.32 -8.72 11.34
C LEU A 64 2.53 -9.78 10.25
N THR A 65 3.05 -9.38 9.08
CA THR A 65 3.01 -10.13 7.81
C THR A 65 4.09 -9.66 6.83
N ARG A 66 4.61 -10.56 5.99
CA ARG A 66 5.56 -10.29 4.89
C ARG A 66 5.13 -11.05 3.63
N ASP A 67 3.88 -10.85 3.22
CA ASP A 67 3.25 -11.57 2.09
C ASP A 67 2.23 -10.67 1.38
N TRP A 68 2.52 -10.43 0.09
CA TRP A 68 1.72 -9.59 -0.76
C TRP A 68 0.28 -10.09 -0.88
N ARG A 69 0.05 -11.40 -0.92
CA ARG A 69 -1.28 -12.03 -0.97
C ARG A 69 -2.08 -11.70 0.28
N THR A 70 -1.46 -11.88 1.45
CA THR A 70 -2.10 -11.66 2.74
C THR A 70 -2.51 -10.19 2.92
N THR A 71 -1.64 -9.26 2.50
CA THR A 71 -1.99 -7.83 2.45
C THR A 71 -3.00 -7.50 1.33
N ALA A 72 -2.95 -8.19 0.17
CA ALA A 72 -3.88 -8.03 -0.95
C ALA A 72 -5.34 -8.27 -0.56
N HIS A 73 -5.63 -9.30 0.24
CA HIS A 73 -6.98 -9.47 0.80
C HIS A 73 -7.43 -8.27 1.65
N ALA A 74 -6.53 -7.71 2.48
CA ALA A 74 -6.83 -6.53 3.30
C ALA A 74 -7.13 -5.27 2.47
N LEU A 75 -6.55 -5.14 1.27
CA LEU A 75 -6.83 -4.02 0.36
C LEU A 75 -8.33 -3.85 0.05
N LYS A 76 -9.06 -4.96 -0.03
CA LYS A 76 -10.51 -5.00 -0.31
C LYS A 76 -11.36 -4.25 0.72
N TYR A 77 -10.86 -4.16 1.96
CA TYR A 77 -11.55 -3.56 3.09
C TYR A 77 -11.17 -2.07 3.31
N SER A 78 -10.17 -1.58 2.57
CA SER A 78 -9.79 -0.16 2.53
C SER A 78 -10.99 0.75 2.26
N VAL A 79 -11.04 1.86 2.99
CA VAL A 79 -12.05 2.94 2.87
C VAL A 79 -11.50 4.23 2.23
N VAL A 80 -10.19 4.28 1.93
CA VAL A 80 -9.48 5.43 1.32
C VAL A 80 -8.52 5.02 0.21
N LEU A 81 -8.43 3.72 -0.12
CA LEU A 81 -7.52 3.16 -1.12
C LEU A 81 -8.25 2.20 -2.08
N GLU A 82 -7.62 1.90 -3.22
CA GLU A 82 -8.13 1.04 -4.29
C GLU A 82 -7.01 0.12 -4.82
N LEU A 83 -7.23 -1.20 -4.72
CA LEU A 83 -6.41 -2.22 -5.37
C LEU A 83 -6.41 -2.16 -6.91
N ASN A 84 -5.41 -2.76 -7.55
CA ASN A 84 -5.35 -2.93 -9.01
C ASN A 84 -5.96 -4.27 -9.49
N GLU A 85 -5.88 -4.55 -10.79
CA GLU A 85 -6.56 -5.66 -11.51
C GLU A 85 -6.41 -7.04 -10.85
N ASP A 86 -5.19 -7.43 -10.46
CA ASP A 86 -4.87 -8.71 -9.81
C ASP A 86 -4.39 -8.54 -8.35
N HIS A 87 -4.64 -7.36 -7.77
CA HIS A 87 -4.39 -7.01 -6.36
C HIS A 87 -2.89 -6.91 -6.00
N ARG A 88 -2.01 -6.73 -7.01
CA ARG A 88 -0.55 -6.62 -6.89
C ARG A 88 -0.05 -5.21 -6.54
N LYS A 89 -0.90 -4.18 -6.70
CA LYS A 89 -0.66 -2.77 -6.36
C LYS A 89 -1.91 -2.15 -5.73
N VAL A 90 -1.74 -1.03 -5.02
CA VAL A 90 -2.83 -0.20 -4.44
C VAL A 90 -2.49 1.28 -4.54
N ARG A 91 -3.51 2.11 -4.78
CA ARG A 91 -3.45 3.58 -4.85
C ARG A 91 -4.46 4.26 -3.93
N ARG A 92 -4.15 5.46 -3.44
CA ARG A 92 -5.07 6.30 -2.64
C ARG A 92 -6.22 6.83 -3.52
N THR A 93 -7.47 6.77 -3.05
CA THR A 93 -8.66 7.23 -3.81
C THR A 93 -8.56 8.70 -4.26
N THR A 94 -7.92 9.55 -3.45
CA THR A 94 -7.58 10.94 -3.80
C THR A 94 -6.13 11.09 -4.27
N PRO A 95 -5.86 11.98 -5.24
CA PRO A 95 -4.50 12.41 -5.54
C PRO A 95 -3.85 13.01 -4.29
N VAL A 96 -2.61 12.60 -3.97
CA VAL A 96 -1.87 13.14 -2.82
C VAL A 96 -1.36 14.55 -3.13
N PRO A 97 -1.44 15.50 -2.18
CA PRO A 97 -0.98 16.87 -2.40
C PRO A 97 0.52 16.90 -2.69
N LEU A 98 0.94 17.78 -3.59
CA LEU A 98 2.36 17.99 -3.86
C LEU A 98 3.14 18.47 -2.62
N PHE A 99 4.39 18.00 -2.54
CA PHE A 99 5.35 18.28 -1.46
C PHE A 99 6.48 19.21 -1.95
N PRO A 100 7.27 19.84 -1.06
CA PRO A 100 8.32 20.79 -1.46
C PRO A 100 9.44 20.15 -2.30
N ASN A 101 9.67 18.84 -2.17
CA ASN A 101 10.62 18.08 -2.98
C ASN A 101 10.11 17.83 -4.41
N GLU A 102 8.79 17.79 -4.63
CA GLU A 102 8.16 17.74 -5.95
C GLU A 102 8.30 19.06 -6.72
N ASN A 103 8.36 20.18 -6.00
CA ASN A 103 8.39 21.54 -6.54
C ASN A 103 9.82 22.07 -6.86
N LEU A 104 10.86 21.26 -6.64
CA LEU A 104 12.25 21.59 -7.00
C LEU A 104 12.44 21.80 -8.53
N PRO A 105 13.38 22.67 -8.96
CA PRO A 105 13.72 22.86 -10.38
C PRO A 105 14.07 21.57 -11.13
N SER A 106 13.63 21.47 -12.39
CA SER A 106 13.85 20.33 -13.30
C SER A 106 13.88 20.78 -14.77
N GLY A 1 1.02 -22.26 -11.87
CA GLY A 1 1.22 -23.69 -11.54
C GLY A 1 2.48 -23.88 -10.71
N GLU A 2 3.55 -24.41 -11.30
CA GLU A 2 4.89 -24.45 -10.68
C GLU A 2 5.48 -23.03 -10.48
N ASP A 3 5.07 -22.09 -11.33
CA ASP A 3 5.31 -20.65 -11.26
C ASP A 3 4.23 -19.94 -10.40
N LEU A 4 4.00 -20.48 -9.19
CA LEU A 4 3.08 -20.05 -8.15
C LEU A 4 1.63 -20.54 -8.38
N GLU A 5 0.98 -21.01 -7.31
CA GLU A 5 -0.45 -21.33 -7.26
C GLU A 5 -1.35 -20.14 -7.66
N GLN A 6 -2.54 -20.43 -8.20
CA GLN A 6 -3.50 -19.43 -8.70
C GLN A 6 -4.33 -18.72 -7.61
N GLU A 7 -4.12 -19.15 -6.37
CA GLU A 7 -4.93 -18.90 -5.17
C GLU A 7 -4.16 -19.26 -3.89
N TRP A 8 -4.64 -18.77 -2.74
CA TRP A 8 -4.10 -19.04 -1.40
C TRP A 8 -5.18 -18.86 -0.32
N LYS A 9 -4.85 -19.15 0.94
CA LYS A 9 -5.75 -18.97 2.08
C LYS A 9 -5.55 -17.59 2.77
N PRO A 10 -6.49 -16.63 2.64
CA PRO A 10 -6.35 -15.30 3.21
C PRO A 10 -6.40 -15.25 4.75
N PRO A 11 -5.92 -14.14 5.35
CA PRO A 11 -5.95 -13.90 6.79
C PRO A 11 -7.37 -13.74 7.36
N ASP A 12 -7.46 -13.86 8.69
CA ASP A 12 -8.65 -13.52 9.48
C ASP A 12 -8.87 -12.00 9.57
N GLU A 13 -10.10 -11.60 9.89
CA GLU A 13 -10.52 -10.20 10.10
C GLU A 13 -9.57 -9.43 11.04
N GLU A 14 -9.17 -10.05 12.16
CA GLU A 14 -8.34 -9.41 13.20
C GLU A 14 -6.92 -9.05 12.71
N LEU A 15 -6.35 -9.84 11.79
CA LEU A 15 -5.12 -9.49 11.06
C LEU A 15 -5.36 -8.40 10.02
N ILE A 16 -6.45 -8.52 9.24
CA ILE A 16 -6.89 -7.52 8.24
C ILE A 16 -7.01 -6.12 8.84
N LYS A 17 -7.58 -5.96 10.03
CA LYS A 17 -7.67 -4.68 10.76
C LYS A 17 -6.32 -3.99 10.88
N LYS A 18 -5.27 -4.71 11.30
CA LYS A 18 -3.90 -4.21 11.45
C LYS A 18 -3.29 -3.85 10.09
N LEU A 19 -3.37 -4.76 9.11
CA LEU A 19 -2.91 -4.52 7.73
C LEU A 19 -3.54 -3.25 7.13
N VAL A 20 -4.87 -3.18 7.03
CA VAL A 20 -5.57 -2.01 6.44
C VAL A 20 -5.29 -0.72 7.21
N ASP A 21 -5.20 -0.78 8.54
CA ASP A 21 -4.90 0.39 9.39
C ASP A 21 -3.52 0.99 9.09
N GLN A 22 -2.51 0.15 8.86
CA GLN A 22 -1.19 0.60 8.41
C GLN A 22 -1.26 1.22 7.01
N ILE A 23 -1.76 0.48 6.01
CA ILE A 23 -1.72 0.95 4.61
C ILE A 23 -2.53 2.25 4.42
N GLU A 24 -3.62 2.41 5.16
CA GLU A 24 -4.43 3.64 5.25
C GLU A 24 -3.60 4.88 5.64
N PHE A 25 -2.89 4.84 6.77
CA PHE A 25 -2.01 5.95 7.15
C PHE A 25 -0.78 6.09 6.24
N TYR A 26 -0.32 5.00 5.62
CA TYR A 26 0.87 5.03 4.76
C TYR A 26 0.70 5.94 3.54
N PHE A 27 -0.49 5.98 2.93
CA PHE A 27 -0.82 6.94 1.87
C PHE A 27 -1.24 8.34 2.37
N SER A 28 -1.44 8.53 3.68
CA SER A 28 -1.79 9.83 4.27
C SER A 28 -0.65 10.84 4.18
N ASP A 29 -1.00 12.12 4.09
CA ASP A 29 -0.08 13.25 4.05
C ASP A 29 0.92 13.22 5.23
N GLU A 30 0.45 12.80 6.41
CA GLU A 30 1.26 12.71 7.64
C GLU A 30 2.39 11.67 7.56
N ASN A 31 2.21 10.58 6.80
CA ASN A 31 3.31 9.65 6.50
C ASN A 31 4.15 10.13 5.31
N LEU A 32 3.54 10.71 4.27
CA LEU A 32 4.27 11.17 3.09
C LEU A 32 5.33 12.23 3.42
N GLU A 33 5.09 13.08 4.43
CA GLU A 33 6.09 14.02 4.96
C GLU A 33 7.38 13.32 5.48
N LYS A 34 7.24 12.27 6.29
CA LYS A 34 8.35 11.49 6.87
C LYS A 34 8.97 10.46 5.93
N ASP A 35 8.19 9.86 5.03
CA ASP A 35 8.62 8.78 4.12
C ASP A 35 8.71 9.30 2.68
N ALA A 36 9.80 10.02 2.39
CA ALA A 36 10.12 10.52 1.05
C ALA A 36 10.22 9.38 0.01
N PHE A 37 10.72 8.22 0.44
CA PHE A 37 10.72 6.97 -0.33
C PHE A 37 9.32 6.55 -0.82
N LEU A 38 8.34 6.42 0.08
CA LEU A 38 6.96 6.03 -0.29
C LEU A 38 6.29 7.12 -1.13
N LEU A 39 6.43 8.38 -0.70
CA LEU A 39 6.01 9.57 -1.45
C LEU A 39 6.50 9.53 -2.90
N LYS A 40 7.76 9.14 -3.12
CA LYS A 40 8.37 9.02 -4.45
C LYS A 40 7.59 8.06 -5.34
N HIS A 41 7.31 6.83 -4.88
CA HIS A 41 6.52 5.85 -5.66
C HIS A 41 5.08 6.29 -5.90
N VAL A 42 4.44 6.91 -4.91
CA VAL A 42 3.09 7.47 -5.02
C VAL A 42 3.04 8.50 -6.16
N ARG A 43 3.90 9.52 -6.09
CA ARG A 43 3.97 10.61 -7.08
C ARG A 43 4.65 10.24 -8.40
N ARG A 44 5.22 9.03 -8.51
CA ARG A 44 5.62 8.42 -9.79
C ARG A 44 4.44 7.97 -10.65
N ASN A 45 3.23 7.95 -10.10
CA ASN A 45 2.01 7.51 -10.81
C ASN A 45 0.96 8.60 -10.93
N LYS A 46 0.14 8.43 -11.98
CA LYS A 46 -1.06 9.24 -12.25
C LYS A 46 -2.17 9.08 -11.21
N LEU A 47 -2.31 7.87 -10.66
CA LEU A 47 -3.35 7.47 -9.69
C LEU A 47 -2.79 7.26 -8.27
N GLY A 48 -1.51 6.90 -8.18
CA GLY A 48 -0.73 6.77 -6.94
C GLY A 48 -0.26 5.36 -6.58
N TYR A 49 -0.22 4.42 -7.54
CA TYR A 49 0.03 3.00 -7.28
C TYR A 49 1.40 2.70 -6.67
N VAL A 50 1.41 1.76 -5.71
CA VAL A 50 2.60 1.21 -5.04
C VAL A 50 2.43 -0.29 -4.83
N SER A 51 3.46 -1.05 -5.21
CA SER A 51 3.52 -2.52 -5.14
C SER A 51 3.30 -3.10 -3.73
N VAL A 52 2.43 -4.11 -3.64
CA VAL A 52 2.00 -4.69 -2.35
C VAL A 52 3.12 -5.51 -1.67
N LYS A 53 4.08 -6.03 -2.43
CA LYS A 53 5.30 -6.69 -1.90
C LYS A 53 6.19 -5.75 -1.09
N LEU A 54 6.18 -4.45 -1.42
CA LEU A 54 6.86 -3.41 -0.65
C LEU A 54 6.00 -2.98 0.55
N LEU A 55 4.71 -2.69 0.33
CA LEU A 55 3.79 -2.26 1.39
C LEU A 55 3.68 -3.27 2.55
N THR A 56 3.62 -4.57 2.23
CA THR A 56 3.61 -5.65 3.22
C THR A 56 4.89 -5.70 4.06
N SER A 57 6.01 -5.24 3.49
CA SER A 57 7.32 -5.27 4.15
C SER A 57 7.70 -3.93 4.82
N PHE A 58 6.73 -3.02 5.00
CA PHE A 58 6.93 -1.77 5.74
C PHE A 58 7.15 -1.98 7.24
N LYS A 59 7.66 -0.95 7.90
CA LYS A 59 8.33 -1.03 9.20
C LYS A 59 7.38 -1.46 10.33
N LYS A 60 6.12 -1.06 10.25
CA LYS A 60 5.01 -1.61 11.05
C LYS A 60 4.52 -2.95 10.52
N VAL A 61 4.17 -3.02 9.22
CA VAL A 61 3.45 -4.16 8.62
C VAL A 61 4.19 -5.49 8.80
N LYS A 62 5.53 -5.46 8.72
CA LYS A 62 6.41 -6.61 8.97
C LYS A 62 6.19 -7.29 10.32
N HIS A 63 5.72 -6.57 11.34
CA HIS A 63 5.37 -7.17 12.62
C HIS A 63 4.20 -8.19 12.50
N LEU A 64 3.29 -7.96 11.55
CA LEU A 64 2.09 -8.78 11.31
C LEU A 64 2.30 -9.79 10.17
N THR A 65 2.83 -9.34 9.02
CA THR A 65 2.85 -10.07 7.73
C THR A 65 3.99 -9.59 6.82
N ARG A 66 4.53 -10.49 5.99
CA ARG A 66 5.52 -10.21 4.91
C ARG A 66 5.13 -10.97 3.64
N ASP A 67 3.89 -10.75 3.18
CA ASP A 67 3.28 -11.44 2.05
C ASP A 67 2.26 -10.55 1.34
N TRP A 68 2.53 -10.31 0.05
CA TRP A 68 1.70 -9.47 -0.80
C TRP A 68 0.26 -10.00 -0.91
N ARG A 69 0.06 -11.32 -0.96
CA ARG A 69 -1.27 -11.95 -1.02
C ARG A 69 -2.08 -11.65 0.25
N THR A 70 -1.45 -11.87 1.40
CA THR A 70 -2.07 -11.70 2.71
C THR A 70 -2.44 -10.22 2.96
N THR A 71 -1.58 -9.28 2.56
CA THR A 71 -1.95 -7.85 2.52
C THR A 71 -3.00 -7.53 1.45
N ALA A 72 -2.95 -8.16 0.26
CA ALA A 72 -3.90 -7.98 -0.82
C ALA A 72 -5.35 -8.28 -0.43
N HIS A 73 -5.60 -9.33 0.36
CA HIS A 73 -6.92 -9.55 0.93
C HIS A 73 -7.42 -8.37 1.78
N ALA A 74 -6.54 -7.79 2.61
CA ALA A 74 -6.87 -6.62 3.44
C ALA A 74 -7.17 -5.35 2.61
N LEU A 75 -6.59 -5.21 1.41
CA LEU A 75 -6.89 -4.09 0.50
C LEU A 75 -8.37 -4.00 0.11
N LYS A 76 -9.08 -5.12 0.06
CA LYS A 76 -10.53 -5.20 -0.20
C LYS A 76 -11.37 -4.43 0.82
N TYR A 77 -10.86 -4.32 2.04
CA TYR A 77 -11.49 -3.67 3.19
C TYR A 77 -11.07 -2.20 3.35
N SER A 78 -10.06 -1.75 2.58
CA SER A 78 -9.65 -0.34 2.51
C SER A 78 -10.83 0.60 2.18
N VAL A 79 -10.86 1.73 2.89
CA VAL A 79 -11.94 2.74 2.83
C VAL A 79 -11.52 4.06 2.14
N VAL A 80 -10.22 4.26 1.91
CA VAL A 80 -9.61 5.44 1.25
C VAL A 80 -8.70 5.07 0.09
N LEU A 81 -8.53 3.77 -0.18
CA LEU A 81 -7.62 3.22 -1.19
C LEU A 81 -8.38 2.33 -2.19
N GLU A 82 -7.72 1.98 -3.29
CA GLU A 82 -8.22 1.03 -4.31
C GLU A 82 -7.10 0.10 -4.79
N LEU A 83 -7.32 -1.21 -4.63
CA LEU A 83 -6.48 -2.27 -5.19
C LEU A 83 -6.43 -2.28 -6.74
N ASN A 84 -5.38 -2.90 -7.27
CA ASN A 84 -5.18 -3.22 -8.68
C ASN A 84 -6.27 -4.17 -9.24
N GLU A 85 -6.33 -4.23 -10.57
CA GLU A 85 -6.96 -5.30 -11.37
C GLU A 85 -6.62 -6.72 -10.85
N ASP A 86 -5.34 -6.97 -10.59
CA ASP A 86 -4.78 -8.27 -10.15
C ASP A 86 -4.33 -8.27 -8.66
N HIS A 87 -4.60 -7.17 -7.94
CA HIS A 87 -4.29 -6.93 -6.53
C HIS A 87 -2.78 -6.73 -6.23
N ARG A 88 -1.89 -6.54 -7.23
CA ARG A 88 -0.42 -6.48 -7.05
C ARG A 88 0.11 -5.11 -6.64
N LYS A 89 -0.70 -4.07 -6.84
CA LYS A 89 -0.52 -2.69 -6.35
C LYS A 89 -1.82 -2.16 -5.71
N VAL A 90 -1.72 -1.03 -5.01
CA VAL A 90 -2.83 -0.23 -4.45
C VAL A 90 -2.50 1.26 -4.53
N ARG A 91 -3.53 2.11 -4.68
CA ARG A 91 -3.44 3.58 -4.77
C ARG A 91 -4.44 4.29 -3.87
N ARG A 92 -4.15 5.54 -3.49
CA ARG A 92 -5.06 6.41 -2.72
C ARG A 92 -6.15 6.99 -3.63
N THR A 93 -7.42 6.90 -3.21
CA THR A 93 -8.57 7.42 -3.98
C THR A 93 -8.56 8.94 -4.18
N THR A 94 -7.94 9.69 -3.26
CA THR A 94 -7.71 11.14 -3.40
C THR A 94 -6.28 11.44 -3.86
N PRO A 95 -6.09 12.53 -4.65
CA PRO A 95 -4.77 13.06 -4.94
C PRO A 95 -4.05 13.46 -3.63
N VAL A 96 -2.80 13.03 -3.48
CA VAL A 96 -1.94 13.44 -2.36
C VAL A 96 -1.39 14.85 -2.61
N PRO A 97 -1.27 15.72 -1.61
CA PRO A 97 -0.70 17.05 -1.79
C PRO A 97 0.75 16.95 -2.26
N LEU A 98 1.19 17.88 -3.10
CA LEU A 98 2.60 18.02 -3.46
C LEU A 98 3.49 18.45 -2.27
N PHE A 99 4.75 18.01 -2.34
CA PHE A 99 5.77 18.17 -1.31
C PHE A 99 7.04 18.87 -1.87
N PRO A 100 7.94 19.40 -1.01
CA PRO A 100 9.20 20.02 -1.44
C PRO A 100 10.10 19.08 -2.26
N ASN A 101 10.05 17.77 -2.01
CA ASN A 101 10.82 16.76 -2.73
C ASN A 101 10.30 16.55 -4.17
N GLU A 102 9.03 16.87 -4.42
CA GLU A 102 8.39 16.83 -5.74
C GLU A 102 8.50 18.17 -6.49
N ASN A 103 8.67 19.28 -5.75
CA ASN A 103 8.85 20.63 -6.28
C ASN A 103 10.24 20.88 -6.91
N LEU A 104 11.21 19.99 -6.66
CA LEU A 104 12.59 20.10 -7.19
C LEU A 104 12.64 20.16 -8.73
N PRO A 105 13.52 20.99 -9.34
CA PRO A 105 13.67 21.10 -10.79
C PRO A 105 14.12 19.79 -11.49
N SER A 106 14.95 18.98 -10.81
CA SER A 106 15.52 17.72 -11.31
C SER A 106 15.86 16.75 -10.17
N GLY A 1 6.34 -26.06 -3.00
CA GLY A 1 5.43 -26.02 -1.82
C GLY A 1 4.11 -25.36 -2.18
N GLU A 2 3.00 -26.02 -1.84
CA GLU A 2 1.63 -25.63 -2.23
C GLU A 2 1.18 -24.27 -1.68
N ASP A 3 1.75 -23.82 -0.55
CA ASP A 3 1.47 -22.50 0.03
C ASP A 3 2.16 -21.32 -0.67
N LEU A 4 3.08 -21.59 -1.61
CA LEU A 4 3.80 -20.61 -2.42
C LEU A 4 3.31 -20.66 -3.89
N GLU A 5 2.09 -20.17 -4.10
CA GLU A 5 1.34 -20.20 -5.37
C GLU A 5 0.51 -18.91 -5.57
N GLN A 6 0.02 -18.69 -6.79
CA GLN A 6 -0.83 -17.54 -7.17
C GLN A 6 -2.31 -17.74 -6.77
N GLU A 7 -2.54 -18.47 -5.67
CA GLU A 7 -3.79 -18.72 -4.97
C GLU A 7 -3.47 -19.18 -3.55
N TRP A 8 -4.25 -18.75 -2.56
CA TRP A 8 -3.89 -18.97 -1.16
C TRP A 8 -5.06 -18.73 -0.20
N LYS A 9 -4.75 -18.92 1.08
CA LYS A 9 -5.67 -18.81 2.22
C LYS A 9 -5.51 -17.46 2.95
N PRO A 10 -6.48 -16.54 2.83
CA PRO A 10 -6.36 -15.18 3.36
C PRO A 10 -6.37 -15.07 4.90
N PRO A 11 -5.91 -13.93 5.44
CA PRO A 11 -5.87 -13.64 6.88
C PRO A 11 -7.27 -13.55 7.53
N ASP A 12 -7.28 -13.62 8.86
CA ASP A 12 -8.45 -13.36 9.71
C ASP A 12 -8.79 -11.86 9.76
N GLU A 13 -10.03 -11.54 10.13
CA GLU A 13 -10.57 -10.20 10.32
C GLU A 13 -9.66 -9.28 11.13
N GLU A 14 -9.11 -9.76 12.25
CA GLU A 14 -8.20 -8.97 13.11
C GLU A 14 -6.86 -8.63 12.45
N LEU A 15 -6.24 -9.59 11.74
CA LEU A 15 -5.03 -9.32 10.94
C LEU A 15 -5.33 -8.27 9.86
N ILE A 16 -6.47 -8.40 9.17
CA ILE A 16 -6.98 -7.43 8.20
C ILE A 16 -7.10 -6.02 8.79
N LYS A 17 -7.69 -5.84 9.98
CA LYS A 17 -7.78 -4.53 10.67
C LYS A 17 -6.42 -3.87 10.85
N LYS A 18 -5.41 -4.64 11.31
CA LYS A 18 -4.02 -4.18 11.46
C LYS A 18 -3.40 -3.80 10.11
N LEU A 19 -3.45 -4.70 9.12
CA LEU A 19 -2.95 -4.46 7.75
C LEU A 19 -3.57 -3.20 7.13
N VAL A 20 -4.90 -3.12 7.03
CA VAL A 20 -5.59 -1.97 6.42
C VAL A 20 -5.29 -0.67 7.17
N ASP A 21 -5.20 -0.71 8.50
CA ASP A 21 -4.86 0.46 9.33
C ASP A 21 -3.46 1.02 9.03
N GLN A 22 -2.46 0.14 8.83
CA GLN A 22 -1.14 0.55 8.38
C GLN A 22 -1.19 1.19 6.98
N ILE A 23 -1.72 0.48 5.98
CA ILE A 23 -1.67 0.95 4.58
C ILE A 23 -2.46 2.25 4.39
N GLU A 24 -3.57 2.42 5.13
CA GLU A 24 -4.36 3.66 5.20
C GLU A 24 -3.53 4.88 5.62
N PHE A 25 -2.85 4.80 6.78
CA PHE A 25 -1.96 5.89 7.20
C PHE A 25 -0.74 6.04 6.28
N TYR A 26 -0.26 4.98 5.64
CA TYR A 26 0.89 5.03 4.73
C TYR A 26 0.66 5.94 3.52
N PHE A 27 -0.53 5.95 2.92
CA PHE A 27 -0.88 6.90 1.86
C PHE A 27 -1.37 8.28 2.38
N SER A 28 -1.64 8.42 3.67
CA SER A 28 -2.02 9.70 4.29
C SER A 28 -0.84 10.68 4.35
N ASP A 29 -1.14 11.98 4.23
CA ASP A 29 -0.16 13.08 4.16
C ASP A 29 0.82 13.06 5.35
N GLU A 30 0.36 12.62 6.52
CA GLU A 30 1.14 12.53 7.76
C GLU A 30 2.30 11.52 7.70
N ASN A 31 2.15 10.41 6.95
CA ASN A 31 3.27 9.53 6.62
C ASN A 31 4.15 10.14 5.53
N LEU A 32 3.54 10.66 4.45
CA LEU A 32 4.27 11.20 3.30
C LEU A 32 5.26 12.33 3.69
N GLU A 33 4.94 13.12 4.71
CA GLU A 33 5.82 14.15 5.27
C GLU A 33 7.16 13.61 5.80
N LYS A 34 7.18 12.38 6.33
CA LYS A 34 8.36 11.71 6.94
C LYS A 34 8.95 10.58 6.09
N ASP A 35 8.15 9.88 5.28
CA ASP A 35 8.58 8.78 4.40
C ASP A 35 8.64 9.26 2.94
N ALA A 36 9.73 9.99 2.63
CA ALA A 36 10.01 10.54 1.32
C ALA A 36 10.15 9.44 0.24
N PHE A 37 10.63 8.26 0.64
CA PHE A 37 10.66 7.04 -0.18
C PHE A 37 9.27 6.64 -0.71
N LEU A 38 8.28 6.45 0.17
CA LEU A 38 6.92 6.05 -0.23
C LEU A 38 6.24 7.18 -1.02
N LEU A 39 6.43 8.43 -0.57
CA LEU A 39 6.04 9.65 -1.28
C LEU A 39 6.53 9.64 -2.74
N LYS A 40 7.78 9.26 -3.00
CA LYS A 40 8.35 9.15 -4.35
C LYS A 40 7.59 8.16 -5.24
N HIS A 41 7.25 6.96 -4.75
CA HIS A 41 6.48 5.96 -5.50
C HIS A 41 5.03 6.38 -5.80
N VAL A 42 4.33 6.97 -4.81
CA VAL A 42 2.97 7.49 -5.02
C VAL A 42 2.96 8.69 -5.97
N ARG A 43 3.94 9.60 -5.87
CA ARG A 43 4.14 10.74 -6.80
C ARG A 43 4.58 10.32 -8.21
N ARG A 44 5.26 9.18 -8.36
CA ARG A 44 5.71 8.61 -9.64
C ARG A 44 4.57 8.27 -10.61
N ASN A 45 3.37 8.00 -10.10
CA ASN A 45 2.26 7.45 -10.87
C ASN A 45 1.11 8.43 -11.10
N LYS A 46 0.42 8.21 -12.22
CA LYS A 46 -0.75 9.00 -12.64
C LYS A 46 -1.97 8.82 -11.75
N LEU A 47 -2.14 7.63 -11.18
CA LEU A 47 -3.19 7.27 -10.20
C LEU A 47 -2.64 7.15 -8.77
N GLY A 48 -1.35 6.84 -8.60
CA GLY A 48 -0.65 6.72 -7.32
C GLY A 48 -0.26 5.30 -6.89
N TYR A 49 -0.19 4.35 -7.82
CA TYR A 49 0.05 2.93 -7.51
C TYR A 49 1.42 2.63 -6.89
N VAL A 50 1.42 1.76 -5.88
CA VAL A 50 2.61 1.24 -5.17
C VAL A 50 2.45 -0.28 -4.94
N SER A 51 3.49 -1.04 -5.28
CA SER A 51 3.55 -2.52 -5.21
C SER A 51 3.30 -3.11 -3.82
N VAL A 52 2.44 -4.13 -3.74
CA VAL A 52 2.01 -4.73 -2.46
C VAL A 52 3.12 -5.52 -1.76
N LYS A 53 4.09 -6.05 -2.52
CA LYS A 53 5.30 -6.71 -1.97
C LYS A 53 6.18 -5.76 -1.15
N LEU A 54 6.20 -4.47 -1.49
CA LEU A 54 6.84 -3.41 -0.70
C LEU A 54 5.99 -3.03 0.51
N LEU A 55 4.69 -2.77 0.29
CA LEU A 55 3.77 -2.33 1.34
C LEU A 55 3.65 -3.35 2.49
N THR A 56 3.59 -4.65 2.17
CA THR A 56 3.59 -5.73 3.17
C THR A 56 4.90 -5.79 3.98
N SER A 57 6.02 -5.37 3.37
CA SER A 57 7.34 -5.44 4.01
C SER A 57 7.77 -4.11 4.66
N PHE A 58 6.81 -3.20 4.91
CA PHE A 58 7.04 -1.95 5.63
C PHE A 58 7.43 -2.20 7.08
N LYS A 59 8.09 -1.21 7.70
CA LYS A 59 8.70 -1.31 9.03
C LYS A 59 7.68 -1.63 10.15
N LYS A 60 6.44 -1.17 9.98
CA LYS A 60 5.26 -1.57 10.77
C LYS A 60 4.73 -2.95 10.35
N VAL A 61 4.37 -3.11 9.07
CA VAL A 61 3.59 -4.25 8.56
C VAL A 61 4.31 -5.59 8.73
N LYS A 62 5.65 -5.59 8.64
CA LYS A 62 6.48 -6.78 8.90
C LYS A 62 6.26 -7.42 10.27
N HIS A 63 5.80 -6.65 11.27
CA HIS A 63 5.44 -7.22 12.57
C HIS A 63 4.27 -8.22 12.48
N LEU A 64 3.36 -8.04 11.51
CA LEU A 64 2.22 -8.92 11.22
C LEU A 64 2.55 -9.93 10.10
N THR A 65 3.01 -9.42 8.96
CA THR A 65 2.91 -10.11 7.65
C THR A 65 4.04 -9.65 6.71
N ARG A 66 4.54 -10.57 5.86
CA ARG A 66 5.52 -10.31 4.77
C ARG A 66 5.09 -11.06 3.50
N ASP A 67 3.86 -10.84 3.06
CA ASP A 67 3.22 -11.52 1.93
C ASP A 67 2.21 -10.61 1.23
N TRP A 68 2.48 -10.35 -0.06
CA TRP A 68 1.67 -9.48 -0.90
C TRP A 68 0.21 -9.95 -0.96
N ARG A 69 -0.03 -11.27 -1.00
CA ARG A 69 -1.36 -11.87 -1.04
C ARG A 69 -2.15 -11.57 0.23
N THR A 70 -1.51 -11.78 1.38
CA THR A 70 -2.13 -11.57 2.70
C THR A 70 -2.49 -10.11 2.92
N THR A 71 -1.63 -9.17 2.51
CA THR A 71 -1.99 -7.74 2.48
C THR A 71 -3.05 -7.42 1.41
N ALA A 72 -2.99 -8.05 0.23
CA ALA A 72 -3.96 -7.89 -0.87
C ALA A 72 -5.41 -8.18 -0.45
N HIS A 73 -5.65 -9.24 0.33
CA HIS A 73 -6.97 -9.48 0.91
C HIS A 73 -7.48 -8.30 1.76
N ALA A 74 -6.61 -7.70 2.58
CA ALA A 74 -6.95 -6.55 3.42
C ALA A 74 -7.26 -5.27 2.60
N LEU A 75 -6.71 -5.13 1.39
CA LEU A 75 -7.01 -4.01 0.48
C LEU A 75 -8.49 -3.93 0.08
N LYS A 76 -9.19 -5.06 0.07
CA LYS A 76 -10.65 -5.15 -0.16
C LYS A 76 -11.48 -4.40 0.89
N TYR A 77 -10.94 -4.28 2.10
CA TYR A 77 -11.57 -3.64 3.25
C TYR A 77 -11.20 -2.15 3.39
N SER A 78 -10.21 -1.68 2.61
CA SER A 78 -9.83 -0.26 2.52
C SER A 78 -11.01 0.66 2.20
N VAL A 79 -11.06 1.78 2.92
CA VAL A 79 -12.10 2.83 2.81
C VAL A 79 -11.60 4.13 2.13
N VAL A 80 -10.29 4.24 1.87
CA VAL A 80 -9.63 5.39 1.23
C VAL A 80 -8.64 4.98 0.12
N LEU A 81 -8.50 3.69 -0.14
CA LEU A 81 -7.56 3.13 -1.11
C LEU A 81 -8.28 2.17 -2.08
N GLU A 82 -7.64 1.91 -3.22
CA GLU A 82 -8.13 1.04 -4.29
C GLU A 82 -7.04 0.05 -4.72
N LEU A 83 -7.30 -1.25 -4.59
CA LEU A 83 -6.47 -2.30 -5.18
C LEU A 83 -6.41 -2.25 -6.72
N ASN A 84 -5.27 -2.71 -7.25
CA ASN A 84 -4.99 -2.97 -8.67
C ASN A 84 -5.84 -4.15 -9.22
N GLU A 85 -5.87 -4.32 -10.53
CA GLU A 85 -6.74 -5.26 -11.26
C GLU A 85 -6.55 -6.75 -10.88
N ASP A 86 -5.33 -7.13 -10.46
CA ASP A 86 -5.01 -8.45 -9.91
C ASP A 86 -4.43 -8.36 -8.48
N HIS A 87 -4.64 -7.21 -7.82
CA HIS A 87 -4.32 -6.92 -6.42
C HIS A 87 -2.80 -6.78 -6.12
N ARG A 88 -1.96 -6.56 -7.16
CA ARG A 88 -0.47 -6.53 -7.05
C ARG A 88 0.11 -5.15 -6.73
N LYS A 89 -0.73 -4.10 -6.82
CA LYS A 89 -0.46 -2.70 -6.40
C LYS A 89 -1.69 -2.12 -5.70
N VAL A 90 -1.54 -0.95 -5.09
CA VAL A 90 -2.61 -0.15 -4.43
C VAL A 90 -2.40 1.33 -4.72
N ARG A 91 -3.48 2.09 -4.91
CA ARG A 91 -3.44 3.56 -5.00
C ARG A 91 -4.45 4.22 -4.07
N ARG A 92 -4.13 5.42 -3.57
CA ARG A 92 -5.03 6.25 -2.76
C ARG A 92 -6.18 6.78 -3.62
N THR A 93 -7.42 6.70 -3.16
CA THR A 93 -8.62 7.17 -3.91
C THR A 93 -8.51 8.64 -4.36
N THR A 94 -7.84 9.49 -3.57
CA THR A 94 -7.46 10.87 -3.95
C THR A 94 -6.00 10.97 -4.37
N PRO A 95 -5.68 11.81 -5.37
CA PRO A 95 -4.30 12.21 -5.64
C PRO A 95 -3.69 12.85 -4.38
N VAL A 96 -2.45 12.47 -4.04
CA VAL A 96 -1.77 13.00 -2.85
C VAL A 96 -1.23 14.41 -3.15
N PRO A 97 -1.40 15.38 -2.25
CA PRO A 97 -0.93 16.75 -2.46
C PRO A 97 0.59 16.77 -2.62
N LEU A 98 1.09 17.63 -3.49
CA LEU A 98 2.53 17.87 -3.61
C LEU A 98 3.16 18.37 -2.29
N PHE A 99 4.43 18.00 -2.11
CA PHE A 99 5.29 18.34 -0.98
C PHE A 99 6.44 19.27 -1.43
N PRO A 100 7.06 20.06 -0.53
CA PRO A 100 8.10 21.02 -0.90
C PRO A 100 9.29 20.39 -1.65
N ASN A 101 9.70 19.19 -1.24
CA ASN A 101 10.82 18.47 -1.87
C ASN A 101 10.49 17.94 -3.28
N GLU A 102 9.19 17.81 -3.61
CA GLU A 102 8.69 17.45 -4.94
C GLU A 102 8.50 18.69 -5.83
N ASN A 103 8.00 19.79 -5.25
CA ASN A 103 7.78 21.08 -5.92
C ASN A 103 9.11 21.76 -6.32
N LEU A 104 10.12 21.74 -5.44
CA LEU A 104 11.45 22.30 -5.71
C LEU A 104 12.19 21.57 -6.85
N PRO A 105 12.99 22.28 -7.67
CA PRO A 105 13.77 21.69 -8.76
C PRO A 105 14.92 20.79 -8.27
N SER A 106 15.27 19.78 -9.08
CA SER A 106 16.42 18.90 -8.87
C SER A 106 17.76 19.60 -9.17
N GLY A 1 3.81 -11.69 -19.23
CA GLY A 1 5.09 -11.81 -18.50
C GLY A 1 5.09 -13.05 -17.62
N GLU A 2 5.47 -12.90 -16.35
CA GLU A 2 5.48 -13.98 -15.35
C GLU A 2 4.08 -14.13 -14.70
N ASP A 3 3.15 -14.70 -15.46
CA ASP A 3 1.70 -14.78 -15.15
C ASP A 3 1.19 -16.22 -15.17
N LEU A 4 0.42 -16.60 -14.14
CA LEU A 4 -0.10 -17.95 -13.91
C LEU A 4 -1.21 -17.91 -12.85
N GLU A 5 -2.36 -18.53 -13.14
CA GLU A 5 -3.51 -18.64 -12.23
C GLU A 5 -3.12 -19.32 -10.89
N GLN A 6 -3.51 -18.70 -9.78
CA GLN A 6 -3.06 -19.05 -8.42
C GLN A 6 -4.05 -18.58 -7.34
N GLU A 7 -4.04 -19.26 -6.18
CA GLU A 7 -4.85 -18.95 -5.00
C GLU A 7 -4.10 -19.30 -3.70
N TRP A 8 -4.59 -18.78 -2.56
CA TRP A 8 -4.05 -19.03 -1.23
C TRP A 8 -5.13 -18.84 -0.14
N LYS A 9 -4.78 -19.10 1.13
CA LYS A 9 -5.68 -18.90 2.27
C LYS A 9 -5.50 -17.51 2.92
N PRO A 10 -6.47 -16.58 2.79
CA PRO A 10 -6.34 -15.23 3.35
C PRO A 10 -6.36 -15.19 4.90
N PRO A 11 -5.87 -14.08 5.49
CA PRO A 11 -5.80 -13.85 6.94
C PRO A 11 -7.17 -13.72 7.62
N ASP A 12 -7.16 -13.77 8.96
CA ASP A 12 -8.29 -13.45 9.83
C ASP A 12 -8.54 -11.92 9.89
N GLU A 13 -9.76 -11.54 10.27
CA GLU A 13 -10.20 -10.17 10.52
C GLU A 13 -9.19 -9.38 11.38
N GLU A 14 -8.73 -9.98 12.48
CA GLU A 14 -7.75 -9.41 13.41
C GLU A 14 -6.47 -8.87 12.75
N LEU A 15 -5.86 -9.66 11.86
CA LEU A 15 -4.74 -9.25 11.03
C LEU A 15 -5.15 -8.19 10.00
N ILE A 16 -6.27 -8.38 9.31
CA ILE A 16 -6.82 -7.46 8.29
C ILE A 16 -6.98 -6.05 8.83
N LYS A 17 -7.59 -5.87 10.01
CA LYS A 17 -7.78 -4.58 10.69
C LYS A 17 -6.46 -3.84 10.91
N LYS A 18 -5.44 -4.56 11.39
CA LYS A 18 -4.06 -4.06 11.50
C LYS A 18 -3.45 -3.69 10.14
N LEU A 19 -3.45 -4.61 9.17
CA LEU A 19 -2.95 -4.40 7.80
C LEU A 19 -3.58 -3.15 7.16
N VAL A 20 -4.91 -3.08 7.05
CA VAL A 20 -5.62 -1.93 6.45
C VAL A 20 -5.34 -0.63 7.19
N ASP A 21 -5.25 -0.68 8.53
CA ASP A 21 -4.93 0.50 9.36
C ASP A 21 -3.52 1.05 9.06
N GLN A 22 -2.52 0.18 8.86
CA GLN A 22 -1.19 0.60 8.42
C GLN A 22 -1.23 1.23 7.02
N ILE A 23 -1.75 0.51 6.02
CA ILE A 23 -1.70 0.97 4.63
C ILE A 23 -2.50 2.28 4.43
N GLU A 24 -3.60 2.44 5.15
CA GLU A 24 -4.41 3.67 5.23
C GLU A 24 -3.57 4.90 5.61
N PHE A 25 -2.89 4.87 6.75
CA PHE A 25 -2.01 5.97 7.16
C PHE A 25 -0.78 6.10 6.26
N TYR A 26 -0.29 5.01 5.65
CA TYR A 26 0.87 5.05 4.74
C TYR A 26 0.65 5.95 3.52
N PHE A 27 -0.56 5.98 2.95
CA PHE A 27 -0.92 6.92 1.88
C PHE A 27 -1.34 8.32 2.39
N SER A 28 -1.52 8.52 3.69
CA SER A 28 -1.83 9.84 4.28
C SER A 28 -0.65 10.81 4.19
N ASP A 29 -0.97 12.09 4.08
CA ASP A 29 0.01 13.18 4.03
C ASP A 29 0.97 13.16 5.23
N GLU A 30 0.48 12.76 6.40
CA GLU A 30 1.25 12.68 7.65
C GLU A 30 2.36 11.61 7.62
N ASN A 31 2.19 10.51 6.86
CA ASN A 31 3.28 9.57 6.59
C ASN A 31 4.21 10.11 5.50
N LEU A 32 3.65 10.62 4.39
CA LEU A 32 4.44 11.11 3.25
C LEU A 32 5.46 12.18 3.65
N GLU A 33 5.11 13.06 4.60
CA GLU A 33 6.01 14.11 5.11
C GLU A 33 7.31 13.55 5.73
N LYS A 34 7.25 12.37 6.38
CA LYS A 34 8.42 11.67 6.97
C LYS A 34 9.02 10.59 6.07
N ASP A 35 8.22 9.89 5.26
CA ASP A 35 8.63 8.79 4.37
C ASP A 35 8.73 9.26 2.91
N ALA A 36 9.80 9.99 2.61
CA ALA A 36 10.13 10.47 1.27
C ALA A 36 10.32 9.31 0.27
N PHE A 37 10.80 8.17 0.75
CA PHE A 37 10.83 6.89 0.03
C PHE A 37 9.45 6.50 -0.55
N LEU A 38 8.40 6.48 0.29
CA LEU A 38 7.05 6.12 -0.15
C LEU A 38 6.44 7.23 -1.04
N LEU A 39 6.71 8.50 -0.70
CA LEU A 39 6.41 9.69 -1.51
C LEU A 39 6.93 9.54 -2.96
N LYS A 40 8.14 9.00 -3.13
CA LYS A 40 8.76 8.73 -4.44
C LYS A 40 7.98 7.70 -5.26
N HIS A 41 7.44 6.65 -4.64
CA HIS A 41 6.68 5.61 -5.35
C HIS A 41 5.28 6.08 -5.76
N VAL A 42 4.60 6.78 -4.85
CA VAL A 42 3.28 7.38 -5.16
C VAL A 42 3.38 8.43 -6.28
N ARG A 43 4.49 9.18 -6.35
CA ARG A 43 4.79 10.12 -7.45
C ARG A 43 5.29 9.46 -8.74
N ARG A 44 5.74 8.20 -8.69
CA ARG A 44 6.18 7.38 -9.85
C ARG A 44 5.03 6.85 -10.71
N ASN A 45 3.82 6.76 -10.15
CA ASN A 45 2.64 6.20 -10.81
C ASN A 45 1.57 7.28 -10.97
N LYS A 46 0.92 7.35 -12.14
CA LYS A 46 -0.02 8.44 -12.51
C LYS A 46 -1.27 8.53 -11.60
N LEU A 47 -1.74 7.39 -11.10
CA LEU A 47 -2.88 7.28 -10.16
C LEU A 47 -2.48 7.21 -8.68
N GLY A 48 -1.20 6.95 -8.40
CA GLY A 48 -0.61 6.89 -7.06
C GLY A 48 -0.35 5.48 -6.53
N TYR A 49 -0.31 4.48 -7.42
CA TYR A 49 -0.06 3.08 -7.09
C TYR A 49 1.30 2.82 -6.44
N VAL A 50 1.33 1.83 -5.53
CA VAL A 50 2.54 1.27 -4.91
C VAL A 50 2.40 -0.26 -4.79
N SER A 51 3.45 -0.98 -5.16
CA SER A 51 3.54 -2.45 -5.15
C SER A 51 3.28 -3.10 -3.80
N VAL A 52 2.43 -4.12 -3.75
CA VAL A 52 1.98 -4.74 -2.48
C VAL A 52 3.09 -5.54 -1.79
N LYS A 53 4.07 -6.06 -2.55
CA LYS A 53 5.28 -6.74 -2.01
C LYS A 53 6.18 -5.81 -1.18
N LEU A 54 6.14 -4.51 -1.47
CA LEU A 54 6.83 -3.47 -0.70
C LEU A 54 5.98 -3.02 0.50
N LEU A 55 4.70 -2.73 0.28
CA LEU A 55 3.76 -2.29 1.32
C LEU A 55 3.63 -3.33 2.46
N THR A 56 3.60 -4.62 2.12
CA THR A 56 3.55 -5.73 3.08
C THR A 56 4.82 -5.81 3.93
N SER A 57 5.96 -5.37 3.38
CA SER A 57 7.27 -5.45 4.05
C SER A 57 7.67 -4.12 4.72
N PHE A 58 6.73 -3.21 4.95
CA PHE A 58 6.96 -1.97 5.67
C PHE A 58 7.31 -2.19 7.13
N LYS A 59 7.93 -1.18 7.77
CA LYS A 59 8.54 -1.28 9.10
C LYS A 59 7.52 -1.65 10.18
N LYS A 60 6.29 -1.17 10.04
CA LYS A 60 5.10 -1.58 10.81
C LYS A 60 4.58 -2.95 10.38
N VAL A 61 4.26 -3.10 9.09
CA VAL A 61 3.48 -4.25 8.56
C VAL A 61 4.20 -5.58 8.74
N LYS A 62 5.54 -5.59 8.66
CA LYS A 62 6.39 -6.75 8.93
C LYS A 62 6.16 -7.40 10.31
N HIS A 63 5.69 -6.64 11.30
CA HIS A 63 5.33 -7.21 12.60
C HIS A 63 4.16 -8.22 12.50
N LEU A 64 3.25 -8.02 11.52
CA LEU A 64 2.09 -8.88 11.24
C LEU A 64 2.41 -9.90 10.13
N THR A 65 2.87 -9.42 8.97
CA THR A 65 2.82 -10.11 7.67
C THR A 65 3.98 -9.66 6.75
N ARG A 66 4.49 -10.57 5.90
CA ARG A 66 5.48 -10.30 4.84
C ARG A 66 5.09 -11.06 3.55
N ASP A 67 3.87 -10.86 3.08
CA ASP A 67 3.28 -11.56 1.94
C ASP A 67 2.25 -10.67 1.22
N TRP A 68 2.53 -10.38 -0.05
CA TRP A 68 1.70 -9.52 -0.89
C TRP A 68 0.27 -10.02 -0.99
N ARG A 69 0.04 -11.35 -1.02
CA ARG A 69 -1.29 -11.97 -1.04
C ARG A 69 -2.06 -11.63 0.24
N THR A 70 -1.41 -11.83 1.39
CA THR A 70 -2.02 -11.64 2.71
C THR A 70 -2.41 -10.18 2.94
N THR A 71 -1.53 -9.23 2.58
CA THR A 71 -1.91 -7.80 2.52
C THR A 71 -2.97 -7.52 1.45
N ALA A 72 -2.90 -8.14 0.27
CA ALA A 72 -3.88 -7.97 -0.82
C ALA A 72 -5.33 -8.29 -0.41
N HIS A 73 -5.55 -9.33 0.41
CA HIS A 73 -6.87 -9.54 1.00
C HIS A 73 -7.37 -8.34 1.81
N ALA A 74 -6.51 -7.72 2.64
CA ALA A 74 -6.86 -6.54 3.43
C ALA A 74 -7.16 -5.29 2.56
N LEU A 75 -6.56 -5.19 1.36
CA LEU A 75 -6.85 -4.10 0.41
C LEU A 75 -8.32 -4.05 -0.04
N LYS A 76 -9.02 -5.19 -0.03
CA LYS A 76 -10.48 -5.26 -0.30
C LYS A 76 -11.33 -4.51 0.73
N TYR A 77 -10.84 -4.39 1.97
CA TYR A 77 -11.52 -3.78 3.11
C TYR A 77 -11.20 -2.27 3.26
N SER A 78 -10.18 -1.77 2.56
CA SER A 78 -9.82 -0.36 2.46
C SER A 78 -11.02 0.56 2.14
N VAL A 79 -11.06 1.68 2.86
CA VAL A 79 -12.13 2.71 2.76
C VAL A 79 -11.66 4.03 2.10
N VAL A 80 -10.35 4.19 1.88
CA VAL A 80 -9.71 5.37 1.26
C VAL A 80 -8.72 4.99 0.15
N LEU A 81 -8.56 3.69 -0.13
CA LEU A 81 -7.61 3.14 -1.10
C LEU A 81 -8.31 2.18 -2.07
N GLU A 82 -7.68 1.92 -3.21
CA GLU A 82 -8.19 1.07 -4.30
C GLU A 82 -7.10 0.09 -4.76
N LEU A 83 -7.32 -1.22 -4.56
CA LEU A 83 -6.50 -2.27 -5.15
C LEU A 83 -6.44 -2.23 -6.70
N ASN A 84 -5.30 -2.68 -7.22
CA ASN A 84 -5.02 -2.85 -8.65
C ASN A 84 -5.86 -3.95 -9.30
N GLU A 85 -5.87 -3.99 -10.63
CA GLU A 85 -6.56 -4.97 -11.50
C GLU A 85 -6.43 -6.42 -11.04
N ASP A 86 -5.21 -6.84 -10.68
CA ASP A 86 -4.90 -8.20 -10.17
C ASP A 86 -4.32 -8.16 -8.74
N HIS A 87 -4.57 -7.07 -8.01
CA HIS A 87 -4.20 -6.84 -6.61
C HIS A 87 -2.68 -6.70 -6.37
N ARG A 88 -1.87 -6.45 -7.42
CA ARG A 88 -0.40 -6.39 -7.37
C ARG A 88 0.16 -5.03 -6.90
N LYS A 89 -0.71 -4.02 -6.85
CA LYS A 89 -0.49 -2.67 -6.32
C LYS A 89 -1.76 -2.17 -5.60
N VAL A 90 -1.70 -1.02 -4.95
CA VAL A 90 -2.84 -0.22 -4.45
C VAL A 90 -2.54 1.27 -4.55
N ARG A 91 -3.55 2.10 -4.83
CA ARG A 91 -3.47 3.56 -4.90
C ARG A 91 -4.49 4.23 -3.98
N ARG A 92 -4.15 5.42 -3.48
CA ARG A 92 -5.07 6.27 -2.68
C ARG A 92 -6.20 6.80 -3.56
N THR A 93 -7.45 6.75 -3.10
CA THR A 93 -8.65 7.23 -3.85
C THR A 93 -8.51 8.69 -4.30
N THR A 94 -7.87 9.53 -3.49
CA THR A 94 -7.51 10.92 -3.85
C THR A 94 -6.04 11.04 -4.29
N PRO A 95 -5.74 11.90 -5.28
CA PRO A 95 -4.37 12.31 -5.54
C PRO A 95 -3.74 12.94 -4.29
N VAL A 96 -2.51 12.53 -3.95
CA VAL A 96 -1.78 13.11 -2.81
C VAL A 96 -1.31 14.53 -3.16
N PRO A 97 -1.45 15.52 -2.27
CA PRO A 97 -1.08 16.90 -2.53
C PRO A 97 0.44 17.03 -2.70
N LEU A 98 0.88 17.81 -3.69
CA LEU A 98 2.30 17.98 -3.97
C LEU A 98 3.04 18.71 -2.83
N PHE A 99 4.14 18.07 -2.41
CA PHE A 99 5.04 18.49 -1.35
C PHE A 99 6.03 19.57 -1.83
N PRO A 100 6.68 20.34 -0.94
CA PRO A 100 7.62 21.41 -1.32
C PRO A 100 8.73 20.96 -2.27
N ASN A 101 9.27 19.74 -2.09
CA ASN A 101 10.30 19.19 -2.96
C ASN A 101 9.76 18.76 -4.34
N GLU A 102 8.46 18.48 -4.46
CA GLU A 102 7.77 18.23 -5.73
C GLU A 102 7.44 19.55 -6.47
N ASN A 103 7.07 20.59 -5.71
CA ASN A 103 6.77 21.94 -6.24
C ASN A 103 8.02 22.72 -6.68
N LEU A 104 9.21 22.38 -6.16
CA LEU A 104 10.49 22.98 -6.49
C LEU A 104 10.83 22.85 -8.00
N PRO A 105 11.40 23.88 -8.64
CA PRO A 105 11.87 23.80 -10.03
C PRO A 105 12.93 22.70 -10.25
N SER A 106 12.82 21.99 -11.38
CA SER A 106 13.84 21.04 -11.89
C SER A 106 15.03 21.73 -12.56
N GLY A 1 1.39 -30.84 -11.52
CA GLY A 1 2.85 -30.67 -11.42
C GLY A 1 3.20 -29.22 -11.14
N GLU A 2 3.97 -28.59 -12.03
CA GLU A 2 4.36 -27.16 -11.96
C GLU A 2 3.16 -26.20 -12.17
N ASP A 3 2.06 -26.69 -12.74
CA ASP A 3 0.82 -25.98 -13.03
C ASP A 3 -0.12 -25.95 -11.79
N LEU A 4 0.42 -25.46 -10.68
CA LEU A 4 -0.28 -25.23 -9.41
C LEU A 4 -1.45 -24.23 -9.55
N GLU A 5 -2.51 -24.44 -8.75
CA GLU A 5 -3.66 -23.52 -8.66
C GLU A 5 -3.24 -22.09 -8.23
N GLN A 6 -3.88 -21.08 -8.83
CA GLN A 6 -3.59 -19.65 -8.58
C GLN A 6 -4.50 -19.11 -7.45
N GLU A 7 -4.26 -19.57 -6.22
CA GLU A 7 -5.04 -19.23 -5.02
C GLU A 7 -4.23 -19.48 -3.74
N TRP A 8 -4.68 -18.92 -2.62
CA TRP A 8 -4.14 -19.15 -1.28
C TRP A 8 -5.22 -18.87 -0.21
N LYS A 9 -4.83 -18.96 1.07
CA LYS A 9 -5.72 -18.93 2.23
C LYS A 9 -5.57 -17.60 2.99
N PRO A 10 -6.50 -16.63 2.82
CA PRO A 10 -6.35 -15.28 3.35
C PRO A 10 -6.39 -15.17 4.89
N PRO A 11 -5.90 -14.04 5.43
CA PRO A 11 -5.90 -13.75 6.87
C PRO A 11 -7.31 -13.60 7.48
N ASP A 12 -7.35 -13.67 8.81
CA ASP A 12 -8.52 -13.35 9.63
C ASP A 12 -8.79 -11.84 9.72
N GLU A 13 -10.03 -11.47 10.03
CA GLU A 13 -10.51 -10.09 10.21
C GLU A 13 -9.58 -9.22 11.07
N GLU A 14 -9.10 -9.75 12.21
CA GLU A 14 -8.26 -9.00 13.16
C GLU A 14 -6.84 -8.73 12.64
N LEU A 15 -6.29 -9.57 11.75
CA LEU A 15 -5.07 -9.27 11.00
C LEU A 15 -5.33 -8.22 9.91
N ILE A 16 -6.42 -8.39 9.16
CA ILE A 16 -6.89 -7.45 8.13
C ILE A 16 -7.01 -6.02 8.67
N LYS A 17 -7.62 -5.83 9.84
CA LYS A 17 -7.71 -4.52 10.53
C LYS A 17 -6.35 -3.85 10.71
N LYS A 18 -5.34 -4.58 11.20
CA LYS A 18 -3.96 -4.08 11.36
C LYS A 18 -3.32 -3.74 10.01
N LEU A 19 -3.37 -4.67 9.03
CA LEU A 19 -2.89 -4.45 7.67
C LEU A 19 -3.49 -3.19 7.03
N VAL A 20 -4.81 -3.11 6.90
CA VAL A 20 -5.49 -1.96 6.27
C VAL A 20 -5.23 -0.66 7.02
N ASP A 21 -5.17 -0.68 8.35
CA ASP A 21 -4.88 0.49 9.18
C ASP A 21 -3.47 1.07 8.90
N GLN A 22 -2.47 0.20 8.72
CA GLN A 22 -1.14 0.63 8.29
C GLN A 22 -1.17 1.25 6.89
N ILE A 23 -1.65 0.53 5.88
CA ILE A 23 -1.60 1.02 4.49
C ILE A 23 -2.42 2.32 4.30
N GLU A 24 -3.51 2.47 5.04
CA GLU A 24 -4.31 3.69 5.14
C GLU A 24 -3.45 4.89 5.57
N PHE A 25 -2.82 4.85 6.76
CA PHE A 25 -1.97 5.93 7.22
C PHE A 25 -0.70 6.11 6.37
N TYR A 26 -0.22 5.06 5.70
CA TYR A 26 0.94 5.13 4.82
C TYR A 26 0.71 6.09 3.64
N PHE A 27 -0.49 6.08 3.06
CA PHE A 27 -0.87 7.04 2.02
C PHE A 27 -1.40 8.38 2.57
N SER A 28 -1.65 8.52 3.88
CA SER A 28 -1.96 9.81 4.51
C SER A 28 -0.75 10.74 4.56
N ASP A 29 -1.00 12.04 4.38
CA ASP A 29 -0.01 13.12 4.29
C ASP A 29 1.00 13.12 5.45
N GLU A 30 0.54 12.71 6.64
CA GLU A 30 1.33 12.64 7.87
C GLU A 30 2.47 11.62 7.83
N ASN A 31 2.29 10.49 7.11
CA ASN A 31 3.40 9.59 6.76
C ASN A 31 4.25 10.18 5.63
N LEU A 32 3.62 10.70 4.57
CA LEU A 32 4.30 11.17 3.37
C LEU A 32 5.35 12.27 3.67
N GLU A 33 5.08 13.12 4.66
CA GLU A 33 6.04 14.10 5.19
C GLU A 33 7.40 13.49 5.59
N LYS A 34 7.39 12.35 6.29
CA LYS A 34 8.59 11.66 6.80
C LYS A 34 9.11 10.53 5.89
N ASP A 35 8.25 9.87 5.12
CA ASP A 35 8.60 8.78 4.20
C ASP A 35 8.54 9.28 2.75
N ALA A 36 9.57 10.04 2.39
CA ALA A 36 9.78 10.60 1.05
C ALA A 36 9.91 9.48 0.00
N PHE A 37 10.45 8.32 0.39
CA PHE A 37 10.48 7.08 -0.39
C PHE A 37 9.10 6.65 -0.91
N LEU A 38 8.12 6.48 -0.02
CA LEU A 38 6.76 6.05 -0.39
C LEU A 38 6.04 7.14 -1.19
N LEU A 39 6.22 8.40 -0.79
CA LEU A 39 5.81 9.60 -1.51
C LEU A 39 6.32 9.63 -2.97
N LYS A 40 7.56 9.18 -3.21
CA LYS A 40 8.15 9.06 -4.56
C LYS A 40 7.48 7.98 -5.41
N HIS A 41 7.04 6.87 -4.82
CA HIS A 41 6.36 5.79 -5.56
C HIS A 41 4.93 6.15 -5.93
N VAL A 42 4.22 6.86 -5.04
CA VAL A 42 2.92 7.43 -5.39
C VAL A 42 3.05 8.49 -6.49
N ARG A 43 4.00 9.43 -6.37
CA ARG A 43 4.25 10.47 -7.39
C ARG A 43 4.88 9.97 -8.70
N ARG A 44 5.46 8.77 -8.72
CA ARG A 44 5.84 8.03 -9.94
C ARG A 44 4.65 7.65 -10.83
N ASN A 45 3.45 7.56 -10.27
CA ASN A 45 2.25 7.07 -10.96
C ASN A 45 1.19 8.15 -11.19
N LYS A 46 0.41 7.91 -12.24
CA LYS A 46 -0.72 8.77 -12.65
C LYS A 46 -1.93 8.68 -11.71
N LEU A 47 -2.16 7.50 -11.11
CA LEU A 47 -3.21 7.24 -10.11
C LEU A 47 -2.66 7.10 -8.67
N GLY A 48 -1.37 6.78 -8.52
CA GLY A 48 -0.67 6.64 -7.23
C GLY A 48 -0.40 5.20 -6.78
N TYR A 49 -0.37 4.22 -7.70
CA TYR A 49 -0.17 2.81 -7.39
C TYR A 49 1.22 2.49 -6.81
N VAL A 50 1.25 1.63 -5.79
CA VAL A 50 2.48 1.09 -5.16
C VAL A 50 2.35 -0.41 -4.91
N SER A 51 3.40 -1.16 -5.27
CA SER A 51 3.48 -2.63 -5.23
C SER A 51 3.27 -3.23 -3.84
N VAL A 52 2.42 -4.27 -3.75
CA VAL A 52 2.01 -4.86 -2.46
C VAL A 52 3.13 -5.64 -1.77
N LYS A 53 4.12 -6.16 -2.52
CA LYS A 53 5.33 -6.81 -1.96
C LYS A 53 6.21 -5.84 -1.16
N LEU A 54 6.18 -4.54 -1.49
CA LEU A 54 6.83 -3.48 -0.73
C LEU A 54 5.97 -3.08 0.47
N LEU A 55 4.68 -2.82 0.25
CA LEU A 55 3.74 -2.39 1.28
C LEU A 55 3.61 -3.39 2.45
N THR A 56 3.56 -4.68 2.13
CA THR A 56 3.56 -5.78 3.12
C THR A 56 4.84 -5.81 3.96
N SER A 57 5.96 -5.35 3.40
CA SER A 57 7.28 -5.40 4.06
C SER A 57 7.67 -4.07 4.71
N PHE A 58 6.72 -3.15 4.92
CA PHE A 58 6.93 -1.89 5.61
C PHE A 58 7.25 -2.07 7.09
N LYS A 59 7.82 -1.03 7.70
CA LYS A 59 8.43 -1.01 9.03
C LYS A 59 7.45 -1.43 10.14
N LYS A 60 6.18 -1.04 9.96
CA LYS A 60 5.03 -1.44 10.76
C LYS A 60 4.49 -2.81 10.35
N VAL A 61 4.17 -2.97 9.05
CA VAL A 61 3.42 -4.13 8.53
C VAL A 61 4.18 -5.46 8.74
N LYS A 62 5.51 -5.42 8.68
CA LYS A 62 6.39 -6.57 8.99
C LYS A 62 6.15 -7.20 10.35
N HIS A 63 5.65 -6.44 11.33
CA HIS A 63 5.27 -7.01 12.63
C HIS A 63 4.12 -8.04 12.52
N LEU A 64 3.21 -7.86 11.54
CA LEU A 64 2.03 -8.70 11.31
C LEU A 64 2.26 -9.72 10.19
N THR A 65 2.81 -9.29 9.04
CA THR A 65 2.82 -10.02 7.76
C THR A 65 3.98 -9.58 6.86
N ARG A 66 4.53 -10.48 6.03
CA ARG A 66 5.52 -10.22 4.97
C ARG A 66 5.17 -11.01 3.70
N ASP A 67 3.94 -10.83 3.21
CA ASP A 67 3.35 -11.56 2.09
C ASP A 67 2.32 -10.70 1.35
N TRP A 68 2.61 -10.46 0.08
CA TRP A 68 1.80 -9.63 -0.80
C TRP A 68 0.36 -10.13 -0.89
N ARG A 69 0.12 -11.44 -0.92
CA ARG A 69 -1.21 -12.06 -0.96
C ARG A 69 -2.01 -11.72 0.30
N THR A 70 -1.38 -11.92 1.45
CA THR A 70 -2.00 -11.71 2.77
C THR A 70 -2.36 -10.24 2.97
N THR A 71 -1.47 -9.30 2.65
CA THR A 71 -1.83 -7.87 2.58
C THR A 71 -2.89 -7.58 1.50
N ALA A 72 -2.81 -8.17 0.30
CA ALA A 72 -3.75 -7.99 -0.80
C ALA A 72 -5.20 -8.29 -0.42
N HIS A 73 -5.47 -9.35 0.35
CA HIS A 73 -6.81 -9.58 0.91
C HIS A 73 -7.32 -8.38 1.74
N ALA A 74 -6.47 -7.81 2.59
CA ALA A 74 -6.81 -6.62 3.40
C ALA A 74 -7.08 -5.36 2.57
N LEU A 75 -6.47 -5.23 1.38
CA LEU A 75 -6.69 -4.08 0.48
C LEU A 75 -8.15 -3.96 0.01
N LYS A 76 -8.90 -5.08 -0.01
CA LYS A 76 -10.34 -5.12 -0.31
C LYS A 76 -11.21 -4.35 0.71
N TYR A 77 -10.77 -4.29 1.96
CA TYR A 77 -11.48 -3.68 3.09
C TYR A 77 -11.16 -2.19 3.25
N SER A 78 -10.19 -1.68 2.49
CA SER A 78 -9.82 -0.26 2.40
C SER A 78 -11.03 0.67 2.23
N VAL A 79 -11.01 1.77 2.98
CA VAL A 79 -12.04 2.84 2.98
C VAL A 79 -11.59 4.13 2.27
N VAL A 80 -10.30 4.25 1.94
CA VAL A 80 -9.67 5.43 1.29
C VAL A 80 -8.70 5.06 0.16
N LEU A 81 -8.53 3.76 -0.12
CA LEU A 81 -7.61 3.21 -1.11
C LEU A 81 -8.34 2.26 -2.08
N GLU A 82 -7.72 1.99 -3.23
CA GLU A 82 -8.22 1.10 -4.28
C GLU A 82 -7.10 0.16 -4.76
N LEU A 83 -7.28 -1.15 -4.54
CA LEU A 83 -6.39 -2.18 -5.07
C LEU A 83 -6.47 -2.33 -6.60
N ASN A 84 -5.42 -2.93 -7.16
CA ASN A 84 -5.29 -3.30 -8.57
C ASN A 84 -6.40 -4.25 -9.08
N GLU A 85 -6.53 -4.35 -10.39
CA GLU A 85 -7.36 -5.38 -11.07
C GLU A 85 -6.95 -6.83 -10.74
N ASP A 86 -5.66 -7.06 -10.49
CA ASP A 86 -5.04 -8.34 -10.10
C ASP A 86 -4.51 -8.32 -8.65
N HIS A 87 -4.80 -7.24 -7.91
CA HIS A 87 -4.38 -6.99 -6.51
C HIS A 87 -2.84 -6.84 -6.34
N ARG A 88 -2.06 -6.59 -7.40
CA ARG A 88 -0.57 -6.52 -7.33
C ARG A 88 -0.02 -5.17 -6.83
N LYS A 89 -0.86 -4.13 -6.87
CA LYS A 89 -0.61 -2.78 -6.35
C LYS A 89 -1.88 -2.21 -5.68
N VAL A 90 -1.76 -1.05 -5.05
CA VAL A 90 -2.87 -0.24 -4.49
C VAL A 90 -2.54 1.26 -4.57
N ARG A 91 -3.56 2.09 -4.82
CA ARG A 91 -3.48 3.55 -4.90
C ARG A 91 -4.46 4.25 -3.94
N ARG A 92 -4.11 5.44 -3.46
CA ARG A 92 -4.99 6.30 -2.65
C ARG A 92 -6.11 6.88 -3.53
N THR A 93 -7.37 6.84 -3.09
CA THR A 93 -8.53 7.34 -3.87
C THR A 93 -8.39 8.80 -4.31
N THR A 94 -7.73 9.63 -3.50
CA THR A 94 -7.36 11.02 -3.84
C THR A 94 -5.89 11.15 -4.22
N PRO A 95 -5.55 12.05 -5.17
CA PRO A 95 -4.17 12.47 -5.41
C PRO A 95 -3.56 13.04 -4.11
N VAL A 96 -2.33 12.66 -3.79
CA VAL A 96 -1.63 13.14 -2.59
C VAL A 96 -1.13 14.57 -2.83
N PRO A 97 -1.23 15.48 -1.85
CA PRO A 97 -0.75 16.85 -2.00
C PRO A 97 0.76 16.86 -2.23
N LEU A 98 1.24 17.76 -3.09
CA LEU A 98 2.67 17.99 -3.29
C LEU A 98 3.36 18.49 -2.00
N PHE A 99 4.64 18.13 -1.88
CA PHE A 99 5.55 18.46 -0.78
C PHE A 99 6.74 19.30 -1.28
N PRO A 100 7.44 20.04 -0.39
CA PRO A 100 8.56 20.92 -0.78
C PRO A 100 9.66 20.21 -1.57
N ASN A 101 9.97 18.95 -1.23
CA ASN A 101 10.98 18.15 -1.91
C ASN A 101 10.54 17.69 -3.32
N GLU A 102 9.23 17.61 -3.58
CA GLU A 102 8.66 17.27 -4.89
C GLU A 102 8.56 18.47 -5.84
N ASN A 103 8.58 19.70 -5.30
CA ASN A 103 8.53 20.95 -6.07
C ASN A 103 9.84 21.28 -6.81
N LEU A 104 10.96 20.60 -6.47
CA LEU A 104 12.25 20.76 -7.15
C LEU A 104 12.17 20.42 -8.66
N PRO A 105 12.89 21.14 -9.55
CA PRO A 105 12.84 20.94 -11.00
C PRO A 105 13.89 19.92 -11.52
N SER A 106 14.73 19.37 -10.64
CA SER A 106 15.80 18.40 -10.94
C SER A 106 15.26 17.02 -11.38
N GLY A 1 3.46 -9.31 -14.70
CA GLY A 1 3.28 -9.78 -13.31
C GLY A 1 3.57 -11.28 -13.18
N GLU A 2 4.06 -11.71 -12.02
CA GLU A 2 4.38 -13.13 -11.75
C GLU A 2 3.15 -14.04 -11.86
N ASP A 3 3.31 -15.21 -12.49
CA ASP A 3 2.24 -16.18 -12.78
C ASP A 3 2.10 -17.23 -11.66
N LEU A 4 2.02 -16.72 -10.41
CA LEU A 4 1.73 -17.50 -9.20
C LEU A 4 0.35 -18.19 -9.26
N GLU A 5 0.21 -19.32 -8.57
CA GLU A 5 -1.05 -20.05 -8.42
C GLU A 5 -2.18 -19.13 -7.93
N GLN A 6 -3.36 -19.22 -8.56
CA GLN A 6 -4.39 -18.19 -8.51
C GLN A 6 -5.36 -18.34 -7.31
N GLU A 7 -4.85 -18.88 -6.21
CA GLU A 7 -5.50 -18.97 -4.89
C GLU A 7 -4.47 -19.18 -3.77
N TRP A 8 -4.85 -18.76 -2.56
CA TRP A 8 -4.18 -19.06 -1.28
C TRP A 8 -5.20 -18.88 -0.13
N LYS A 9 -4.80 -19.08 1.13
CA LYS A 9 -5.66 -18.89 2.31
C LYS A 9 -5.46 -17.49 2.93
N PRO A 10 -6.42 -16.54 2.77
CA PRO A 10 -6.28 -15.18 3.30
C PRO A 10 -6.33 -15.10 4.84
N PRO A 11 -5.88 -13.96 5.41
CA PRO A 11 -5.89 -13.69 6.84
C PRO A 11 -7.30 -13.54 7.44
N ASP A 12 -7.37 -13.63 8.76
CA ASP A 12 -8.54 -13.32 9.58
C ASP A 12 -8.83 -11.82 9.64
N GLU A 13 -10.09 -11.46 9.91
CA GLU A 13 -10.60 -10.08 10.10
C GLU A 13 -9.69 -9.24 11.01
N GLU A 14 -9.26 -9.78 12.14
CA GLU A 14 -8.45 -9.08 13.14
C GLU A 14 -7.03 -8.74 12.67
N LEU A 15 -6.43 -9.57 11.81
CA LEU A 15 -5.17 -9.25 11.13
C LEU A 15 -5.39 -8.18 10.04
N ILE A 16 -6.45 -8.33 9.25
CA ILE A 16 -6.90 -7.36 8.23
C ILE A 16 -7.02 -5.95 8.79
N LYS A 17 -7.60 -5.78 9.99
CA LYS A 17 -7.71 -4.47 10.69
C LYS A 17 -6.36 -3.76 10.82
N LYS A 18 -5.32 -4.46 11.29
CA LYS A 18 -3.94 -3.93 11.37
C LYS A 18 -3.37 -3.64 9.98
N LEU A 19 -3.43 -4.60 9.05
CA LEU A 19 -2.93 -4.44 7.68
C LEU A 19 -3.52 -3.21 7.00
N VAL A 20 -4.85 -3.10 6.89
CA VAL A 20 -5.52 -1.95 6.27
C VAL A 20 -5.22 -0.65 7.01
N ASP A 21 -5.18 -0.66 8.35
CA ASP A 21 -4.86 0.52 9.15
C ASP A 21 -3.45 1.07 8.89
N GLN A 22 -2.45 0.19 8.73
CA GLN A 22 -1.10 0.58 8.33
C GLN A 22 -1.10 1.20 6.93
N ILE A 23 -1.61 0.50 5.91
CA ILE A 23 -1.55 1.01 4.52
C ILE A 23 -2.35 2.32 4.37
N GLU A 24 -3.46 2.46 5.09
CA GLU A 24 -4.27 3.68 5.19
C GLU A 24 -3.46 4.89 5.68
N PHE A 25 -2.82 4.81 6.84
CA PHE A 25 -1.95 5.88 7.33
C PHE A 25 -0.71 6.08 6.44
N TYR A 26 -0.21 5.02 5.77
CA TYR A 26 0.95 5.13 4.89
C TYR A 26 0.71 6.07 3.70
N PHE A 27 -0.47 6.00 3.07
CA PHE A 27 -0.85 6.96 2.03
C PHE A 27 -1.35 8.31 2.57
N SER A 28 -1.63 8.45 3.86
CA SER A 28 -2.00 9.73 4.48
C SER A 28 -0.82 10.70 4.51
N ASP A 29 -1.11 12.00 4.36
CA ASP A 29 -0.11 13.07 4.30
C ASP A 29 0.84 13.09 5.53
N GLU A 30 0.34 12.66 6.69
CA GLU A 30 1.09 12.59 7.95
C GLU A 30 2.28 11.59 7.91
N ASN A 31 2.15 10.49 7.17
CA ASN A 31 3.29 9.63 6.83
C ASN A 31 4.11 10.20 5.66
N LEU A 32 3.46 10.67 4.60
CA LEU A 32 4.15 11.13 3.39
C LEU A 32 5.18 12.23 3.66
N GLU A 33 4.91 13.09 4.66
CA GLU A 33 5.83 14.15 5.12
C GLU A 33 7.19 13.62 5.63
N LYS A 34 7.25 12.37 6.11
CA LYS A 34 8.42 11.74 6.76
C LYS A 34 8.96 10.51 6.01
N ASP A 35 8.11 9.74 5.31
CA ASP A 35 8.52 8.67 4.39
C ASP A 35 8.56 9.20 2.96
N ALA A 36 9.64 9.94 2.67
CA ALA A 36 9.93 10.53 1.36
C ALA A 36 10.05 9.44 0.26
N PHE A 37 10.51 8.25 0.65
CA PHE A 37 10.51 7.02 -0.15
C PHE A 37 9.11 6.63 -0.66
N LEU A 38 8.13 6.45 0.23
CA LEU A 38 6.76 6.07 -0.14
C LEU A 38 6.05 7.22 -0.87
N LEU A 39 6.31 8.47 -0.44
CA LEU A 39 5.94 9.69 -1.17
C LEU A 39 6.45 9.69 -2.62
N LYS A 40 7.70 9.28 -2.90
CA LYS A 40 8.22 9.11 -4.26
C LYS A 40 7.36 8.12 -5.05
N HIS A 41 7.09 6.95 -4.49
CA HIS A 41 6.28 5.92 -5.16
C HIS A 41 4.86 6.38 -5.48
N VAL A 42 4.10 6.92 -4.51
CA VAL A 42 2.73 7.42 -4.77
C VAL A 42 2.70 8.61 -5.74
N ARG A 43 3.75 9.46 -5.77
CA ARG A 43 3.93 10.54 -6.74
C ARG A 43 4.40 10.06 -8.13
N ARG A 44 4.85 8.81 -8.27
CA ARG A 44 5.49 8.25 -9.48
C ARG A 44 4.55 8.12 -10.67
N ASN A 45 3.27 7.90 -10.40
CA ASN A 45 2.28 7.41 -11.37
C ASN A 45 1.22 8.46 -11.73
N LYS A 46 0.33 8.09 -12.66
CA LYS A 46 -0.93 8.81 -12.95
C LYS A 46 -1.97 8.75 -11.83
N LEU A 47 -2.07 7.59 -11.16
CA LEU A 47 -3.13 7.27 -10.17
C LEU A 47 -2.60 7.10 -8.74
N GLY A 48 -1.34 6.69 -8.62
CA GLY A 48 -0.59 6.55 -7.35
C GLY A 48 -0.25 5.12 -6.91
N TYR A 49 -0.26 4.13 -7.83
CA TYR A 49 -0.07 2.72 -7.50
C TYR A 49 1.31 2.35 -6.94
N VAL A 50 1.31 1.59 -5.85
CA VAL A 50 2.53 1.09 -5.16
C VAL A 50 2.40 -0.41 -4.86
N SER A 51 3.46 -1.15 -5.21
CA SER A 51 3.56 -2.63 -5.16
C SER A 51 3.33 -3.24 -3.78
N VAL A 52 2.46 -4.25 -3.71
CA VAL A 52 2.05 -4.86 -2.42
C VAL A 52 3.18 -5.65 -1.75
N LYS A 53 4.14 -6.18 -2.51
CA LYS A 53 5.36 -6.83 -1.97
C LYS A 53 6.25 -5.89 -1.15
N LEU A 54 6.23 -4.60 -1.49
CA LEU A 54 6.92 -3.55 -0.75
C LEU A 54 6.09 -3.08 0.45
N LEU A 55 4.80 -2.80 0.22
CA LEU A 55 3.87 -2.37 1.27
C LEU A 55 3.74 -3.39 2.42
N THR A 56 3.71 -4.69 2.10
CA THR A 56 3.72 -5.76 3.11
C THR A 56 5.02 -5.80 3.92
N SER A 57 6.12 -5.30 3.37
CA SER A 57 7.43 -5.33 4.02
C SER A 57 7.81 -4.00 4.70
N PHE A 58 6.85 -3.09 4.89
CA PHE A 58 7.04 -1.86 5.67
C PHE A 58 7.29 -2.16 7.14
N LYS A 59 7.90 -1.18 7.84
CA LYS A 59 8.52 -1.39 9.14
C LYS A 59 7.53 -1.83 10.22
N LYS A 60 6.28 -1.37 10.10
CA LYS A 60 5.14 -1.71 10.96
C LYS A 60 4.28 -2.85 10.43
N VAL A 61 4.24 -3.08 9.11
CA VAL A 61 3.47 -4.20 8.50
C VAL A 61 4.17 -5.54 8.71
N LYS A 62 5.50 -5.58 8.62
CA LYS A 62 6.32 -6.80 8.85
C LYS A 62 6.08 -7.45 10.20
N HIS A 63 5.68 -6.68 11.22
CA HIS A 63 5.32 -7.23 12.52
C HIS A 63 4.12 -8.20 12.45
N LEU A 64 3.21 -7.99 11.49
CA LEU A 64 2.05 -8.84 11.20
C LEU A 64 2.36 -9.86 10.10
N THR A 65 2.84 -9.40 8.94
CA THR A 65 2.83 -10.13 7.66
C THR A 65 3.91 -9.64 6.69
N ARG A 66 4.53 -10.55 5.93
CA ARG A 66 5.56 -10.25 4.90
C ARG A 66 5.20 -10.78 3.50
N ASP A 67 3.96 -11.22 3.28
CA ASP A 67 3.48 -11.79 2.02
C ASP A 67 2.42 -10.90 1.36
N TRP A 68 2.66 -10.59 0.09
CA TRP A 68 1.86 -9.63 -0.68
C TRP A 68 0.39 -10.04 -0.75
N ARG A 69 0.13 -11.35 -0.93
CA ARG A 69 -1.21 -11.96 -0.96
C ARG A 69 -2.02 -11.58 0.28
N THR A 70 -1.40 -11.73 1.44
CA THR A 70 -2.06 -11.55 2.73
C THR A 70 -2.41 -10.07 2.99
N THR A 71 -1.55 -9.13 2.59
CA THR A 71 -1.93 -7.71 2.53
C THR A 71 -2.95 -7.42 1.42
N ALA A 72 -2.87 -8.08 0.26
CA ALA A 72 -3.77 -7.92 -0.88
C ALA A 72 -5.24 -8.23 -0.52
N HIS A 73 -5.51 -9.27 0.28
CA HIS A 73 -6.83 -9.48 0.86
C HIS A 73 -7.34 -8.29 1.69
N ALA A 74 -6.47 -7.70 2.52
CA ALA A 74 -6.81 -6.54 3.36
C ALA A 74 -7.12 -5.28 2.52
N LEU A 75 -6.54 -5.14 1.33
CA LEU A 75 -6.84 -4.03 0.40
C LEU A 75 -8.33 -3.91 0.06
N LYS A 76 -9.04 -5.04 0.03
CA LYS A 76 -10.50 -5.11 -0.24
C LYS A 76 -11.34 -4.36 0.80
N TYR A 77 -10.83 -4.23 2.02
CA TYR A 77 -11.50 -3.61 3.16
C TYR A 77 -11.15 -2.12 3.31
N SER A 78 -10.19 -1.62 2.52
CA SER A 78 -9.82 -0.19 2.44
C SER A 78 -11.03 0.74 2.25
N VAL A 79 -11.01 1.85 2.99
CA VAL A 79 -12.03 2.92 2.97
C VAL A 79 -11.55 4.21 2.26
N VAL A 80 -10.26 4.31 1.93
CA VAL A 80 -9.60 5.47 1.29
C VAL A 80 -8.63 5.07 0.18
N LEU A 81 -8.49 3.77 -0.11
CA LEU A 81 -7.54 3.22 -1.09
C LEU A 81 -8.25 2.25 -2.06
N GLU A 82 -7.60 1.96 -3.19
CA GLU A 82 -8.11 1.09 -4.26
C GLU A 82 -7.02 0.11 -4.76
N LEU A 83 -7.26 -1.19 -4.62
CA LEU A 83 -6.45 -2.24 -5.23
C LEU A 83 -6.43 -2.18 -6.78
N ASN A 84 -5.33 -2.67 -7.36
CA ASN A 84 -5.19 -2.88 -8.81
C ASN A 84 -6.04 -4.07 -9.31
N GLU A 85 -6.17 -4.22 -10.63
CA GLU A 85 -7.08 -5.18 -11.28
C GLU A 85 -6.82 -6.67 -10.95
N ASP A 86 -5.56 -7.03 -10.65
CA ASP A 86 -5.15 -8.35 -10.17
C ASP A 86 -4.49 -8.28 -8.77
N HIS A 87 -4.75 -7.19 -8.03
CA HIS A 87 -4.39 -6.96 -6.63
C HIS A 87 -2.87 -6.78 -6.39
N ARG A 88 -2.09 -6.49 -7.44
CA ARG A 88 -0.60 -6.43 -7.39
C ARG A 88 -0.05 -5.15 -6.81
N LYS A 89 -0.85 -4.09 -6.83
CA LYS A 89 -0.58 -2.73 -6.33
C LYS A 89 -1.84 -2.15 -5.67
N VAL A 90 -1.70 -1.03 -4.97
CA VAL A 90 -2.79 -0.19 -4.43
C VAL A 90 -2.46 1.29 -4.57
N ARG A 91 -3.48 2.12 -4.84
CA ARG A 91 -3.40 3.59 -4.94
C ARG A 91 -4.41 4.28 -4.01
N ARG A 92 -4.10 5.50 -3.57
CA ARG A 92 -4.99 6.34 -2.74
C ARG A 92 -6.15 6.88 -3.59
N THR A 93 -7.40 6.79 -3.11
CA THR A 93 -8.60 7.27 -3.83
C THR A 93 -8.49 8.73 -4.27
N THR A 94 -7.87 9.59 -3.44
CA THR A 94 -7.59 10.99 -3.75
C THR A 94 -6.19 11.19 -4.35
N PRO A 95 -6.00 12.20 -5.21
CA PRO A 95 -4.67 12.68 -5.58
C PRO A 95 -3.89 13.12 -4.33
N VAL A 96 -2.60 12.78 -4.27
CA VAL A 96 -1.67 13.22 -3.21
C VAL A 96 -1.22 14.65 -3.53
N PRO A 97 -1.49 15.65 -2.69
CA PRO A 97 -1.01 17.02 -2.90
C PRO A 97 0.52 17.06 -2.91
N LEU A 98 1.09 17.91 -3.79
CA LEU A 98 2.54 18.06 -3.86
C LEU A 98 3.14 18.57 -2.54
N PHE A 99 4.27 17.98 -2.18
CA PHE A 99 5.09 18.31 -1.00
C PHE A 99 6.18 19.33 -1.38
N PRO A 100 6.81 20.03 -0.41
CA PRO A 100 7.88 21.00 -0.67
C PRO A 100 9.04 20.41 -1.48
N ASN A 101 9.40 19.15 -1.23
CA ASN A 101 10.48 18.46 -1.94
C ASN A 101 10.12 18.11 -3.40
N GLU A 102 8.83 18.07 -3.74
CA GLU A 102 8.33 17.94 -5.11
C GLU A 102 8.29 19.30 -5.83
N ASN A 103 7.88 20.36 -5.12
CA ASN A 103 7.82 21.74 -5.62
C ASN A 103 9.22 22.33 -5.92
N LEU A 104 10.20 22.07 -5.05
CA LEU A 104 11.60 22.47 -5.24
C LEU A 104 12.26 21.81 -6.47
N PRO A 105 13.17 22.51 -7.19
CA PRO A 105 13.87 21.98 -8.36
C PRO A 105 14.88 20.87 -7.99
N SER A 106 15.10 19.95 -8.94
CA SER A 106 16.14 18.90 -8.87
C SER A 106 17.58 19.45 -8.99
N GLY A 1 5.12 -20.51 -8.22
CA GLY A 1 5.33 -19.11 -8.65
C GLY A 1 6.69 -18.59 -8.21
N GLU A 2 6.86 -17.26 -8.15
CA GLU A 2 8.14 -16.61 -7.80
C GLU A 2 8.57 -16.85 -6.34
N ASP A 3 7.62 -16.98 -5.42
CA ASP A 3 7.83 -17.29 -3.99
C ASP A 3 7.04 -18.54 -3.54
N LEU A 4 5.72 -18.44 -3.65
CA LEU A 4 4.71 -19.45 -3.32
C LEU A 4 3.77 -19.66 -4.51
N GLU A 5 2.53 -20.12 -4.27
CA GLU A 5 1.45 -20.24 -5.25
C GLU A 5 0.78 -18.90 -5.61
N GLN A 6 0.01 -18.88 -6.71
CA GLN A 6 -0.76 -17.72 -7.19
C GLN A 6 -2.20 -17.60 -6.61
N GLU A 7 -2.55 -18.54 -5.75
CA GLU A 7 -3.69 -18.50 -4.83
C GLU A 7 -3.31 -19.06 -3.46
N TRP A 8 -4.08 -18.73 -2.43
CA TRP A 8 -3.74 -18.99 -1.04
C TRP A 8 -4.95 -18.82 -0.10
N LYS A 9 -4.72 -19.04 1.20
CA LYS A 9 -5.72 -18.85 2.26
C LYS A 9 -5.55 -17.49 2.97
N PRO A 10 -6.50 -16.54 2.81
CA PRO A 10 -6.36 -15.19 3.34
C PRO A 10 -6.41 -15.10 4.88
N PRO A 11 -5.92 -13.97 5.46
CA PRO A 11 -5.88 -13.71 6.89
C PRO A 11 -7.25 -13.62 7.57
N ASP A 12 -7.25 -13.70 8.89
CA ASP A 12 -8.38 -13.43 9.76
C ASP A 12 -8.71 -11.92 9.86
N GLU A 13 -9.96 -11.62 10.22
CA GLU A 13 -10.49 -10.26 10.40
C GLU A 13 -9.56 -9.33 11.22
N GLU A 14 -9.01 -9.82 12.33
CA GLU A 14 -8.12 -9.04 13.20
C GLU A 14 -6.77 -8.68 12.55
N LEU A 15 -6.15 -9.60 11.80
CA LEU A 15 -4.95 -9.32 11.01
C LEU A 15 -5.28 -8.26 9.94
N ILE A 16 -6.42 -8.41 9.26
CA ILE A 16 -6.94 -7.44 8.28
C ILE A 16 -7.09 -6.04 8.87
N LYS A 17 -7.66 -5.88 10.08
CA LYS A 17 -7.76 -4.58 10.78
C LYS A 17 -6.39 -3.89 10.92
N LYS A 18 -5.37 -4.62 11.37
CA LYS A 18 -3.99 -4.12 11.49
C LYS A 18 -3.42 -3.76 10.12
N LEU A 19 -3.46 -4.67 9.15
CA LEU A 19 -2.99 -4.43 7.77
C LEU A 19 -3.64 -3.19 7.15
N VAL A 20 -4.97 -3.14 7.05
CA VAL A 20 -5.68 -2.00 6.45
C VAL A 20 -5.39 -0.69 7.18
N ASP A 21 -5.28 -0.73 8.51
CA ASP A 21 -4.95 0.45 9.33
C ASP A 21 -3.55 1.01 9.02
N GLN A 22 -2.56 0.14 8.83
CA GLN A 22 -1.23 0.54 8.37
C GLN A 22 -1.28 1.16 6.97
N ILE A 23 -1.81 0.45 5.97
CA ILE A 23 -1.75 0.91 4.58
C ILE A 23 -2.53 2.23 4.39
N GLU A 24 -3.64 2.39 5.12
CA GLU A 24 -4.43 3.64 5.19
C GLU A 24 -3.59 4.85 5.62
N PHE A 25 -2.91 4.77 6.77
CA PHE A 25 -2.03 5.84 7.23
C PHE A 25 -0.79 6.00 6.33
N TYR A 26 -0.31 4.93 5.68
CA TYR A 26 0.86 4.98 4.80
C TYR A 26 0.67 5.91 3.59
N PHE A 27 -0.50 5.86 2.94
CA PHE A 27 -0.86 6.81 1.88
C PHE A 27 -1.30 8.20 2.38
N SER A 28 -1.63 8.34 3.67
CA SER A 28 -2.00 9.64 4.25
C SER A 28 -0.82 10.60 4.39
N ASP A 29 -1.07 11.90 4.20
CA ASP A 29 -0.06 12.97 4.15
C ASP A 29 0.89 12.96 5.38
N GLU A 30 0.35 12.56 6.54
CA GLU A 30 1.08 12.49 7.82
C GLU A 30 2.22 11.46 7.83
N ASN A 31 2.09 10.35 7.07
CA ASN A 31 3.21 9.47 6.76
C ASN A 31 4.06 10.05 5.63
N LEU A 32 3.45 10.49 4.52
CA LEU A 32 4.18 10.93 3.31
C LEU A 32 5.24 12.01 3.60
N GLU A 33 4.94 12.94 4.51
CA GLU A 33 5.86 13.97 4.99
C GLU A 33 7.23 13.44 5.45
N LYS A 34 7.22 12.32 6.20
CA LYS A 34 8.40 11.66 6.78
C LYS A 34 8.88 10.42 5.99
N ASP A 35 8.01 9.82 5.18
CA ASP A 35 8.27 8.64 4.34
C ASP A 35 8.60 9.07 2.91
N ALA A 36 9.73 9.76 2.76
CA ALA A 36 10.15 10.36 1.49
C ALA A 36 10.33 9.30 0.38
N PHE A 37 10.76 8.09 0.76
CA PHE A 37 10.78 6.90 -0.07
C PHE A 37 9.39 6.55 -0.64
N LEU A 38 8.37 6.37 0.21
CA LEU A 38 7.01 6.03 -0.23
C LEU A 38 6.37 7.17 -1.03
N LEU A 39 6.59 8.41 -0.59
CA LEU A 39 6.22 9.65 -1.29
C LEU A 39 6.72 9.65 -2.76
N LYS A 40 7.94 9.16 -3.01
CA LYS A 40 8.52 9.03 -4.36
C LYS A 40 7.78 8.00 -5.22
N HIS A 41 7.26 6.90 -4.67
CA HIS A 41 6.51 5.90 -5.43
C HIS A 41 5.07 6.33 -5.74
N VAL A 42 4.41 6.98 -4.78
CA VAL A 42 3.06 7.53 -4.96
C VAL A 42 3.05 8.72 -5.92
N ARG A 43 4.19 9.40 -6.12
CA ARG A 43 4.38 10.48 -7.10
C ARG A 43 5.19 10.13 -8.35
N ARG A 44 5.68 8.88 -8.46
CA ARG A 44 6.08 8.26 -9.73
C ARG A 44 4.89 7.97 -10.66
N ASN A 45 3.67 7.84 -10.10
CA ASN A 45 2.48 7.42 -10.81
C ASN A 45 1.42 8.53 -10.97
N LYS A 46 0.69 8.41 -12.08
CA LYS A 46 -0.48 9.26 -12.41
C LYS A 46 -1.66 9.05 -11.46
N LEU A 47 -1.87 7.80 -11.01
CA LEU A 47 -2.97 7.40 -10.12
C LEU A 47 -2.51 7.21 -8.67
N GLY A 48 -1.22 6.94 -8.46
CA GLY A 48 -0.55 6.82 -7.15
C GLY A 48 -0.21 5.39 -6.71
N TYR A 49 -0.19 4.42 -7.63
CA TYR A 49 0.02 3.01 -7.32
C TYR A 49 1.38 2.67 -6.71
N VAL A 50 1.36 1.75 -5.74
CA VAL A 50 2.53 1.15 -5.07
C VAL A 50 2.33 -0.35 -4.89
N SER A 51 3.36 -1.11 -5.28
CA SER A 51 3.41 -2.58 -5.23
C SER A 51 3.19 -3.20 -3.85
N VAL A 52 2.33 -4.23 -3.76
CA VAL A 52 1.93 -4.81 -2.46
C VAL A 52 3.07 -5.57 -1.78
N LYS A 53 4.05 -6.11 -2.53
CA LYS A 53 5.26 -6.76 -1.97
C LYS A 53 6.13 -5.82 -1.15
N LEU A 54 6.14 -4.54 -1.50
CA LEU A 54 6.80 -3.49 -0.72
C LEU A 54 5.94 -3.08 0.48
N LEU A 55 4.64 -2.83 0.24
CA LEU A 55 3.70 -2.38 1.28
C LEU A 55 3.55 -3.39 2.43
N THR A 56 3.48 -4.68 2.12
CA THR A 56 3.45 -5.76 3.11
C THR A 56 4.73 -5.82 3.96
N SER A 57 5.86 -5.38 3.41
CA SER A 57 7.17 -5.46 4.04
C SER A 57 7.60 -4.14 4.74
N PHE A 58 6.67 -3.21 4.95
CA PHE A 58 6.92 -1.93 5.61
C PHE A 58 7.19 -2.04 7.10
N LYS A 59 7.63 -0.93 7.68
CA LYS A 59 8.29 -0.82 9.00
C LYS A 59 7.39 -1.27 10.15
N LYS A 60 6.09 -0.99 10.04
CA LYS A 60 5.04 -1.58 10.89
C LYS A 60 4.55 -2.94 10.38
N VAL A 61 4.19 -3.03 9.09
CA VAL A 61 3.47 -4.20 8.52
C VAL A 61 4.25 -5.51 8.70
N LYS A 62 5.59 -5.44 8.61
CA LYS A 62 6.50 -6.56 8.88
C LYS A 62 6.29 -7.25 10.24
N HIS A 63 5.79 -6.53 11.25
CA HIS A 63 5.47 -7.13 12.54
C HIS A 63 4.30 -8.15 12.45
N LEU A 64 3.37 -7.95 11.51
CA LEU A 64 2.22 -8.82 11.24
C LEU A 64 2.55 -9.85 10.13
N THR A 65 3.03 -9.36 8.98
CA THR A 65 2.96 -10.05 7.68
C THR A 65 4.11 -9.63 6.77
N ARG A 66 4.60 -10.54 5.91
CA ARG A 66 5.57 -10.29 4.83
C ARG A 66 5.16 -11.04 3.56
N ASP A 67 3.92 -10.79 3.11
CA ASP A 67 3.29 -11.51 1.99
C ASP A 67 2.27 -10.63 1.25
N TRP A 68 2.54 -10.41 -0.04
CA TRP A 68 1.72 -9.57 -0.90
C TRP A 68 0.28 -10.05 -0.98
N ARG A 69 0.02 -11.38 -1.05
CA ARG A 69 -1.32 -11.97 -1.05
C ARG A 69 -2.08 -11.63 0.24
N THR A 70 -1.44 -11.86 1.38
CA THR A 70 -2.05 -11.62 2.70
C THR A 70 -2.44 -10.15 2.89
N THR A 71 -1.57 -9.20 2.52
CA THR A 71 -1.94 -7.77 2.47
C THR A 71 -2.98 -7.46 1.37
N ALA A 72 -2.91 -8.11 0.20
CA ALA A 72 -3.86 -7.93 -0.91
C ALA A 72 -5.32 -8.23 -0.51
N HIS A 73 -5.58 -9.26 0.28
CA HIS A 73 -6.90 -9.48 0.88
C HIS A 73 -7.39 -8.27 1.69
N ALA A 74 -6.53 -7.69 2.53
CA ALA A 74 -6.85 -6.52 3.34
C ALA A 74 -7.15 -5.25 2.51
N LEU A 75 -6.57 -5.13 1.30
CA LEU A 75 -6.86 -4.02 0.37
C LEU A 75 -8.34 -3.93 -0.03
N LYS A 76 -9.06 -5.05 0.00
CA LYS A 76 -10.51 -5.12 -0.25
C LYS A 76 -11.35 -4.39 0.81
N TYR A 77 -10.83 -4.29 2.04
CA TYR A 77 -11.49 -3.69 3.19
C TYR A 77 -11.16 -2.19 3.34
N SER A 78 -10.15 -1.70 2.60
CA SER A 78 -9.78 -0.28 2.50
C SER A 78 -10.97 0.63 2.18
N VAL A 79 -11.04 1.75 2.90
CA VAL A 79 -12.11 2.78 2.79
C VAL A 79 -11.64 4.08 2.11
N VAL A 80 -10.33 4.20 1.83
CA VAL A 80 -9.69 5.38 1.19
C VAL A 80 -8.70 5.00 0.08
N LEU A 81 -8.55 3.71 -0.20
CA LEU A 81 -7.60 3.16 -1.17
C LEU A 81 -8.29 2.20 -2.15
N GLU A 82 -7.65 1.93 -3.29
CA GLU A 82 -8.14 1.06 -4.37
C GLU A 82 -7.03 0.10 -4.84
N LEU A 83 -7.24 -1.21 -4.66
CA LEU A 83 -6.40 -2.25 -5.27
C LEU A 83 -6.39 -2.23 -6.82
N ASN A 84 -5.32 -2.76 -7.42
CA ASN A 84 -5.16 -2.90 -8.87
C ASN A 84 -5.95 -4.11 -9.43
N GLU A 85 -5.92 -4.29 -10.75
CA GLU A 85 -6.69 -5.28 -11.52
C GLU A 85 -6.72 -6.71 -10.95
N ASP A 86 -5.55 -7.22 -10.56
CA ASP A 86 -5.33 -8.54 -9.95
C ASP A 86 -4.73 -8.41 -8.53
N HIS A 87 -4.95 -7.25 -7.89
CA HIS A 87 -4.56 -6.91 -6.51
C HIS A 87 -3.04 -6.72 -6.32
N ARG A 88 -2.31 -6.41 -7.40
CA ARG A 88 -0.82 -6.40 -7.48
C ARG A 88 -0.18 -5.12 -6.96
N LYS A 89 -0.96 -4.04 -6.91
CA LYS A 89 -0.63 -2.71 -6.38
C LYS A 89 -1.89 -2.13 -5.70
N VAL A 90 -1.75 -1.00 -5.02
CA VAL A 90 -2.85 -0.17 -4.50
C VAL A 90 -2.51 1.30 -4.62
N ARG A 91 -3.54 2.14 -4.86
CA ARG A 91 -3.45 3.61 -4.94
C ARG A 91 -4.48 4.28 -4.04
N ARG A 92 -4.18 5.51 -3.60
CA ARG A 92 -5.07 6.34 -2.78
C ARG A 92 -6.22 6.89 -3.64
N THR A 93 -7.47 6.81 -3.15
CA THR A 93 -8.66 7.30 -3.88
C THR A 93 -8.58 8.79 -4.23
N THR A 94 -7.96 9.60 -3.37
CA THR A 94 -7.71 11.03 -3.60
C THR A 94 -6.35 11.29 -4.25
N PRO A 95 -6.21 12.36 -5.05
CA PRO A 95 -4.91 12.88 -5.46
C PRO A 95 -4.06 13.23 -4.23
N VAL A 96 -2.78 12.87 -4.25
CA VAL A 96 -1.80 13.23 -3.23
C VAL A 96 -1.33 14.68 -3.48
N PRO A 97 -1.53 15.64 -2.55
CA PRO A 97 -1.05 17.01 -2.72
C PRO A 97 0.48 17.04 -2.78
N LEU A 98 1.04 17.84 -3.69
CA LEU A 98 2.50 17.91 -3.85
C LEU A 98 3.20 18.57 -2.65
N PHE A 99 4.25 17.89 -2.21
CA PHE A 99 5.11 18.24 -1.06
C PHE A 99 6.17 19.30 -1.45
N PRO A 100 6.80 20.01 -0.49
CA PRO A 100 7.87 20.98 -0.76
C PRO A 100 9.04 20.39 -1.55
N ASN A 101 9.36 19.11 -1.32
CA ASN A 101 10.41 18.36 -2.02
C ASN A 101 10.04 18.05 -3.49
N GLU A 102 8.76 18.16 -3.85
CA GLU A 102 8.24 18.03 -5.22
C GLU A 102 8.02 19.40 -5.89
N ASN A 103 7.60 20.41 -5.12
CA ASN A 103 7.31 21.76 -5.59
C ASN A 103 8.58 22.59 -5.93
N LEU A 104 9.71 22.30 -5.29
CA LEU A 104 10.99 23.00 -5.53
C LEU A 104 11.49 22.91 -7.00
N PRO A 105 12.21 23.93 -7.50
CA PRO A 105 12.84 23.88 -8.82
C PRO A 105 14.04 22.91 -8.86
N SER A 106 14.23 22.28 -10.02
CA SER A 106 15.39 21.42 -10.35
C SER A 106 16.70 22.21 -10.45
N GLY A 1 0.81 -29.38 -18.24
CA GLY A 1 2.18 -29.22 -17.70
C GLY A 1 2.33 -27.90 -16.97
N GLU A 2 3.00 -27.90 -15.81
CA GLU A 2 3.25 -26.72 -14.95
C GLU A 2 1.93 -26.06 -14.48
N ASP A 3 0.97 -26.86 -14.04
CA ASP A 3 -0.39 -26.43 -13.65
C ASP A 3 -0.47 -26.07 -12.15
N LEU A 4 0.45 -25.22 -11.69
CA LEU A 4 0.53 -24.69 -10.33
C LEU A 4 -0.73 -23.88 -9.95
N GLU A 5 -1.14 -23.98 -8.68
CA GLU A 5 -2.27 -23.24 -8.10
C GLU A 5 -2.13 -21.71 -8.26
N GLN A 6 -3.26 -21.04 -8.49
CA GLN A 6 -3.36 -19.59 -8.72
C GLN A 6 -4.18 -18.87 -7.62
N GLU A 7 -4.10 -19.39 -6.39
CA GLU A 7 -4.87 -18.98 -5.22
C GLU A 7 -4.15 -19.35 -3.91
N TRP A 8 -4.65 -18.84 -2.78
CA TRP A 8 -4.14 -19.09 -1.42
C TRP A 8 -5.25 -18.85 -0.38
N LYS A 9 -4.88 -18.93 0.90
CA LYS A 9 -5.81 -18.93 2.04
C LYS A 9 -5.68 -17.61 2.83
N PRO A 10 -6.64 -16.66 2.67
CA PRO A 10 -6.51 -15.32 3.21
C PRO A 10 -6.59 -15.22 4.74
N PRO A 11 -6.11 -14.10 5.31
CA PRO A 11 -6.18 -13.79 6.74
C PRO A 11 -7.62 -13.64 7.28
N ASP A 12 -7.74 -13.75 8.60
CA ASP A 12 -8.93 -13.38 9.37
C ASP A 12 -9.09 -11.85 9.50
N GLU A 13 -10.32 -11.40 9.78
CA GLU A 13 -10.68 -10.00 10.06
C GLU A 13 -9.70 -9.30 11.02
N GLU A 14 -9.37 -9.98 12.12
CA GLU A 14 -8.40 -9.54 13.13
C GLU A 14 -7.07 -9.05 12.53
N LEU A 15 -6.45 -9.87 11.67
CA LEU A 15 -5.22 -9.55 10.95
C LEU A 15 -5.42 -8.47 9.88
N ILE A 16 -6.53 -8.54 9.12
CA ILE A 16 -6.91 -7.55 8.10
C ILE A 16 -6.90 -6.12 8.64
N LYS A 17 -7.49 -5.87 9.81
CA LYS A 17 -7.53 -4.54 10.45
C LYS A 17 -6.14 -3.93 10.64
N LYS A 18 -5.22 -4.70 11.22
CA LYS A 18 -3.81 -4.33 11.49
C LYS A 18 -2.88 -4.43 10.27
N LEU A 19 -3.40 -4.84 9.11
CA LEU A 19 -2.83 -4.58 7.79
C LEU A 19 -3.38 -3.26 7.22
N VAL A 20 -4.67 -3.18 6.89
CA VAL A 20 -5.29 -2.01 6.24
C VAL A 20 -5.10 -0.70 7.00
N ASP A 21 -5.13 -0.72 8.34
CA ASP A 21 -4.93 0.46 9.19
C ASP A 21 -3.55 1.12 8.97
N GLN A 22 -2.52 0.28 8.79
CA GLN A 22 -1.19 0.71 8.40
C GLN A 22 -1.18 1.32 6.99
N ILE A 23 -1.67 0.59 5.99
CA ILE A 23 -1.60 1.02 4.59
C ILE A 23 -2.37 2.34 4.37
N GLU A 24 -3.49 2.51 5.07
CA GLU A 24 -4.29 3.73 5.15
C GLU A 24 -3.47 4.97 5.57
N PHE A 25 -2.78 4.91 6.72
CA PHE A 25 -1.90 6.01 7.15
C PHE A 25 -0.67 6.17 6.26
N TYR A 26 -0.18 5.08 5.64
CA TYR A 26 0.98 5.13 4.73
C TYR A 26 0.76 6.02 3.51
N PHE A 27 -0.42 5.97 2.89
CA PHE A 27 -0.81 6.89 1.80
C PHE A 27 -1.24 8.29 2.30
N SER A 28 -1.51 8.48 3.60
CA SER A 28 -1.88 9.79 4.17
C SER A 28 -0.68 10.73 4.28
N ASP A 29 -0.93 12.03 4.07
CA ASP A 29 0.07 13.12 4.00
C ASP A 29 1.02 13.12 5.20
N GLU A 30 0.51 12.73 6.38
CA GLU A 30 1.25 12.65 7.64
C GLU A 30 2.42 11.63 7.62
N ASN A 31 2.28 10.51 6.90
CA ASN A 31 3.39 9.62 6.60
C ASN A 31 4.25 10.17 5.45
N LEU A 32 3.62 10.70 4.39
CA LEU A 32 4.34 11.18 3.20
C LEU A 32 5.40 12.25 3.53
N GLU A 33 5.13 13.10 4.51
CA GLU A 33 6.07 14.12 5.00
C GLU A 33 7.37 13.53 5.60
N LYS A 34 7.31 12.35 6.23
CA LYS A 34 8.45 11.66 6.88
C LYS A 34 9.07 10.54 6.03
N ASP A 35 8.30 9.86 5.19
CA ASP A 35 8.76 8.74 4.34
C ASP A 35 8.86 9.20 2.88
N ALA A 36 9.96 9.89 2.57
CA ALA A 36 10.28 10.44 1.25
C ALA A 36 10.38 9.35 0.17
N PHE A 37 10.85 8.16 0.55
CA PHE A 37 10.86 6.95 -0.26
C PHE A 37 9.45 6.57 -0.76
N LEU A 38 8.46 6.43 0.14
CA LEU A 38 7.09 6.06 -0.24
C LEU A 38 6.42 7.20 -1.03
N LEU A 39 6.60 8.44 -0.57
CA LEU A 39 6.24 9.68 -1.26
C LEU A 39 6.67 9.69 -2.73
N LYS A 40 7.91 9.25 -3.02
CA LYS A 40 8.45 9.15 -4.37
C LYS A 40 7.61 8.23 -5.26
N HIS A 41 7.16 7.07 -4.79
CA HIS A 41 6.39 6.11 -5.59
C HIS A 41 4.94 6.57 -5.81
N VAL A 42 4.30 7.10 -4.77
CA VAL A 42 2.93 7.62 -4.87
C VAL A 42 2.82 8.82 -5.82
N ARG A 43 3.83 9.69 -5.85
CA ARG A 43 3.93 10.82 -6.78
C ARG A 43 4.38 10.41 -8.20
N ARG A 44 4.94 9.21 -8.37
CA ARG A 44 5.41 8.67 -9.67
C ARG A 44 4.29 8.24 -10.61
N ASN A 45 3.06 8.10 -10.11
CA ASN A 45 1.93 7.52 -10.84
C ASN A 45 0.79 8.50 -11.07
N LYS A 46 0.07 8.25 -12.17
CA LYS A 46 -1.16 8.96 -12.54
C LYS A 46 -2.29 8.81 -11.53
N LEU A 47 -2.39 7.62 -10.91
CA LEU A 47 -3.41 7.28 -9.89
C LEU A 47 -2.84 7.16 -8.47
N GLY A 48 -1.54 6.86 -8.34
CA GLY A 48 -0.80 6.77 -7.08
C GLY A 48 -0.35 5.37 -6.65
N TYR A 49 -0.29 4.41 -7.58
CA TYR A 49 -0.02 2.99 -7.28
C TYR A 49 1.36 2.71 -6.67
N VAL A 50 1.37 1.80 -5.69
CA VAL A 50 2.57 1.24 -5.05
C VAL A 50 2.40 -0.27 -4.84
N SER A 51 3.45 -1.02 -5.18
CA SER A 51 3.53 -2.49 -5.13
C SER A 51 3.29 -3.08 -3.73
N VAL A 52 2.43 -4.10 -3.64
CA VAL A 52 2.00 -4.69 -2.35
C VAL A 52 3.11 -5.48 -1.66
N LYS A 53 4.08 -6.04 -2.41
CA LYS A 53 5.27 -6.70 -1.85
C LYS A 53 6.16 -5.75 -1.03
N LEU A 54 6.17 -4.46 -1.38
CA LEU A 54 6.85 -3.42 -0.62
C LEU A 54 6.01 -2.99 0.59
N LEU A 55 4.71 -2.72 0.36
CA LEU A 55 3.79 -2.27 1.41
C LEU A 55 3.66 -3.28 2.57
N THR A 56 3.60 -4.57 2.26
CA THR A 56 3.57 -5.65 3.26
C THR A 56 4.87 -5.72 4.09
N SER A 57 5.99 -5.27 3.51
CA SER A 57 7.32 -5.32 4.15
C SER A 57 7.72 -4.00 4.82
N PHE A 58 6.77 -3.08 5.05
CA PHE A 58 7.01 -1.82 5.78
C PHE A 58 7.32 -2.04 7.25
N LYS A 59 7.90 -1.01 7.88
CA LYS A 59 8.51 -1.07 9.21
C LYS A 59 7.50 -1.47 10.30
N LYS A 60 6.27 -0.99 10.17
CA LYS A 60 5.09 -1.44 10.92
C LYS A 60 4.63 -2.84 10.49
N VAL A 61 4.31 -2.99 9.20
CA VAL A 61 3.56 -4.15 8.67
C VAL A 61 4.32 -5.47 8.83
N LYS A 62 5.65 -5.45 8.74
CA LYS A 62 6.53 -6.61 8.95
C LYS A 62 6.35 -7.31 10.31
N HIS A 63 5.91 -6.59 11.34
CA HIS A 63 5.60 -7.19 12.63
C HIS A 63 4.36 -8.12 12.59
N LEU A 64 3.46 -7.90 11.62
CA LEU A 64 2.23 -8.67 11.40
C LEU A 64 2.40 -9.72 10.29
N THR A 65 2.95 -9.32 9.13
CA THR A 65 2.93 -10.08 7.85
C THR A 65 4.04 -9.59 6.90
N ARG A 66 4.56 -10.48 6.04
CA ARG A 66 5.50 -10.19 4.94
C ARG A 66 5.08 -10.96 3.68
N ASP A 67 3.83 -10.77 3.25
CA ASP A 67 3.22 -11.48 2.12
C ASP A 67 2.21 -10.60 1.39
N TRP A 68 2.51 -10.36 0.12
CA TRP A 68 1.70 -9.52 -0.76
C TRP A 68 0.27 -10.03 -0.88
N ARG A 69 0.05 -11.35 -0.90
CA ARG A 69 -1.27 -11.98 -0.96
C ARG A 69 -2.10 -11.66 0.28
N THR A 70 -1.47 -11.81 1.45
CA THR A 70 -2.13 -11.61 2.75
C THR A 70 -2.52 -10.13 2.93
N THR A 71 -1.65 -9.20 2.53
CA THR A 71 -2.01 -7.77 2.46
C THR A 71 -3.03 -7.47 1.35
N ALA A 72 -2.96 -8.14 0.19
CA ALA A 72 -3.90 -8.00 -0.93
C ALA A 72 -5.36 -8.28 -0.53
N HIS A 73 -5.61 -9.32 0.26
CA HIS A 73 -6.94 -9.54 0.84
C HIS A 73 -7.43 -8.34 1.67
N ALA A 74 -6.56 -7.75 2.51
CA ALA A 74 -6.88 -6.60 3.34
C ALA A 74 -7.20 -5.32 2.53
N LEU A 75 -6.63 -5.17 1.32
CA LEU A 75 -6.92 -4.05 0.41
C LEU A 75 -8.43 -3.92 0.10
N LYS A 76 -9.13 -5.05 0.03
CA LYS A 76 -10.58 -5.13 -0.26
C LYS A 76 -11.44 -4.42 0.78
N TYR A 77 -10.96 -4.34 2.02
CA TYR A 77 -11.66 -3.76 3.16
C TYR A 77 -11.34 -2.27 3.35
N SER A 78 -10.35 -1.73 2.62
CA SER A 78 -10.01 -0.31 2.64
C SER A 78 -11.21 0.61 2.35
N VAL A 79 -11.22 1.72 3.09
CA VAL A 79 -12.18 2.83 3.00
C VAL A 79 -11.63 4.07 2.28
N VAL A 80 -10.34 4.09 1.94
CA VAL A 80 -9.65 5.23 1.28
C VAL A 80 -8.67 4.81 0.18
N LEU A 81 -8.51 3.51 -0.06
CA LEU A 81 -7.58 2.97 -1.06
C LEU A 81 -8.29 2.01 -2.03
N GLU A 82 -7.66 1.77 -3.19
CA GLU A 82 -8.16 0.91 -4.27
C GLU A 82 -7.04 -0.01 -4.78
N LEU A 83 -7.26 -1.33 -4.69
CA LEU A 83 -6.42 -2.35 -5.31
C LEU A 83 -6.40 -2.29 -6.85
N ASN A 84 -5.34 -2.81 -7.47
CA ASN A 84 -5.24 -2.96 -8.94
C ASN A 84 -5.98 -4.21 -9.47
N GLU A 85 -5.90 -4.45 -10.78
CA GLU A 85 -6.67 -5.47 -11.51
C GLU A 85 -6.41 -6.93 -11.06
N ASP A 86 -5.22 -7.23 -10.53
CA ASP A 86 -4.86 -8.55 -9.97
C ASP A 86 -4.36 -8.46 -8.51
N HIS A 87 -4.64 -7.32 -7.86
CA HIS A 87 -4.35 -7.00 -6.46
C HIS A 87 -2.84 -6.82 -6.15
N ARG A 88 -2.00 -6.58 -7.16
CA ARG A 88 -0.53 -6.51 -7.06
C ARG A 88 0.01 -5.14 -6.64
N LYS A 89 -0.81 -4.09 -6.79
CA LYS A 89 -0.56 -2.70 -6.36
C LYS A 89 -1.85 -2.13 -5.72
N VAL A 90 -1.71 -1.05 -4.96
CA VAL A 90 -2.83 -0.26 -4.40
C VAL A 90 -2.52 1.24 -4.52
N ARG A 91 -3.58 2.05 -4.70
CA ARG A 91 -3.51 3.52 -4.77
C ARG A 91 -4.53 4.18 -3.86
N ARG A 92 -4.23 5.39 -3.39
CA ARG A 92 -5.14 6.24 -2.60
C ARG A 92 -6.26 6.79 -3.50
N THR A 93 -7.52 6.72 -3.07
CA THR A 93 -8.68 7.21 -3.86
C THR A 93 -8.54 8.68 -4.28
N THR A 94 -7.92 9.51 -3.43
CA THR A 94 -7.56 10.90 -3.76
C THR A 94 -6.11 11.03 -4.24
N PRO A 95 -5.83 11.97 -5.17
CA PRO A 95 -4.46 12.39 -5.46
C PRO A 95 -3.77 12.89 -4.18
N VAL A 96 -2.52 12.51 -3.96
CA VAL A 96 -1.72 12.98 -2.82
C VAL A 96 -1.13 14.35 -3.17
N PRO A 97 -1.14 15.33 -2.25
CA PRO A 97 -0.64 16.67 -2.51
C PRO A 97 0.85 16.64 -2.85
N LEU A 98 1.30 17.58 -3.68
CA LEU A 98 2.72 17.81 -3.90
C LEU A 98 3.47 18.23 -2.62
N PHE A 99 4.75 17.87 -2.58
CA PHE A 99 5.70 18.10 -1.47
C PHE A 99 6.94 18.89 -1.92
N PRO A 100 7.75 19.45 -0.99
CA PRO A 100 9.03 20.10 -1.31
C PRO A 100 9.98 19.21 -2.11
N ASN A 101 9.99 17.90 -1.83
CA ASN A 101 10.88 16.92 -2.45
C ASN A 101 10.45 16.58 -3.90
N GLU A 102 9.28 17.09 -4.33
CA GLU A 102 8.77 17.02 -5.70
C GLU A 102 8.95 18.37 -6.45
N ASN A 103 8.86 19.48 -5.73
CA ASN A 103 9.10 20.83 -6.25
C ASN A 103 10.60 21.15 -6.49
N LEU A 104 11.50 20.49 -5.76
CA LEU A 104 12.96 20.59 -5.87
C LEU A 104 13.62 19.23 -5.49
N PRO A 105 14.88 18.96 -5.89
CA PRO A 105 15.41 17.58 -5.91
C PRO A 105 16.10 17.14 -4.59
N SER A 106 16.12 18.00 -3.56
CA SER A 106 16.68 17.71 -2.22
C SER A 106 15.94 16.58 -1.49
N GLY A 1 6.04 -16.25 -18.34
CA GLY A 1 5.06 -16.57 -17.27
C GLY A 1 5.14 -15.58 -16.12
N GLU A 2 4.70 -16.00 -14.93
CA GLU A 2 4.67 -15.17 -13.70
C GLU A 2 4.67 -16.05 -12.43
N ASP A 3 5.16 -15.50 -11.31
CA ASP A 3 5.31 -16.18 -10.01
C ASP A 3 4.48 -15.53 -8.88
N LEU A 4 3.52 -14.66 -9.23
CA LEU A 4 2.58 -13.99 -8.32
C LEU A 4 1.21 -14.69 -8.38
N GLU A 5 1.13 -15.88 -7.77
CA GLU A 5 -0.02 -16.80 -7.84
C GLU A 5 -1.39 -16.14 -7.58
N GLN A 6 -2.43 -16.64 -8.28
CA GLN A 6 -3.77 -16.03 -8.33
C GLN A 6 -4.81 -16.77 -7.48
N GLU A 7 -4.33 -17.55 -6.50
CA GLU A 7 -5.13 -18.25 -5.49
C GLU A 7 -4.28 -18.63 -4.27
N TRP A 8 -4.85 -18.46 -3.08
CA TRP A 8 -4.28 -18.88 -1.78
C TRP A 8 -5.35 -18.75 -0.68
N LYS A 9 -5.01 -19.14 0.55
CA LYS A 9 -5.86 -18.98 1.75
C LYS A 9 -5.62 -17.65 2.48
N PRO A 10 -6.54 -16.66 2.42
CA PRO A 10 -6.37 -15.34 3.03
C PRO A 10 -6.40 -15.32 4.58
N PRO A 11 -5.92 -14.22 5.19
CA PRO A 11 -5.95 -13.99 6.64
C PRO A 11 -7.36 -13.84 7.23
N ASP A 12 -7.43 -13.98 8.54
CA ASP A 12 -8.61 -13.64 9.37
C ASP A 12 -8.81 -12.12 9.51
N GLU A 13 -10.04 -11.71 9.84
CA GLU A 13 -10.46 -10.32 10.05
C GLU A 13 -9.50 -9.53 10.99
N GLU A 14 -9.08 -10.14 12.10
CA GLU A 14 -8.21 -9.48 13.09
C GLU A 14 -6.82 -9.10 12.55
N LEU A 15 -6.24 -9.90 11.66
CA LEU A 15 -5.02 -9.54 10.91
C LEU A 15 -5.31 -8.44 9.88
N ILE A 16 -6.42 -8.56 9.14
CA ILE A 16 -6.89 -7.56 8.17
C ILE A 16 -7.01 -6.17 8.78
N LYS A 17 -7.58 -6.02 9.98
CA LYS A 17 -7.68 -4.74 10.71
C LYS A 17 -6.33 -4.05 10.86
N LYS A 18 -5.30 -4.79 11.30
CA LYS A 18 -3.92 -4.31 11.48
C LYS A 18 -3.30 -3.91 10.15
N LEU A 19 -3.37 -4.79 9.14
CA LEU A 19 -2.90 -4.52 7.77
C LEU A 19 -3.52 -3.25 7.19
N VAL A 20 -4.86 -3.19 7.07
CA VAL A 20 -5.55 -2.02 6.48
C VAL A 20 -5.27 -0.73 7.26
N ASP A 21 -5.19 -0.80 8.59
CA ASP A 21 -4.88 0.34 9.45
C ASP A 21 -3.50 0.96 9.15
N GLN A 22 -2.49 0.11 8.91
CA GLN A 22 -1.18 0.56 8.45
C GLN A 22 -1.26 1.17 7.04
N ILE A 23 -1.77 0.44 6.04
CA ILE A 23 -1.73 0.91 4.64
C ILE A 23 -2.54 2.21 4.44
N GLU A 24 -3.63 2.36 5.20
CA GLU A 24 -4.42 3.58 5.28
C GLU A 24 -3.58 4.82 5.64
N PHE A 25 -2.88 4.80 6.79
CA PHE A 25 -2.01 5.91 7.19
C PHE A 25 -0.77 6.04 6.29
N TYR A 26 -0.32 4.96 5.65
CA TYR A 26 0.84 5.00 4.76
C TYR A 26 0.63 5.92 3.55
N PHE A 27 -0.58 6.01 3.00
CA PHE A 27 -0.92 6.99 1.98
C PHE A 27 -1.37 8.37 2.52
N SER A 28 -1.58 8.53 3.83
CA SER A 28 -1.90 9.83 4.44
C SER A 28 -0.70 10.80 4.38
N ASP A 29 -1.01 12.09 4.26
CA ASP A 29 -0.06 13.20 4.15
C ASP A 29 0.99 13.17 5.29
N GLU A 30 0.55 12.78 6.49
CA GLU A 30 1.38 12.69 7.70
C GLU A 30 2.51 11.65 7.61
N ASN A 31 2.29 10.53 6.90
CA ASN A 31 3.36 9.58 6.58
C ASN A 31 4.24 10.10 5.44
N LEU A 32 3.63 10.63 4.37
CA LEU A 32 4.36 11.13 3.19
C LEU A 32 5.38 12.22 3.54
N GLU A 33 5.08 13.09 4.51
CA GLU A 33 6.00 14.10 5.04
C GLU A 33 7.36 13.51 5.49
N LYS A 34 7.33 12.40 6.25
CA LYS A 34 8.53 11.69 6.74
C LYS A 34 9.10 10.66 5.76
N ASP A 35 8.26 9.99 4.95
CA ASP A 35 8.65 8.91 4.04
C ASP A 35 8.76 9.41 2.60
N ALA A 36 9.87 10.09 2.30
CA ALA A 36 10.19 10.62 0.98
C ALA A 36 10.26 9.49 -0.08
N PHE A 37 10.70 8.31 0.31
CA PHE A 37 10.66 7.07 -0.47
C PHE A 37 9.25 6.67 -0.94
N LEU A 38 8.28 6.58 -0.03
CA LEU A 38 6.89 6.21 -0.36
C LEU A 38 6.20 7.34 -1.15
N LEU A 39 6.47 8.59 -0.76
CA LEU A 39 6.11 9.81 -1.49
C LEU A 39 6.63 9.80 -2.95
N LYS A 40 7.83 9.26 -3.21
CA LYS A 40 8.34 9.04 -4.57
C LYS A 40 7.46 8.05 -5.34
N HIS A 41 7.20 6.85 -4.82
CA HIS A 41 6.40 5.85 -5.54
C HIS A 41 4.96 6.28 -5.84
N VAL A 42 4.30 6.93 -4.89
CA VAL A 42 2.93 7.48 -5.09
C VAL A 42 2.93 8.63 -6.13
N ARG A 43 4.01 9.41 -6.24
CA ARG A 43 4.19 10.45 -7.28
C ARG A 43 4.63 9.91 -8.65
N ARG A 44 5.41 8.81 -8.66
CA ARG A 44 5.97 8.17 -9.86
C ARG A 44 4.90 7.71 -10.84
N ASN A 45 3.91 6.97 -10.32
CA ASN A 45 2.85 6.35 -11.11
C ASN A 45 1.69 7.33 -11.33
N LYS A 46 1.03 7.21 -12.50
CA LYS A 46 -0.03 8.14 -12.97
C LYS A 46 -1.24 8.28 -12.02
N LEU A 47 -1.65 7.18 -11.37
CA LEU A 47 -2.82 7.13 -10.48
C LEU A 47 -2.47 7.04 -8.98
N GLY A 48 -1.22 6.69 -8.68
CA GLY A 48 -0.65 6.63 -7.33
C GLY A 48 -0.27 5.23 -6.83
N TYR A 49 -0.23 4.23 -7.71
CA TYR A 49 0.00 2.83 -7.34
C TYR A 49 1.36 2.57 -6.69
N VAL A 50 1.35 1.68 -5.68
CA VAL A 50 2.55 1.16 -4.99
C VAL A 50 2.41 -0.35 -4.79
N SER A 51 3.45 -1.09 -5.15
CA SER A 51 3.52 -2.56 -5.10
C SER A 51 3.30 -3.14 -3.70
N VAL A 52 2.45 -4.16 -3.59
CA VAL A 52 2.05 -4.74 -2.30
C VAL A 52 3.20 -5.51 -1.62
N LYS A 53 4.16 -6.04 -2.39
CA LYS A 53 5.37 -6.69 -1.85
C LYS A 53 6.25 -5.74 -1.02
N LEU A 54 6.22 -4.45 -1.35
CA LEU A 54 6.87 -3.39 -0.58
C LEU A 54 6.01 -2.99 0.62
N LEU A 55 4.71 -2.72 0.39
CA LEU A 55 3.78 -2.27 1.43
C LEU A 55 3.65 -3.27 2.59
N THR A 56 3.58 -4.57 2.26
CA THR A 56 3.56 -5.67 3.24
C THR A 56 4.84 -5.73 4.08
N SER A 57 5.97 -5.26 3.54
CA SER A 57 7.28 -5.29 4.18
C SER A 57 7.68 -3.96 4.83
N PHE A 58 6.73 -3.02 5.00
CA PHE A 58 6.94 -1.79 5.76
C PHE A 58 7.19 -2.06 7.24
N LYS A 59 7.78 -1.07 7.93
CA LYS A 59 8.44 -1.25 9.23
C LYS A 59 7.47 -1.66 10.35
N LYS A 60 6.22 -1.17 10.29
CA LYS A 60 5.10 -1.69 11.09
C LYS A 60 4.58 -3.02 10.56
N VAL A 61 4.24 -3.09 9.27
CA VAL A 61 3.49 -4.22 8.67
C VAL A 61 4.21 -5.56 8.83
N LYS A 62 5.55 -5.55 8.75
CA LYS A 62 6.41 -6.72 9.00
C LYS A 62 6.20 -7.38 10.36
N HIS A 63 5.74 -6.64 11.37
CA HIS A 63 5.39 -7.25 12.67
C HIS A 63 4.22 -8.25 12.55
N LEU A 64 3.30 -8.04 11.60
CA LEU A 64 2.12 -8.85 11.35
C LEU A 64 2.34 -9.86 10.20
N THR A 65 2.85 -9.39 9.05
CA THR A 65 2.84 -10.10 7.75
C THR A 65 4.00 -9.64 6.85
N ARG A 66 4.54 -10.52 6.00
CA ARG A 66 5.55 -10.24 4.96
C ARG A 66 5.17 -10.97 3.66
N ASP A 67 3.94 -10.75 3.20
CA ASP A 67 3.33 -11.45 2.06
C ASP A 67 2.31 -10.57 1.32
N TRP A 68 2.60 -10.34 0.05
CA TRP A 68 1.78 -9.51 -0.82
C TRP A 68 0.34 -10.03 -0.92
N ARG A 69 0.13 -11.35 -0.98
CA ARG A 69 -1.21 -11.97 -1.03
C ARG A 69 -2.01 -11.64 0.22
N THR A 70 -1.39 -11.84 1.38
CA THR A 70 -2.03 -11.63 2.68
C THR A 70 -2.40 -10.16 2.91
N THR A 71 -1.54 -9.20 2.56
CA THR A 71 -1.92 -7.78 2.52
C THR A 71 -2.94 -7.47 1.42
N ALA A 72 -2.88 -8.11 0.25
CA ALA A 72 -3.82 -7.93 -0.87
C ALA A 72 -5.27 -8.23 -0.47
N HIS A 73 -5.54 -9.27 0.32
CA HIS A 73 -6.87 -9.48 0.89
C HIS A 73 -7.35 -8.30 1.73
N ALA A 74 -6.48 -7.72 2.56
CA ALA A 74 -6.80 -6.55 3.40
C ALA A 74 -7.11 -5.29 2.58
N LEU A 75 -6.54 -5.14 1.36
CA LEU A 75 -6.85 -4.04 0.44
C LEU A 75 -8.34 -3.95 0.08
N LYS A 76 -9.04 -5.07 0.03
CA LYS A 76 -10.49 -5.15 -0.22
C LYS A 76 -11.33 -4.39 0.83
N TYR A 77 -10.81 -4.29 2.04
CA TYR A 77 -11.46 -3.64 3.19
C TYR A 77 -11.03 -2.17 3.36
N SER A 78 -10.02 -1.70 2.60
CA SER A 78 -9.62 -0.29 2.54
C SER A 78 -10.80 0.65 2.20
N VAL A 79 -10.84 1.77 2.92
CA VAL A 79 -11.92 2.79 2.86
C VAL A 79 -11.49 4.11 2.20
N VAL A 80 -10.20 4.26 1.87
CA VAL A 80 -9.58 5.45 1.26
C VAL A 80 -8.62 5.08 0.13
N LEU A 81 -8.50 3.79 -0.20
CA LEU A 81 -7.58 3.26 -1.19
C LEU A 81 -8.32 2.36 -2.21
N GLU A 82 -7.63 2.00 -3.29
CA GLU A 82 -8.13 1.13 -4.35
C GLU A 82 -7.04 0.14 -4.79
N LEU A 83 -7.29 -1.17 -4.60
CA LEU A 83 -6.49 -2.24 -5.20
C LEU A 83 -6.45 -2.18 -6.75
N ASN A 84 -5.35 -2.66 -7.32
CA ASN A 84 -5.18 -2.90 -8.76
C ASN A 84 -6.02 -4.09 -9.24
N GLU A 85 -6.16 -4.25 -10.56
CA GLU A 85 -6.89 -5.33 -11.24
C GLU A 85 -6.56 -6.73 -10.72
N ASP A 86 -5.27 -7.02 -10.50
CA ASP A 86 -4.77 -8.32 -9.99
C ASP A 86 -4.45 -8.30 -8.48
N HIS A 87 -4.73 -7.18 -7.80
CA HIS A 87 -4.47 -6.91 -6.36
C HIS A 87 -2.97 -6.75 -6.03
N ARG A 88 -2.11 -6.55 -7.04
CA ARG A 88 -0.63 -6.52 -6.93
C ARG A 88 -0.05 -5.16 -6.56
N LYS A 89 -0.89 -4.12 -6.67
CA LYS A 89 -0.62 -2.72 -6.28
C LYS A 89 -1.88 -2.12 -5.63
N VAL A 90 -1.73 -0.98 -4.94
CA VAL A 90 -2.82 -0.14 -4.40
C VAL A 90 -2.49 1.35 -4.50
N ARG A 91 -3.52 2.20 -4.67
CA ARG A 91 -3.43 3.67 -4.78
C ARG A 91 -4.49 4.37 -3.94
N ARG A 92 -4.25 5.61 -3.51
CA ARG A 92 -5.19 6.43 -2.73
C ARG A 92 -6.36 6.92 -3.60
N THR A 93 -7.60 6.82 -3.14
CA THR A 93 -8.79 7.30 -3.87
C THR A 93 -8.74 8.80 -4.16
N THR A 94 -8.15 9.59 -3.24
CA THR A 94 -8.06 11.06 -3.32
C THR A 94 -6.74 11.54 -3.92
N PRO A 95 -6.74 12.73 -4.55
CA PRO A 95 -5.51 13.44 -4.90
C PRO A 95 -4.67 13.70 -3.65
N VAL A 96 -3.38 13.37 -3.72
CA VAL A 96 -2.38 13.68 -2.68
C VAL A 96 -1.98 15.16 -2.81
N PRO A 97 -1.96 15.97 -1.73
CA PRO A 97 -1.45 17.35 -1.79
C PRO A 97 0.04 17.36 -2.13
N LEU A 98 0.46 18.32 -2.97
CA LEU A 98 1.88 18.51 -3.28
C LEU A 98 2.73 18.88 -2.05
N PHE A 99 3.97 18.42 -2.07
CA PHE A 99 5.01 18.64 -1.06
C PHE A 99 6.10 19.58 -1.62
N PRO A 100 6.87 20.28 -0.77
CA PRO A 100 7.93 21.20 -1.22
C PRO A 100 8.98 20.53 -2.12
N ASN A 101 9.30 19.26 -1.85
CA ASN A 101 10.26 18.46 -2.62
C ASN A 101 9.73 18.06 -4.01
N GLU A 102 8.41 18.16 -4.24
CA GLU A 102 7.75 17.93 -5.53
C GLU A 102 7.46 19.24 -6.27
N ASN A 103 7.11 20.29 -5.52
CA ASN A 103 6.75 21.62 -6.04
C ASN A 103 7.96 22.45 -6.53
N LEU A 104 9.17 22.21 -5.98
CA LEU A 104 10.40 22.93 -6.38
C LEU A 104 10.74 22.79 -7.87
N PRO A 105 11.40 23.80 -8.48
CA PRO A 105 11.89 23.73 -9.86
C PRO A 105 13.09 22.78 -9.99
N SER A 106 13.17 22.11 -11.16
CA SER A 106 14.31 21.28 -11.58
C SER A 106 15.60 22.08 -11.82
N GLY A 1 2.19 -11.34 -17.35
CA GLY A 1 3.56 -11.16 -16.85
C GLY A 1 3.87 -12.17 -15.76
N GLU A 2 4.22 -11.70 -14.56
CA GLU A 2 4.52 -12.54 -13.39
C GLU A 2 3.21 -12.93 -12.67
N ASP A 3 2.44 -13.81 -13.30
CA ASP A 3 1.07 -14.20 -12.91
C ASP A 3 0.72 -15.62 -13.40
N LEU A 4 -0.05 -16.35 -12.57
CA LEU A 4 -0.47 -17.75 -12.77
C LEU A 4 -1.91 -17.96 -12.25
N GLU A 5 -2.55 -19.04 -12.68
CA GLU A 5 -3.89 -19.44 -12.23
C GLU A 5 -3.83 -20.19 -10.88
N GLN A 6 -3.60 -19.43 -9.80
CA GLN A 6 -3.36 -19.92 -8.44
C GLN A 6 -4.11 -19.09 -7.38
N GLU A 7 -4.09 -19.55 -6.12
CA GLU A 7 -4.77 -18.98 -4.96
C GLU A 7 -4.05 -19.37 -3.65
N TRP A 8 -4.53 -18.86 -2.51
CA TRP A 8 -3.96 -19.11 -1.18
C TRP A 8 -5.02 -18.92 -0.07
N LYS A 9 -4.62 -19.04 1.20
CA LYS A 9 -5.50 -18.89 2.38
C LYS A 9 -5.38 -17.47 2.97
N PRO A 10 -6.37 -16.57 2.80
CA PRO A 10 -6.28 -15.20 3.32
C PRO A 10 -6.31 -15.11 4.86
N PRO A 11 -5.84 -13.97 5.42
CA PRO A 11 -5.83 -13.68 6.85
C PRO A 11 -7.24 -13.58 7.46
N ASP A 12 -7.27 -13.69 8.79
CA ASP A 12 -8.45 -13.40 9.62
C ASP A 12 -8.77 -11.89 9.71
N GLU A 13 -10.00 -11.57 10.12
CA GLU A 13 -10.52 -10.21 10.31
C GLU A 13 -9.58 -9.29 11.11
N GLU A 14 -9.02 -9.78 12.22
CA GLU A 14 -8.17 -8.96 13.10
C GLU A 14 -6.79 -8.64 12.48
N LEU A 15 -6.19 -9.60 11.75
CA LEU A 15 -5.02 -9.34 10.91
C LEU A 15 -5.32 -8.29 9.83
N ILE A 16 -6.45 -8.46 9.13
CA ILE A 16 -6.96 -7.49 8.13
C ILE A 16 -7.07 -6.09 8.70
N LYS A 17 -7.67 -5.91 9.89
CA LYS A 17 -7.75 -4.61 10.59
C LYS A 17 -6.37 -3.98 10.81
N LYS A 18 -5.40 -4.75 11.30
CA LYS A 18 -4.01 -4.29 11.49
C LYS A 18 -3.35 -3.90 10.17
N LEU A 19 -3.42 -4.75 9.15
CA LEU A 19 -2.92 -4.48 7.79
C LEU A 19 -3.53 -3.19 7.20
N VAL A 20 -4.85 -3.11 7.06
CA VAL A 20 -5.51 -1.92 6.47
C VAL A 20 -5.24 -0.65 7.26
N ASP A 21 -5.17 -0.74 8.59
CA ASP A 21 -4.86 0.41 9.46
C ASP A 21 -3.47 1.01 9.17
N GLN A 22 -2.47 0.16 8.93
CA GLN A 22 -1.16 0.61 8.45
C GLN A 22 -1.24 1.23 7.05
N ILE A 23 -1.77 0.50 6.05
CA ILE A 23 -1.71 0.96 4.66
C ILE A 23 -2.51 2.27 4.45
N GLU A 24 -3.60 2.44 5.19
CA GLU A 24 -4.41 3.66 5.27
C GLU A 24 -3.56 4.90 5.61
N PHE A 25 -2.86 4.88 6.75
CA PHE A 25 -1.97 5.98 7.13
C PHE A 25 -0.74 6.10 6.21
N TYR A 26 -0.27 5.00 5.60
CA TYR A 26 0.87 5.04 4.68
C TYR A 26 0.63 5.92 3.46
N PHE A 27 -0.58 5.97 2.91
CA PHE A 27 -0.96 6.91 1.85
C PHE A 27 -1.37 8.31 2.36
N SER A 28 -1.54 8.51 3.67
CA SER A 28 -1.83 9.83 4.25
C SER A 28 -0.66 10.80 4.12
N ASP A 29 -0.98 12.09 4.03
CA ASP A 29 -0.01 13.18 3.94
C ASP A 29 0.98 13.18 5.13
N GLU A 30 0.52 12.78 6.32
CA GLU A 30 1.33 12.70 7.55
C GLU A 30 2.46 11.65 7.48
N ASN A 31 2.26 10.52 6.77
CA ASN A 31 3.35 9.60 6.46
C ASN A 31 4.24 10.16 5.34
N LEU A 32 3.64 10.65 4.25
CA LEU A 32 4.37 11.15 3.08
C LEU A 32 5.39 12.25 3.43
N GLU A 33 5.08 13.12 4.40
CA GLU A 33 5.99 14.16 4.87
C GLU A 33 7.31 13.62 5.48
N LYS A 34 7.29 12.42 6.07
CA LYS A 34 8.45 11.78 6.72
C LYS A 34 9.05 10.59 5.95
N ASP A 35 8.25 9.83 5.20
CA ASP A 35 8.69 8.73 4.34
C ASP A 35 8.80 9.17 2.88
N ALA A 36 9.91 9.86 2.59
CA ALA A 36 10.25 10.40 1.27
C ALA A 36 10.36 9.29 0.21
N PHE A 37 10.83 8.10 0.62
CA PHE A 37 10.83 6.88 -0.18
C PHE A 37 9.43 6.49 -0.70
N LEU A 38 8.43 6.39 0.18
CA LEU A 38 7.06 6.03 -0.22
C LEU A 38 6.41 7.16 -1.03
N LEU A 39 6.61 8.41 -0.59
CA LEU A 39 6.25 9.64 -1.30
C LEU A 39 6.73 9.65 -2.77
N LYS A 40 7.95 9.19 -3.02
CA LYS A 40 8.52 9.05 -4.37
C LYS A 40 7.67 8.14 -5.24
N HIS A 41 7.23 6.99 -4.75
CA HIS A 41 6.47 6.01 -5.56
C HIS A 41 5.04 6.47 -5.84
N VAL A 42 4.38 7.05 -4.84
CA VAL A 42 3.03 7.58 -5.00
C VAL A 42 3.01 8.73 -6.01
N ARG A 43 3.91 9.71 -5.89
CA ARG A 43 4.02 10.83 -6.85
C ARG A 43 4.71 10.48 -8.18
N ARG A 44 5.32 9.29 -8.30
CA ARG A 44 5.76 8.71 -9.60
C ARG A 44 4.59 8.39 -10.54
N ASN A 45 3.39 8.15 -10.01
CA ASN A 45 2.25 7.62 -10.75
C ASN A 45 1.13 8.63 -10.95
N LYS A 46 0.38 8.41 -12.03
CA LYS A 46 -0.80 9.21 -12.42
C LYS A 46 -2.01 9.01 -11.49
N LEU A 47 -2.17 7.80 -10.96
CA LEU A 47 -3.22 7.43 -9.99
C LEU A 47 -2.68 7.28 -8.55
N GLY A 48 -1.39 6.97 -8.39
CA GLY A 48 -0.70 6.85 -7.10
C GLY A 48 -0.29 5.44 -6.66
N TYR A 49 -0.23 4.48 -7.59
CA TYR A 49 -0.01 3.06 -7.29
C TYR A 49 1.37 2.74 -6.67
N VAL A 50 1.36 1.81 -5.71
CA VAL A 50 2.56 1.24 -5.06
C VAL A 50 2.39 -0.28 -4.87
N SER A 51 3.44 -1.02 -5.22
CA SER A 51 3.52 -2.49 -5.18
C SER A 51 3.28 -3.10 -3.80
N VAL A 52 2.42 -4.12 -3.72
CA VAL A 52 1.99 -4.73 -2.44
C VAL A 52 3.12 -5.53 -1.75
N LYS A 53 4.09 -6.06 -2.51
CA LYS A 53 5.29 -6.72 -1.96
C LYS A 53 6.18 -5.78 -1.14
N LEU A 54 6.14 -4.48 -1.44
CA LEU A 54 6.80 -3.43 -0.65
C LEU A 54 5.93 -3.04 0.55
N LEU A 55 4.64 -2.77 0.31
CA LEU A 55 3.71 -2.33 1.36
C LEU A 55 3.57 -3.36 2.50
N THR A 56 3.51 -4.64 2.16
CA THR A 56 3.49 -5.76 3.12
C THR A 56 4.76 -5.81 3.98
N SER A 57 5.89 -5.34 3.46
CA SER A 57 7.20 -5.41 4.11
C SER A 57 7.61 -4.10 4.81
N PHE A 58 6.65 -3.18 5.04
CA PHE A 58 6.89 -1.94 5.76
C PHE A 58 7.19 -2.14 7.24
N LYS A 59 7.75 -1.11 7.89
CA LYS A 59 8.38 -1.19 9.21
C LYS A 59 7.42 -1.59 10.34
N LYS A 60 6.15 -1.21 10.22
CA LYS A 60 5.04 -1.74 11.05
C LYS A 60 4.48 -3.06 10.51
N VAL A 61 4.15 -3.10 9.21
CA VAL A 61 3.41 -4.24 8.60
C VAL A 61 4.13 -5.57 8.77
N LYS A 62 5.47 -5.58 8.70
CA LYS A 62 6.32 -6.74 8.96
C LYS A 62 6.09 -7.42 10.31
N HIS A 63 5.62 -6.69 11.32
CA HIS A 63 5.27 -7.29 12.61
C HIS A 63 4.09 -8.28 12.49
N LEU A 64 3.18 -8.06 11.53
CA LEU A 64 1.99 -8.87 11.29
C LEU A 64 2.19 -9.87 10.13
N THR A 65 2.78 -9.43 9.00
CA THR A 65 2.78 -10.14 7.70
C THR A 65 3.93 -9.68 6.81
N ARG A 66 4.48 -10.58 5.96
CA ARG A 66 5.46 -10.31 4.89
C ARG A 66 5.10 -11.08 3.62
N ASP A 67 3.86 -10.89 3.15
CA ASP A 67 3.29 -11.59 1.99
C ASP A 67 2.27 -10.71 1.28
N TRP A 68 2.56 -10.41 0.01
CA TRP A 68 1.74 -9.53 -0.82
C TRP A 68 0.30 -10.03 -0.93
N ARG A 69 0.08 -11.34 -0.99
CA ARG A 69 -1.26 -11.96 -1.02
C ARG A 69 -2.05 -11.63 0.25
N THR A 70 -1.42 -11.83 1.40
CA THR A 70 -2.04 -11.63 2.71
C THR A 70 -2.40 -10.16 2.93
N THR A 71 -1.50 -9.22 2.61
CA THR A 71 -1.87 -7.79 2.54
C THR A 71 -2.94 -7.50 1.48
N ALA A 72 -2.85 -8.10 0.28
CA ALA A 72 -3.80 -7.91 -0.83
C ALA A 72 -5.25 -8.22 -0.44
N HIS A 73 -5.51 -9.29 0.33
CA HIS A 73 -6.84 -9.52 0.90
C HIS A 73 -7.36 -8.33 1.74
N ALA A 74 -6.51 -7.74 2.58
CA ALA A 74 -6.86 -6.57 3.39
C ALA A 74 -7.14 -5.31 2.56
N LEU A 75 -6.53 -5.18 1.36
CA LEU A 75 -6.79 -4.04 0.45
C LEU A 75 -8.25 -3.95 -0.03
N LYS A 76 -8.98 -5.06 -0.01
CA LYS A 76 -10.42 -5.13 -0.30
C LYS A 76 -11.28 -4.37 0.73
N TYR A 77 -10.81 -4.31 1.98
CA TYR A 77 -11.52 -3.71 3.11
C TYR A 77 -11.19 -2.21 3.28
N SER A 78 -10.18 -1.71 2.56
CA SER A 78 -9.80 -0.30 2.48
C SER A 78 -10.98 0.64 2.20
N VAL A 79 -11.00 1.76 2.93
CA VAL A 79 -12.04 2.81 2.89
C VAL A 79 -11.57 4.10 2.17
N VAL A 80 -10.28 4.22 1.88
CA VAL A 80 -9.63 5.39 1.23
C VAL A 80 -8.64 4.97 0.14
N LEU A 81 -8.55 3.68 -0.18
CA LEU A 81 -7.60 3.10 -1.13
C LEU A 81 -8.30 2.13 -2.10
N GLU A 82 -7.70 1.94 -3.27
CA GLU A 82 -8.19 1.06 -4.34
C GLU A 82 -7.07 0.13 -4.82
N LEU A 83 -7.24 -1.17 -4.59
CA LEU A 83 -6.37 -2.22 -5.12
C LEU A 83 -6.45 -2.37 -6.66
N ASN A 84 -5.39 -2.95 -7.24
CA ASN A 84 -5.29 -3.30 -8.66
C ASN A 84 -6.34 -4.33 -9.10
N GLU A 85 -6.51 -4.50 -10.41
CA GLU A 85 -7.33 -5.55 -11.01
C GLU A 85 -6.87 -6.98 -10.64
N ASP A 86 -5.56 -7.17 -10.44
CA ASP A 86 -4.94 -8.41 -9.94
C ASP A 86 -4.53 -8.31 -8.46
N HIS A 87 -4.82 -7.18 -7.80
CA HIS A 87 -4.46 -6.88 -6.40
C HIS A 87 -2.94 -6.69 -6.17
N ARG A 88 -2.14 -6.48 -7.24
CA ARG A 88 -0.65 -6.44 -7.20
C ARG A 88 -0.04 -5.10 -6.78
N LYS A 89 -0.82 -4.03 -6.89
CA LYS A 89 -0.57 -2.66 -6.40
C LYS A 89 -1.85 -2.10 -5.76
N VAL A 90 -1.72 -0.96 -5.08
CA VAL A 90 -2.85 -0.15 -4.53
C VAL A 90 -2.52 1.34 -4.60
N ARG A 91 -3.55 2.17 -4.81
CA ARG A 91 -3.48 3.64 -4.85
C ARG A 91 -4.53 4.28 -3.95
N ARG A 92 -4.25 5.48 -3.44
CA ARG A 92 -5.19 6.28 -2.64
C ARG A 92 -6.33 6.82 -3.52
N THR A 93 -7.58 6.75 -3.07
CA THR A 93 -8.78 7.21 -3.83
C THR A 93 -8.68 8.69 -4.24
N THR A 94 -8.04 9.53 -3.41
CA THR A 94 -7.66 10.91 -3.78
C THR A 94 -6.21 11.00 -4.24
N PRO A 95 -5.90 11.85 -5.24
CA PRO A 95 -4.52 12.20 -5.55
C PRO A 95 -3.85 12.81 -4.31
N VAL A 96 -2.62 12.35 -3.99
CA VAL A 96 -1.85 12.89 -2.86
C VAL A 96 -1.23 14.23 -3.27
N PRO A 97 -1.29 15.27 -2.41
CA PRO A 97 -0.75 16.59 -2.73
C PRO A 97 0.75 16.51 -3.01
N LEU A 98 1.24 17.30 -3.95
CA LEU A 98 2.68 17.44 -4.17
C LEU A 98 3.42 17.99 -2.94
N PHE A 99 4.66 17.55 -2.81
CA PHE A 99 5.62 17.88 -1.76
C PHE A 99 6.84 18.61 -2.38
N PRO A 100 7.65 19.35 -1.58
CA PRO A 100 8.79 20.13 -2.11
C PRO A 100 9.81 19.30 -2.89
N ASN A 101 10.05 18.06 -2.48
CA ASN A 101 10.97 17.14 -3.15
C ASN A 101 10.41 16.60 -4.48
N GLU A 102 9.09 16.57 -4.64
CA GLU A 102 8.40 16.14 -5.86
C GLU A 102 8.09 17.29 -6.83
N ASN A 103 8.12 18.54 -6.33
CA ASN A 103 8.03 19.76 -7.13
C ASN A 103 9.32 20.04 -7.95
N LEU A 104 10.45 19.43 -7.56
CA LEU A 104 11.68 19.36 -8.37
C LEU A 104 11.44 18.66 -9.72
N PRO A 105 12.25 18.93 -10.76
CA PRO A 105 12.10 18.31 -12.08
C PRO A 105 12.73 16.89 -12.10
N SER A 106 12.07 15.95 -11.42
CA SER A 106 12.45 14.53 -11.35
C SER A 106 11.23 13.64 -11.10
N GLY A 1 -0.65 -28.40 -15.58
CA GLY A 1 -0.76 -29.00 -14.24
C GLY A 1 -1.07 -27.96 -13.19
N GLU A 2 -0.12 -27.71 -12.28
CA GLU A 2 -0.24 -26.77 -11.15
C GLU A 2 -0.21 -25.28 -11.57
N ASP A 3 0.05 -24.99 -12.84
CA ASP A 3 0.19 -23.64 -13.43
C ASP A 3 -1.00 -22.71 -13.20
N LEU A 4 -2.19 -23.31 -13.07
CA LEU A 4 -3.48 -22.64 -12.89
C LEU A 4 -4.05 -22.69 -11.46
N GLU A 5 -3.24 -23.13 -10.50
CA GLU A 5 -3.57 -23.16 -9.06
C GLU A 5 -3.20 -21.83 -8.37
N GLN A 6 -3.66 -20.71 -8.96
CA GLN A 6 -3.24 -19.35 -8.62
C GLN A 6 -4.12 -18.74 -7.51
N GLU A 7 -4.01 -19.31 -6.31
CA GLU A 7 -4.78 -18.94 -5.10
C GLU A 7 -4.02 -19.29 -3.80
N TRP A 8 -4.51 -18.79 -2.66
CA TRP A 8 -4.00 -19.06 -1.32
C TRP A 8 -5.09 -18.86 -0.25
N LYS A 9 -4.77 -19.13 1.02
CA LYS A 9 -5.69 -18.93 2.16
C LYS A 9 -5.50 -17.53 2.80
N PRO A 10 -6.46 -16.59 2.64
CA PRO A 10 -6.33 -15.25 3.20
C PRO A 10 -6.37 -15.18 4.74
N PRO A 11 -5.90 -14.06 5.31
CA PRO A 11 -5.91 -13.81 6.76
C PRO A 11 -7.31 -13.69 7.36
N ASP A 12 -7.37 -13.83 8.69
CA ASP A 12 -8.52 -13.52 9.53
C ASP A 12 -8.77 -12.01 9.65
N GLU A 13 -10.00 -11.62 9.98
CA GLU A 13 -10.44 -10.23 10.17
C GLU A 13 -9.51 -9.43 11.09
N GLU A 14 -9.06 -10.01 12.20
CA GLU A 14 -8.20 -9.33 13.18
C GLU A 14 -6.81 -8.95 12.63
N LEU A 15 -6.23 -9.79 11.76
CA LEU A 15 -5.03 -9.45 10.98
C LEU A 15 -5.32 -8.36 9.94
N ILE A 16 -6.44 -8.48 9.21
CA ILE A 16 -6.90 -7.50 8.23
C ILE A 16 -7.02 -6.09 8.83
N LYS A 17 -7.58 -5.94 10.03
CA LYS A 17 -7.66 -4.66 10.76
C LYS A 17 -6.29 -3.99 10.89
N LYS A 18 -5.26 -4.73 11.30
CA LYS A 18 -3.88 -4.26 11.47
C LYS A 18 -3.26 -3.89 10.11
N LEU A 19 -3.35 -4.77 9.12
CA LEU A 19 -2.88 -4.53 7.75
C LEU A 19 -3.52 -3.26 7.16
N VAL A 20 -4.85 -3.19 7.06
CA VAL A 20 -5.57 -2.03 6.47
C VAL A 20 -5.26 -0.74 7.23
N ASP A 21 -5.16 -0.79 8.56
CA ASP A 21 -4.85 0.38 9.40
C ASP A 21 -3.45 0.97 9.09
N GLN A 22 -2.44 0.10 8.87
CA GLN A 22 -1.12 0.55 8.42
C GLN A 22 -1.19 1.17 7.02
N ILE A 23 -1.69 0.43 6.02
CA ILE A 23 -1.66 0.91 4.63
C ILE A 23 -2.46 2.21 4.44
N GLU A 24 -3.56 2.36 5.17
CA GLU A 24 -4.36 3.59 5.26
C GLU A 24 -3.52 4.82 5.64
N PHE A 25 -2.86 4.79 6.80
CA PHE A 25 -1.99 5.91 7.22
C PHE A 25 -0.74 6.05 6.33
N TYR A 26 -0.27 4.97 5.71
CA TYR A 26 0.90 5.01 4.83
C TYR A 26 0.69 5.93 3.62
N PHE A 27 -0.51 5.97 3.06
CA PHE A 27 -0.86 6.94 2.00
C PHE A 27 -1.30 8.32 2.53
N SER A 28 -1.56 8.50 3.82
CA SER A 28 -1.87 9.82 4.41
C SER A 28 -0.68 10.78 4.38
N ASP A 29 -0.98 12.07 4.24
CA ASP A 29 0.02 13.15 4.14
C ASP A 29 1.01 13.14 5.32
N GLU A 30 0.56 12.74 6.52
CA GLU A 30 1.37 12.66 7.74
C GLU A 30 2.49 11.60 7.69
N ASN A 31 2.29 10.49 6.98
CA ASN A 31 3.38 9.56 6.65
C ASN A 31 4.26 10.13 5.52
N LEU A 32 3.65 10.62 4.45
CA LEU A 32 4.36 11.13 3.27
C LEU A 32 5.38 12.24 3.61
N GLU A 33 5.07 13.08 4.61
CA GLU A 33 5.98 14.12 5.10
C GLU A 33 7.34 13.57 5.62
N LYS A 34 7.34 12.37 6.21
CA LYS A 34 8.53 11.71 6.80
C LYS A 34 9.09 10.55 5.94
N ASP A 35 8.27 9.87 5.15
CA ASP A 35 8.67 8.77 4.26
C ASP A 35 8.74 9.27 2.80
N ALA A 36 9.83 9.97 2.49
CA ALA A 36 10.12 10.53 1.17
C ALA A 36 10.21 9.44 0.08
N PHE A 37 10.68 8.24 0.45
CA PHE A 37 10.67 7.04 -0.37
C PHE A 37 9.26 6.65 -0.87
N LEU A 38 8.30 6.48 0.04
CA LEU A 38 6.91 6.11 -0.32
C LEU A 38 6.21 7.24 -1.06
N LEU A 39 6.43 8.48 -0.61
CA LEU A 39 6.04 9.72 -1.31
C LEU A 39 6.52 9.72 -2.77
N LYS A 40 7.76 9.31 -3.05
CA LYS A 40 8.28 9.20 -4.42
C LYS A 40 7.45 8.23 -5.27
N HIS A 41 7.22 7.00 -4.81
CA HIS A 41 6.43 6.00 -5.55
C HIS A 41 4.98 6.44 -5.83
N VAL A 42 4.28 6.97 -4.82
CA VAL A 42 2.91 7.47 -5.01
C VAL A 42 2.86 8.67 -5.98
N ARG A 43 3.84 9.59 -5.91
CA ARG A 43 4.00 10.71 -6.86
C ARG A 43 4.46 10.28 -8.26
N ARG A 44 5.15 9.14 -8.39
CA ARG A 44 5.65 8.57 -9.67
C ARG A 44 4.54 8.21 -10.64
N ASN A 45 3.38 7.82 -10.11
CA ASN A 45 2.27 7.26 -10.89
C ASN A 45 1.18 8.27 -11.23
N LYS A 46 0.53 8.01 -12.36
CA LYS A 46 -0.66 8.74 -12.84
C LYS A 46 -1.85 8.67 -11.87
N LEU A 47 -2.04 7.51 -11.21
CA LEU A 47 -3.15 7.26 -10.26
C LEU A 47 -2.68 7.12 -8.80
N GLY A 48 -1.40 6.77 -8.58
CA GLY A 48 -0.75 6.65 -7.27
C GLY A 48 -0.34 5.23 -6.83
N TYR A 49 -0.28 4.26 -7.76
CA TYR A 49 -0.04 2.85 -7.42
C TYR A 49 1.33 2.57 -6.81
N VAL A 50 1.33 1.69 -5.80
CA VAL A 50 2.54 1.16 -5.11
C VAL A 50 2.38 -0.34 -4.88
N SER A 51 3.43 -1.10 -5.24
CA SER A 51 3.49 -2.57 -5.18
C SER A 51 3.26 -3.15 -3.79
N VAL A 52 2.40 -4.18 -3.69
CA VAL A 52 1.99 -4.74 -2.39
C VAL A 52 3.12 -5.54 -1.71
N LYS A 53 4.09 -6.08 -2.47
CA LYS A 53 5.30 -6.72 -1.92
C LYS A 53 6.18 -5.77 -1.10
N LEU A 54 6.16 -4.47 -1.42
CA LEU A 54 6.82 -3.42 -0.65
C LEU A 54 5.97 -2.99 0.55
N LEU A 55 4.67 -2.75 0.32
CA LEU A 55 3.74 -2.31 1.37
C LEU A 55 3.63 -3.34 2.52
N THR A 56 3.61 -4.64 2.20
CA THR A 56 3.60 -5.72 3.20
C THR A 56 4.90 -5.76 4.01
N SER A 57 6.02 -5.32 3.44
CA SER A 57 7.34 -5.39 4.11
C SER A 57 7.73 -4.06 4.80
N PHE A 58 6.78 -3.13 4.97
CA PHE A 58 6.98 -1.88 5.71
C PHE A 58 7.23 -2.10 7.21
N LYS A 59 7.74 -1.06 7.87
CA LYS A 59 8.41 -1.17 9.18
C LYS A 59 7.45 -1.58 10.30
N LYS A 60 6.18 -1.16 10.21
CA LYS A 60 5.08 -1.68 11.04
C LYS A 60 4.55 -3.03 10.51
N VAL A 61 4.22 -3.10 9.21
CA VAL A 61 3.48 -4.25 8.63
C VAL A 61 4.22 -5.58 8.80
N LYS A 62 5.56 -5.55 8.72
CA LYS A 62 6.43 -6.72 8.97
C LYS A 62 6.22 -7.38 10.33
N HIS A 63 5.75 -6.65 11.33
CA HIS A 63 5.41 -7.25 12.63
C HIS A 63 4.24 -8.24 12.53
N LEU A 64 3.31 -8.02 11.58
CA LEU A 64 2.13 -8.85 11.34
C LEU A 64 2.34 -9.86 10.20
N THR A 65 2.87 -9.42 9.05
CA THR A 65 2.87 -10.14 7.75
C THR A 65 4.00 -9.66 6.84
N ARG A 66 4.54 -10.55 6.00
CA ARG A 66 5.52 -10.27 4.92
C ARG A 66 5.13 -11.04 3.64
N ASP A 67 3.89 -10.84 3.19
CA ASP A 67 3.29 -11.53 2.05
C ASP A 67 2.27 -10.64 1.34
N TRP A 68 2.55 -10.38 0.07
CA TRP A 68 1.75 -9.51 -0.78
C TRP A 68 0.31 -10.01 -0.89
N ARG A 69 0.08 -11.33 -0.96
CA ARG A 69 -1.25 -11.95 -1.01
C ARG A 69 -2.05 -11.63 0.23
N THR A 70 -1.43 -11.82 1.39
CA THR A 70 -2.06 -11.63 2.70
C THR A 70 -2.43 -10.15 2.92
N THR A 71 -1.57 -9.21 2.52
CA THR A 71 -1.94 -7.77 2.49
C THR A 71 -2.95 -7.45 1.40
N ALA A 72 -2.89 -8.09 0.22
CA ALA A 72 -3.82 -7.91 -0.90
C ALA A 72 -5.28 -8.19 -0.52
N HIS A 73 -5.54 -9.26 0.26
CA HIS A 73 -6.87 -9.48 0.85
C HIS A 73 -7.36 -8.29 1.68
N ALA A 74 -6.49 -7.71 2.53
CA ALA A 74 -6.82 -6.56 3.37
C ALA A 74 -7.12 -5.29 2.56
N LEU A 75 -6.56 -5.13 1.35
CA LEU A 75 -6.86 -4.00 0.45
C LEU A 75 -8.34 -3.90 0.07
N LYS A 76 -9.05 -5.04 0.05
CA LYS A 76 -10.49 -5.09 -0.22
C LYS A 76 -11.34 -4.35 0.83
N TYR A 77 -10.82 -4.26 2.05
CA TYR A 77 -11.48 -3.64 3.21
C TYR A 77 -11.08 -2.17 3.39
N SER A 78 -10.08 -1.68 2.64
CA SER A 78 -9.71 -0.26 2.57
C SER A 78 -10.90 0.65 2.25
N VAL A 79 -10.98 1.75 3.00
CA VAL A 79 -12.04 2.79 2.90
C VAL A 79 -11.58 4.09 2.21
N VAL A 80 -10.28 4.20 1.90
CA VAL A 80 -9.64 5.38 1.27
C VAL A 80 -8.66 5.01 0.15
N LEU A 81 -8.50 3.72 -0.13
CA LEU A 81 -7.55 3.18 -1.12
C LEU A 81 -8.25 2.23 -2.10
N GLU A 82 -7.63 1.98 -3.25
CA GLU A 82 -8.12 1.09 -4.31
C GLU A 82 -7.01 0.14 -4.79
N LEU A 83 -7.19 -1.16 -4.58
CA LEU A 83 -6.35 -2.21 -5.18
C LEU A 83 -6.45 -2.26 -6.72
N ASN A 84 -5.39 -2.71 -7.37
CA ASN A 84 -5.34 -2.83 -8.83
C ASN A 84 -6.07 -4.10 -9.35
N GLU A 85 -6.06 -4.31 -10.66
CA GLU A 85 -6.84 -5.37 -11.35
C GLU A 85 -6.47 -6.80 -10.92
N ASP A 86 -5.23 -7.03 -10.48
CA ASP A 86 -4.72 -8.32 -9.99
C ASP A 86 -4.46 -8.32 -8.46
N HIS A 87 -4.78 -7.21 -7.77
CA HIS A 87 -4.48 -6.94 -6.36
C HIS A 87 -2.95 -6.82 -6.09
N ARG A 88 -2.14 -6.60 -7.13
CA ARG A 88 -0.65 -6.53 -7.09
C ARG A 88 -0.11 -5.17 -6.66
N LYS A 89 -0.92 -4.12 -6.78
CA LYS A 89 -0.64 -2.73 -6.37
C LYS A 89 -1.88 -2.10 -5.72
N VAL A 90 -1.72 -0.98 -5.03
CA VAL A 90 -2.81 -0.15 -4.47
C VAL A 90 -2.48 1.34 -4.59
N ARG A 91 -3.52 2.16 -4.82
CA ARG A 91 -3.44 3.64 -4.91
C ARG A 91 -4.45 4.32 -3.99
N ARG A 92 -4.13 5.53 -3.53
CA ARG A 92 -5.03 6.38 -2.73
C ARG A 92 -6.20 6.88 -3.60
N THR A 93 -7.44 6.79 -3.10
CA THR A 93 -8.63 7.27 -3.84
C THR A 93 -8.55 8.76 -4.23
N THR A 94 -7.93 9.57 -3.38
CA THR A 94 -7.70 11.01 -3.60
C THR A 94 -6.34 11.30 -4.23
N PRO A 95 -6.22 12.41 -4.99
CA PRO A 95 -4.93 12.97 -5.37
C PRO A 95 -4.06 13.23 -4.13
N VAL A 96 -2.75 12.94 -4.22
CA VAL A 96 -1.76 13.34 -3.22
C VAL A 96 -1.27 14.74 -3.56
N PRO A 97 -1.49 15.76 -2.71
CA PRO A 97 -1.00 17.13 -2.95
C PRO A 97 0.54 17.14 -3.00
N LEU A 98 1.10 18.00 -3.84
CA LEU A 98 2.55 18.15 -3.95
C LEU A 98 3.17 18.64 -2.64
N PHE A 99 4.36 18.09 -2.33
CA PHE A 99 5.18 18.41 -1.18
C PHE A 99 6.30 19.43 -1.55
N PRO A 100 6.91 20.12 -0.58
CA PRO A 100 7.99 21.09 -0.84
C PRO A 100 9.18 20.52 -1.62
N ASN A 101 9.49 19.24 -1.40
CA ASN A 101 10.56 18.53 -2.12
C ASN A 101 10.22 18.26 -3.60
N GLU A 102 8.93 18.15 -3.93
CA GLU A 102 8.43 18.02 -5.30
C GLU A 102 8.45 19.37 -6.07
N ASN A 103 8.28 20.47 -5.34
CA ASN A 103 8.28 21.84 -5.87
C ASN A 103 9.68 22.38 -6.27
N LEU A 104 10.76 21.71 -5.86
CA LEU A 104 12.15 22.09 -6.18
C LEU A 104 12.42 22.11 -7.71
N PRO A 105 13.30 23.02 -8.21
CA PRO A 105 13.71 23.05 -9.62
C PRO A 105 14.28 21.72 -10.14
N SER A 106 13.96 21.39 -11.40
CA SER A 106 14.39 20.18 -12.12
C SER A 106 14.50 20.41 -13.63
N GLY A 1 5.53 -21.64 3.79
CA GLY A 1 6.66 -22.48 3.32
C GLY A 1 6.94 -22.22 1.85
N GLU A 2 6.92 -23.28 1.03
CA GLU A 2 7.14 -23.24 -0.43
C GLU A 2 5.90 -22.81 -1.24
N ASP A 3 4.77 -22.56 -0.57
CA ASP A 3 3.45 -22.27 -1.12
C ASP A 3 3.28 -20.77 -1.43
N LEU A 4 3.99 -20.29 -2.45
CA LEU A 4 3.93 -18.92 -3.00
C LEU A 4 2.99 -18.80 -4.23
N GLU A 5 2.14 -19.80 -4.41
CA GLU A 5 1.11 -19.89 -5.48
C GLU A 5 0.13 -18.70 -5.51
N GLN A 6 -0.47 -18.46 -6.69
CA GLN A 6 -1.40 -17.34 -6.94
C GLN A 6 -2.83 -17.55 -6.38
N GLU A 7 -3.03 -18.65 -5.68
CA GLU A 7 -4.17 -18.91 -4.79
C GLU A 7 -3.64 -19.29 -3.40
N TRP A 8 -4.33 -18.86 -2.35
CA TRP A 8 -3.86 -19.07 -0.98
C TRP A 8 -4.99 -18.85 0.06
N LYS A 9 -4.65 -19.03 1.34
CA LYS A 9 -5.53 -18.82 2.49
C LYS A 9 -5.40 -17.40 3.07
N PRO A 10 -6.38 -16.51 2.88
CA PRO A 10 -6.30 -15.14 3.40
C PRO A 10 -6.37 -15.03 4.93
N PRO A 11 -5.91 -13.89 5.49
CA PRO A 11 -5.94 -13.60 6.92
C PRO A 11 -7.37 -13.47 7.48
N ASP A 12 -7.46 -13.62 8.80
CA ASP A 12 -8.66 -13.33 9.59
C ASP A 12 -8.95 -11.82 9.68
N GLU A 13 -10.22 -11.47 9.91
CA GLU A 13 -10.71 -10.10 10.15
C GLU A 13 -9.84 -9.31 11.15
N GLU A 14 -9.47 -9.95 12.27
CA GLU A 14 -8.70 -9.31 13.34
C GLU A 14 -7.23 -9.05 12.99
N LEU A 15 -6.67 -9.74 11.98
CA LEU A 15 -5.37 -9.42 11.40
C LEU A 15 -5.50 -8.28 10.37
N ILE A 16 -6.49 -8.39 9.48
CA ILE A 16 -6.87 -7.35 8.50
C ILE A 16 -7.01 -5.97 9.15
N LYS A 17 -7.65 -5.86 10.31
CA LYS A 17 -7.83 -4.61 11.07
C LYS A 17 -6.52 -3.88 11.41
N LYS A 18 -5.41 -4.61 11.64
CA LYS A 18 -4.06 -4.02 11.74
C LYS A 18 -3.46 -3.75 10.36
N LEU A 19 -3.47 -4.74 9.46
CA LEU A 19 -2.88 -4.66 8.11
C LEU A 19 -3.43 -3.44 7.34
N VAL A 20 -4.76 -3.38 7.13
CA VAL A 20 -5.45 -2.24 6.50
C VAL A 20 -5.11 -0.91 7.17
N ASP A 21 -5.09 -0.86 8.50
CA ASP A 21 -4.84 0.37 9.26
C ASP A 21 -3.44 0.95 8.99
N GLN A 22 -2.43 0.08 8.84
CA GLN A 22 -1.11 0.50 8.36
C GLN A 22 -1.18 1.10 6.95
N ILE A 23 -1.67 0.34 5.97
CA ILE A 23 -1.62 0.75 4.56
C ILE A 23 -2.40 2.05 4.30
N GLU A 24 -3.53 2.23 4.98
CA GLU A 24 -4.34 3.45 4.93
C GLU A 24 -3.55 4.70 5.40
N PHE A 25 -2.95 4.67 6.59
CA PHE A 25 -2.10 5.77 7.05
C PHE A 25 -0.81 5.92 6.22
N TYR A 26 -0.31 4.85 5.59
CA TYR A 26 0.85 4.89 4.69
C TYR A 26 0.62 5.72 3.43
N PHE A 27 -0.62 6.08 3.08
CA PHE A 27 -0.90 7.07 2.04
C PHE A 27 -1.42 8.44 2.58
N SER A 28 -1.55 8.63 3.90
CA SER A 28 -1.97 9.91 4.50
C SER A 28 -0.84 10.94 4.54
N ASP A 29 -1.15 12.21 4.29
CA ASP A 29 -0.18 13.33 4.17
C ASP A 29 0.82 13.39 5.37
N GLU A 30 0.34 13.00 6.55
CA GLU A 30 1.10 12.93 7.81
C GLU A 30 2.28 11.94 7.79
N ASN A 31 2.16 10.81 7.09
CA ASN A 31 3.28 9.88 6.85
C ASN A 31 4.12 10.32 5.64
N LEU A 32 3.48 10.81 4.58
CA LEU A 32 4.16 11.22 3.34
C LEU A 32 5.23 12.30 3.58
N GLU A 33 4.99 13.18 4.55
CA GLU A 33 5.93 14.24 4.98
C GLU A 33 7.29 13.70 5.47
N LYS A 34 7.30 12.51 6.07
CA LYS A 34 8.47 11.86 6.70
C LYS A 34 8.95 10.59 5.97
N ASP A 35 8.06 9.90 5.26
CA ASP A 35 8.34 8.73 4.43
C ASP A 35 8.54 9.15 2.97
N ALA A 36 9.65 9.87 2.74
CA ALA A 36 10.00 10.48 1.45
C ALA A 36 10.17 9.41 0.34
N PHE A 37 10.66 8.22 0.72
CA PHE A 37 10.71 7.02 -0.12
C PHE A 37 9.33 6.63 -0.69
N LEU A 38 8.32 6.45 0.18
CA LEU A 38 6.96 6.08 -0.25
C LEU A 38 6.30 7.21 -1.05
N LEU A 39 6.47 8.45 -0.58
CA LEU A 39 6.09 9.68 -1.28
C LEU A 39 6.60 9.69 -2.73
N LYS A 40 7.85 9.29 -2.98
CA LYS A 40 8.44 9.21 -4.34
C LYS A 40 7.66 8.25 -5.25
N HIS A 41 7.32 7.04 -4.78
CA HIS A 41 6.54 6.07 -5.58
C HIS A 41 5.08 6.48 -5.85
N VAL A 42 4.39 7.01 -4.83
CA VAL A 42 3.01 7.51 -5.01
C VAL A 42 2.98 8.72 -5.96
N ARG A 43 3.96 9.63 -5.87
CA ARG A 43 4.13 10.77 -6.79
C ARG A 43 4.56 10.37 -8.22
N ARG A 44 5.28 9.24 -8.38
CA ARG A 44 5.69 8.69 -9.68
C ARG A 44 4.51 8.32 -10.59
N ASN A 45 3.36 7.97 -10.01
CA ASN A 45 2.19 7.47 -10.74
C ASN A 45 1.12 8.54 -10.96
N LYS A 46 0.44 8.39 -12.10
CA LYS A 46 -0.74 9.20 -12.47
C LYS A 46 -1.94 8.98 -11.52
N LEU A 47 -2.09 7.75 -11.02
CA LEU A 47 -3.18 7.33 -10.12
C LEU A 47 -2.72 7.15 -8.66
N GLY A 48 -1.41 6.88 -8.46
CA GLY A 48 -0.76 6.75 -7.14
C GLY A 48 -0.36 5.32 -6.73
N TYR A 49 -0.29 4.38 -7.67
CA TYR A 49 -0.04 2.97 -7.38
C TYR A 49 1.35 2.68 -6.79
N VAL A 50 1.38 1.79 -5.80
CA VAL A 50 2.60 1.24 -5.17
C VAL A 50 2.45 -0.28 -4.97
N SER A 51 3.49 -1.02 -5.35
CA SER A 51 3.55 -2.51 -5.31
C SER A 51 3.28 -3.10 -3.93
N VAL A 52 2.42 -4.12 -3.86
CA VAL A 52 2.00 -4.72 -2.57
C VAL A 52 3.11 -5.50 -1.86
N LYS A 53 4.09 -6.05 -2.61
CA LYS A 53 5.29 -6.71 -2.05
C LYS A 53 6.18 -5.78 -1.22
N LEU A 54 6.20 -4.49 -1.56
CA LEU A 54 6.87 -3.44 -0.77
C LEU A 54 6.02 -3.05 0.45
N LEU A 55 4.73 -2.79 0.23
CA LEU A 55 3.82 -2.34 1.28
C LEU A 55 3.67 -3.36 2.42
N THR A 56 3.62 -4.66 2.10
CA THR A 56 3.62 -5.74 3.09
C THR A 56 4.93 -5.78 3.91
N SER A 57 6.05 -5.35 3.32
CA SER A 57 7.37 -5.44 3.95
C SER A 57 7.80 -4.13 4.64
N PHE A 58 6.86 -3.20 4.85
CA PHE A 58 7.08 -1.98 5.63
C PHE A 58 7.36 -2.27 7.11
N LYS A 59 7.99 -1.31 7.77
CA LYS A 59 8.65 -1.46 9.07
C LYS A 59 7.68 -1.80 10.22
N LYS A 60 6.44 -1.30 10.13
CA LYS A 60 5.31 -1.74 10.97
C LYS A 60 4.64 -3.01 10.45
N VAL A 61 4.36 -3.10 9.15
CA VAL A 61 3.57 -4.19 8.55
C VAL A 61 4.23 -5.55 8.73
N LYS A 62 5.57 -5.61 8.66
CA LYS A 62 6.38 -6.83 8.92
C LYS A 62 6.12 -7.48 10.28
N HIS A 63 5.68 -6.72 11.28
CA HIS A 63 5.29 -7.29 12.57
C HIS A 63 4.06 -8.23 12.46
N LEU A 64 3.18 -7.99 11.48
CA LEU A 64 2.00 -8.79 11.16
C LEU A 64 2.28 -9.79 10.02
N THR A 65 2.82 -9.30 8.90
CA THR A 65 2.74 -9.95 7.57
C THR A 65 3.93 -9.57 6.67
N ARG A 66 4.42 -10.52 5.85
CA ARG A 66 5.44 -10.30 4.79
C ARG A 66 5.05 -11.07 3.51
N ASP A 67 3.82 -10.85 3.05
CA ASP A 67 3.22 -11.52 1.90
C ASP A 67 2.21 -10.61 1.20
N TRP A 68 2.49 -10.36 -0.09
CA TRP A 68 1.68 -9.50 -0.94
C TRP A 68 0.23 -9.98 -1.04
N ARG A 69 0.00 -11.30 -1.01
CA ARG A 69 -1.34 -11.91 -1.03
C ARG A 69 -2.12 -11.59 0.24
N THR A 70 -1.48 -11.79 1.39
CA THR A 70 -2.11 -11.56 2.71
C THR A 70 -2.47 -10.08 2.90
N THR A 71 -1.59 -9.17 2.46
CA THR A 71 -1.93 -7.74 2.34
C THR A 71 -3.02 -7.48 1.30
N ALA A 72 -2.97 -8.11 0.11
CA ALA A 72 -3.96 -7.97 -0.95
C ALA A 72 -5.40 -8.25 -0.51
N HIS A 73 -5.63 -9.29 0.30
CA HIS A 73 -6.94 -9.49 0.93
C HIS A 73 -7.40 -8.29 1.76
N ALA A 74 -6.51 -7.70 2.57
CA ALA A 74 -6.80 -6.53 3.40
C ALA A 74 -7.14 -5.27 2.56
N LEU A 75 -6.58 -5.14 1.35
CA LEU A 75 -6.88 -4.03 0.42
C LEU A 75 -8.37 -3.93 0.04
N LYS A 76 -9.10 -5.06 0.06
CA LYS A 76 -10.54 -5.14 -0.18
C LYS A 76 -11.37 -4.39 0.88
N TYR A 77 -10.84 -4.30 2.10
CA TYR A 77 -11.48 -3.67 3.26
C TYR A 77 -11.07 -2.19 3.43
N SER A 78 -10.05 -1.73 2.71
CA SER A 78 -9.68 -0.32 2.62
C SER A 78 -10.86 0.58 2.25
N VAL A 79 -11.01 1.69 2.97
CA VAL A 79 -12.07 2.70 2.80
C VAL A 79 -11.55 4.03 2.21
N VAL A 80 -10.23 4.14 1.98
CA VAL A 80 -9.54 5.31 1.40
C VAL A 80 -8.60 4.94 0.25
N LEU A 81 -8.44 3.65 -0.06
CA LEU A 81 -7.55 3.13 -1.09
C LEU A 81 -8.29 2.19 -2.06
N GLU A 82 -7.67 1.89 -3.20
CA GLU A 82 -8.19 1.02 -4.25
C GLU A 82 -7.09 0.06 -4.75
N LEU A 83 -7.31 -1.26 -4.62
CA LEU A 83 -6.46 -2.28 -5.22
C LEU A 83 -6.42 -2.23 -6.77
N ASN A 84 -5.28 -2.68 -7.31
CA ASN A 84 -5.05 -3.02 -8.71
C ASN A 84 -6.00 -4.14 -9.19
N GLU A 85 -6.24 -4.24 -10.49
CA GLU A 85 -7.16 -5.20 -11.11
C GLU A 85 -6.80 -6.69 -10.85
N ASP A 86 -5.52 -6.99 -10.65
CA ASP A 86 -4.99 -8.31 -10.24
C ASP A 86 -4.35 -8.26 -8.82
N HIS A 87 -4.61 -7.17 -8.08
CA HIS A 87 -4.19 -6.92 -6.69
C HIS A 87 -2.66 -6.72 -6.54
N ARG A 88 -1.94 -6.42 -7.63
CA ARG A 88 -0.46 -6.32 -7.67
C ARG A 88 0.09 -5.04 -7.04
N LYS A 89 -0.74 -4.00 -6.98
CA LYS A 89 -0.48 -2.65 -6.44
C LYS A 89 -1.75 -2.13 -5.72
N VAL A 90 -1.63 -1.01 -5.03
CA VAL A 90 -2.74 -0.20 -4.47
C VAL A 90 -2.44 1.29 -4.58
N ARG A 91 -3.49 2.09 -4.81
CA ARG A 91 -3.44 3.56 -4.86
C ARG A 91 -4.45 4.21 -3.93
N ARG A 92 -4.12 5.39 -3.40
CA ARG A 92 -5.04 6.22 -2.61
C ARG A 92 -6.18 6.74 -3.50
N THR A 93 -7.43 6.69 -3.03
CA THR A 93 -8.63 7.13 -3.78
C THR A 93 -8.52 8.57 -4.31
N THR A 94 -7.86 9.46 -3.56
CA THR A 94 -7.47 10.81 -4.00
C THR A 94 -6.01 10.90 -4.41
N PRO A 95 -5.67 11.69 -5.44
CA PRO A 95 -4.28 12.08 -5.71
C PRO A 95 -3.68 12.76 -4.46
N VAL A 96 -2.46 12.39 -4.08
CA VAL A 96 -1.80 12.95 -2.89
C VAL A 96 -1.26 14.34 -3.21
N PRO A 97 -1.45 15.33 -2.32
CA PRO A 97 -1.00 16.70 -2.57
C PRO A 97 0.52 16.74 -2.75
N LEU A 98 1.00 17.60 -3.65
CA LEU A 98 2.43 17.86 -3.79
C LEU A 98 3.08 18.37 -2.49
N PHE A 99 4.35 17.98 -2.32
CA PHE A 99 5.23 18.34 -1.22
C PHE A 99 6.34 19.30 -1.72
N PRO A 100 6.96 20.11 -0.85
CA PRO A 100 7.92 21.16 -1.26
C PRO A 100 9.11 20.65 -2.07
N ASN A 101 9.63 19.46 -1.74
CA ASN A 101 10.73 18.81 -2.45
C ASN A 101 10.31 18.22 -3.82
N GLU A 102 9.02 17.94 -4.03
CA GLU A 102 8.46 17.48 -5.29
C GLU A 102 8.14 18.65 -6.24
N ASN A 103 7.48 19.69 -5.71
CA ASN A 103 7.19 20.94 -6.41
C ASN A 103 8.47 21.72 -6.79
N LEU A 104 9.43 21.74 -5.86
CA LEU A 104 10.64 22.58 -5.78
C LEU A 104 10.32 23.98 -5.21
N PRO A 105 11.23 24.60 -4.42
CA PRO A 105 11.03 25.93 -3.87
C PRO A 105 11.05 27.02 -4.95
N SER A 106 10.26 28.09 -4.74
CA SER A 106 10.14 29.27 -5.61
C SER A 106 9.75 30.55 -4.85
N GLY A 1 13.19 -17.47 -8.21
CA GLY A 1 12.13 -16.44 -8.30
C GLY A 1 11.21 -16.47 -7.08
N GLU A 2 9.94 -16.10 -7.27
CA GLU A 2 8.90 -16.17 -6.23
C GLU A 2 8.71 -17.60 -5.67
N ASP A 3 8.42 -17.71 -4.36
CA ASP A 3 8.24 -18.98 -3.62
C ASP A 3 6.84 -19.15 -3.01
N LEU A 4 6.06 -18.07 -2.98
CA LEU A 4 4.64 -18.06 -2.61
C LEU A 4 3.80 -18.76 -3.72
N GLU A 5 2.97 -19.72 -3.34
CA GLU A 5 2.12 -20.47 -4.27
C GLU A 5 0.98 -19.62 -4.87
N GLN A 6 0.60 -19.90 -6.13
CA GLN A 6 -0.52 -19.27 -6.83
C GLN A 6 -1.88 -19.74 -6.25
N GLU A 7 -2.75 -18.78 -5.91
CA GLU A 7 -3.92 -18.92 -5.02
C GLU A 7 -3.48 -19.18 -3.57
N TRP A 8 -4.21 -18.70 -2.57
CA TRP A 8 -3.80 -18.88 -1.18
C TRP A 8 -4.94 -18.70 -0.17
N LYS A 9 -4.60 -18.85 1.12
CA LYS A 9 -5.49 -18.76 2.26
C LYS A 9 -5.41 -17.36 2.93
N PRO A 10 -6.40 -16.47 2.77
CA PRO A 10 -6.34 -15.11 3.29
C PRO A 10 -6.38 -15.02 4.83
N PRO A 11 -5.95 -13.88 5.39
CA PRO A 11 -5.91 -13.61 6.83
C PRO A 11 -7.30 -13.54 7.49
N ASP A 12 -7.29 -13.65 8.81
CA ASP A 12 -8.43 -13.38 9.70
C ASP A 12 -8.73 -11.88 9.81
N GLU A 13 -9.98 -11.54 10.16
CA GLU A 13 -10.49 -10.17 10.29
C GLU A 13 -9.57 -9.27 11.14
N GLU A 14 -9.08 -9.74 12.28
CA GLU A 14 -8.24 -8.92 13.17
C GLU A 14 -6.81 -8.68 12.65
N LEU A 15 -6.26 -9.58 11.84
CA LEU A 15 -5.03 -9.30 11.07
C LEU A 15 -5.31 -8.24 9.99
N ILE A 16 -6.42 -8.36 9.27
CA ILE A 16 -6.90 -7.39 8.28
C ILE A 16 -7.01 -5.98 8.87
N LYS A 17 -7.57 -5.83 10.08
CA LYS A 17 -7.62 -4.54 10.82
C LYS A 17 -6.25 -3.88 10.91
N LYS A 18 -5.23 -4.64 11.34
CA LYS A 18 -3.84 -4.18 11.46
C LYS A 18 -3.22 -3.83 10.10
N LEU A 19 -3.32 -4.73 9.12
CA LEU A 19 -2.87 -4.50 7.73
C LEU A 19 -3.47 -3.23 7.12
N VAL A 20 -4.80 -3.14 7.02
CA VAL A 20 -5.49 -1.97 6.44
C VAL A 20 -5.15 -0.68 7.19
N ASP A 21 -5.07 -0.72 8.52
CA ASP A 21 -4.76 0.44 9.35
C ASP A 21 -3.37 1.02 9.03
N GLN A 22 -2.37 0.16 8.83
CA GLN A 22 -1.05 0.58 8.37
C GLN A 22 -1.10 1.21 6.98
N ILE A 23 -1.61 0.50 5.96
CA ILE A 23 -1.54 0.97 4.57
C ILE A 23 -2.31 2.29 4.36
N GLU A 24 -3.43 2.48 5.06
CA GLU A 24 -4.22 3.71 5.04
C GLU A 24 -3.47 4.92 5.62
N PHE A 25 -2.82 4.78 6.78
CA PHE A 25 -1.94 5.85 7.29
C PHE A 25 -0.70 6.05 6.41
N TYR A 26 -0.19 5.00 5.74
CA TYR A 26 0.97 5.10 4.87
C TYR A 26 0.74 6.03 3.67
N PHE A 27 -0.42 5.95 3.03
CA PHE A 27 -0.80 6.90 1.98
C PHE A 27 -1.31 8.26 2.50
N SER A 28 -1.62 8.40 3.80
CA SER A 28 -2.00 9.68 4.40
C SER A 28 -0.83 10.64 4.53
N ASP A 29 -1.09 11.94 4.34
CA ASP A 29 -0.09 13.02 4.28
C ASP A 29 0.87 13.02 5.49
N GLU A 30 0.37 12.62 6.65
CA GLU A 30 1.11 12.55 7.92
C GLU A 30 2.28 11.54 7.91
N ASN A 31 2.17 10.43 7.17
CA ASN A 31 3.31 9.58 6.83
C ASN A 31 4.13 10.16 5.67
N LEU A 32 3.48 10.63 4.61
CA LEU A 32 4.16 11.09 3.40
C LEU A 32 5.19 12.21 3.67
N GLU A 33 4.92 13.07 4.66
CA GLU A 33 5.81 14.13 5.11
C GLU A 33 7.19 13.62 5.62
N LYS A 34 7.26 12.38 6.10
CA LYS A 34 8.44 11.75 6.74
C LYS A 34 8.99 10.54 5.98
N ASP A 35 8.15 9.77 5.29
CA ASP A 35 8.56 8.68 4.40
C ASP A 35 8.63 9.16 2.94
N ALA A 36 9.70 9.89 2.64
CA ALA A 36 9.97 10.49 1.34
C ALA A 36 10.09 9.43 0.22
N PHE A 37 10.57 8.23 0.57
CA PHE A 37 10.57 7.04 -0.27
C PHE A 37 9.17 6.64 -0.78
N LEU A 38 8.21 6.44 0.12
CA LEU A 38 6.83 6.05 -0.24
C LEU A 38 6.11 7.20 -0.97
N LEU A 39 6.34 8.44 -0.50
CA LEU A 39 5.96 9.67 -1.19
C LEU A 39 6.46 9.70 -2.65
N LYS A 40 7.72 9.34 -2.92
CA LYS A 40 8.26 9.23 -4.29
C LYS A 40 7.48 8.23 -5.13
N HIS A 41 7.22 7.02 -4.62
CA HIS A 41 6.44 6.01 -5.33
C HIS A 41 5.01 6.46 -5.65
N VAL A 42 4.23 6.93 -4.68
CA VAL A 42 2.86 7.42 -4.92
C VAL A 42 2.81 8.64 -5.87
N ARG A 43 3.83 9.50 -5.83
CA ARG A 43 4.00 10.64 -6.78
C ARG A 43 4.48 10.22 -8.18
N ARG A 44 5.02 9.00 -8.35
CA ARG A 44 5.64 8.51 -9.60
C ARG A 44 4.64 8.34 -10.75
N ASN A 45 3.40 7.99 -10.41
CA ASN A 45 2.39 7.51 -11.36
C ASN A 45 1.41 8.61 -11.80
N LYS A 46 0.45 8.19 -12.63
CA LYS A 46 -0.80 8.94 -12.92
C LYS A 46 -1.87 8.83 -11.82
N LEU A 47 -2.01 7.65 -11.21
CA LEU A 47 -3.11 7.32 -10.26
C LEU A 47 -2.62 7.14 -8.81
N GLY A 48 -1.36 6.70 -8.64
CA GLY A 48 -0.67 6.56 -7.36
C GLY A 48 -0.29 5.14 -6.94
N TYR A 49 -0.27 4.16 -7.86
CA TYR A 49 -0.06 2.75 -7.55
C TYR A 49 1.34 2.40 -6.99
N VAL A 50 1.34 1.59 -5.92
CA VAL A 50 2.55 1.09 -5.22
C VAL A 50 2.41 -0.41 -4.95
N SER A 51 3.45 -1.17 -5.30
CA SER A 51 3.52 -2.64 -5.22
C SER A 51 3.29 -3.20 -3.81
N VAL A 52 2.42 -4.21 -3.71
CA VAL A 52 1.98 -4.77 -2.40
C VAL A 52 3.08 -5.57 -1.70
N LYS A 53 4.06 -6.14 -2.45
CA LYS A 53 5.26 -6.77 -1.87
C LYS A 53 6.12 -5.81 -1.05
N LEU A 54 6.15 -4.54 -1.43
CA LEU A 54 6.80 -3.47 -0.67
C LEU A 54 5.96 -3.05 0.53
N LEU A 55 4.66 -2.79 0.31
CA LEU A 55 3.73 -2.34 1.35
C LEU A 55 3.60 -3.35 2.50
N THR A 56 3.51 -4.65 2.20
CA THR A 56 3.47 -5.72 3.21
C THR A 56 4.77 -5.80 4.02
N SER A 57 5.89 -5.39 3.42
CA SER A 57 7.22 -5.49 4.02
C SER A 57 7.70 -4.17 4.67
N PHE A 58 6.78 -3.23 4.91
CA PHE A 58 7.04 -1.98 5.63
C PHE A 58 7.35 -2.19 7.11
N LYS A 59 7.91 -1.16 7.74
CA LYS A 59 8.57 -1.22 9.05
C LYS A 59 7.64 -1.65 10.19
N LYS A 60 6.36 -1.23 10.10
CA LYS A 60 5.27 -1.70 10.97
C LYS A 60 4.65 -3.00 10.46
N VAL A 61 4.33 -3.10 9.18
CA VAL A 61 3.54 -4.23 8.61
C VAL A 61 4.26 -5.57 8.78
N LYS A 62 5.60 -5.57 8.68
CA LYS A 62 6.45 -6.74 8.93
C LYS A 62 6.24 -7.41 10.29
N HIS A 63 5.79 -6.66 11.30
CA HIS A 63 5.45 -7.25 12.60
C HIS A 63 4.26 -8.23 12.53
N LEU A 64 3.33 -8.02 11.57
CA LEU A 64 2.14 -8.83 11.36
C LEU A 64 2.33 -9.85 10.23
N THR A 65 2.86 -9.41 9.07
CA THR A 65 2.85 -10.14 7.78
C THR A 65 3.96 -9.66 6.85
N ARG A 66 4.49 -10.55 6.00
CA ARG A 66 5.46 -10.27 4.90
C ARG A 66 5.04 -11.02 3.64
N ASP A 67 3.80 -10.80 3.21
CA ASP A 67 3.15 -11.53 2.11
C ASP A 67 2.15 -10.62 1.40
N TRP A 68 2.45 -10.35 0.12
CA TRP A 68 1.69 -9.44 -0.71
C TRP A 68 0.25 -9.93 -0.89
N ARG A 69 0.03 -11.24 -0.97
CA ARG A 69 -1.31 -11.85 -1.08
C ARG A 69 -2.11 -11.54 0.17
N THR A 70 -1.49 -11.74 1.33
CA THR A 70 -2.14 -11.57 2.63
C THR A 70 -2.52 -10.10 2.87
N THR A 71 -1.65 -9.15 2.49
CA THR A 71 -2.04 -7.73 2.44
C THR A 71 -3.04 -7.41 1.32
N ALA A 72 -2.98 -8.07 0.16
CA ALA A 72 -3.90 -7.90 -0.96
C ALA A 72 -5.37 -8.19 -0.58
N HIS A 73 -5.63 -9.23 0.23
CA HIS A 73 -6.95 -9.42 0.82
C HIS A 73 -7.43 -8.22 1.64
N ALA A 74 -6.56 -7.63 2.48
CA ALA A 74 -6.88 -6.46 3.30
C ALA A 74 -7.19 -5.20 2.46
N LEU A 75 -6.62 -5.07 1.25
CA LEU A 75 -6.92 -3.97 0.32
C LEU A 75 -8.42 -3.88 -0.06
N LYS A 76 -9.12 -5.02 -0.06
CA LYS A 76 -10.58 -5.11 -0.30
C LYS A 76 -11.41 -4.37 0.75
N TYR A 77 -10.89 -4.26 1.98
CA TYR A 77 -11.54 -3.64 3.13
C TYR A 77 -11.16 -2.16 3.29
N SER A 78 -10.14 -1.68 2.57
CA SER A 78 -9.78 -0.26 2.47
C SER A 78 -10.98 0.63 2.10
N VAL A 79 -11.04 1.78 2.78
CA VAL A 79 -12.08 2.82 2.61
C VAL A 79 -11.55 4.13 2.01
N VAL A 80 -10.23 4.27 1.86
CA VAL A 80 -9.54 5.43 1.25
C VAL A 80 -8.57 5.03 0.14
N LEU A 81 -8.43 3.73 -0.15
CA LEU A 81 -7.50 3.18 -1.14
C LEU A 81 -8.21 2.22 -2.10
N GLU A 82 -7.58 1.94 -3.24
CA GLU A 82 -8.10 1.09 -4.32
C GLU A 82 -7.02 0.12 -4.83
N LEU A 83 -7.23 -1.19 -4.68
CA LEU A 83 -6.43 -2.23 -5.32
C LEU A 83 -6.44 -2.17 -6.87
N ASN A 84 -5.39 -2.68 -7.50
CA ASN A 84 -5.31 -2.83 -8.95
C ASN A 84 -5.97 -4.13 -9.47
N GLU A 85 -5.91 -4.38 -10.78
CA GLU A 85 -6.66 -5.46 -11.45
C GLU A 85 -6.29 -6.89 -11.02
N ASP A 86 -5.04 -7.12 -10.59
CA ASP A 86 -4.55 -8.41 -10.07
C ASP A 86 -4.34 -8.40 -8.55
N HIS A 87 -4.65 -7.27 -7.88
CA HIS A 87 -4.42 -6.98 -6.46
C HIS A 87 -2.91 -6.87 -6.11
N ARG A 88 -2.05 -6.67 -7.11
CA ARG A 88 -0.57 -6.59 -7.00
C ARG A 88 -0.05 -5.19 -6.65
N LYS A 89 -0.88 -4.16 -6.80
CA LYS A 89 -0.64 -2.76 -6.43
C LYS A 89 -1.89 -2.14 -5.79
N VAL A 90 -1.71 -1.02 -5.08
CA VAL A 90 -2.80 -0.17 -4.54
C VAL A 90 -2.46 1.31 -4.67
N ARG A 91 -3.49 2.14 -4.89
CA ARG A 91 -3.40 3.61 -4.98
C ARG A 91 -4.41 4.28 -4.05
N ARG A 92 -4.10 5.50 -3.59
CA ARG A 92 -4.98 6.33 -2.77
C ARG A 92 -6.14 6.87 -3.61
N THR A 93 -7.38 6.79 -3.12
CA THR A 93 -8.59 7.27 -3.84
C THR A 93 -8.49 8.75 -4.25
N THR A 94 -7.86 9.58 -3.43
CA THR A 94 -7.56 11.00 -3.72
C THR A 94 -6.16 11.19 -4.30
N PRO A 95 -5.97 12.20 -5.18
CA PRO A 95 -4.65 12.67 -5.54
C PRO A 95 -3.85 13.09 -4.30
N VAL A 96 -2.56 12.76 -4.26
CA VAL A 96 -1.64 13.19 -3.20
C VAL A 96 -1.19 14.62 -3.54
N PRO A 97 -1.47 15.63 -2.68
CA PRO A 97 -1.01 17.01 -2.92
C PRO A 97 0.52 17.08 -2.93
N LEU A 98 1.08 17.92 -3.80
CA LEU A 98 2.53 18.08 -3.87
C LEU A 98 3.12 18.61 -2.56
N PHE A 99 4.22 17.98 -2.15
CA PHE A 99 5.05 18.34 -1.00
C PHE A 99 6.09 19.40 -1.37
N PRO A 100 6.71 20.11 -0.41
CA PRO A 100 7.68 21.18 -0.68
C PRO A 100 8.89 20.74 -1.51
N ASN A 101 9.29 19.47 -1.39
CA ASN A 101 10.37 18.87 -2.18
C ASN A 101 9.94 18.54 -3.63
N GLU A 102 8.65 18.26 -3.86
CA GLU A 102 8.08 18.05 -5.20
C GLU A 102 7.84 19.38 -5.95
N ASN A 103 7.51 20.44 -5.20
CA ASN A 103 7.19 21.78 -5.71
C ASN A 103 8.37 22.77 -5.53
N LEU A 104 9.59 22.24 -5.34
CA LEU A 104 10.81 23.01 -5.10
C LEU A 104 11.17 23.93 -6.29
N PRO A 105 11.64 25.17 -6.06
CA PRO A 105 12.15 26.05 -7.11
C PRO A 105 13.30 25.43 -7.92
N SER A 106 13.30 25.66 -9.24
CA SER A 106 14.41 25.34 -10.16
C SER A 106 15.59 26.31 -10.05
N GLY A 1 6.21 -27.53 1.89
CA GLY A 1 6.10 -26.19 1.26
C GLY A 1 4.64 -25.80 1.05
N GLU A 2 4.39 -24.51 0.85
CA GLU A 2 3.06 -23.96 0.54
C GLU A 2 2.51 -24.41 -0.84
N ASP A 3 1.20 -24.24 -1.04
CA ASP A 3 0.49 -24.50 -2.29
C ASP A 3 1.08 -23.76 -3.51
N LEU A 4 1.14 -24.45 -4.67
CA LEU A 4 1.68 -23.92 -5.93
C LEU A 4 0.58 -23.51 -6.94
N GLU A 5 -0.65 -23.41 -6.46
CA GLU A 5 -1.83 -22.92 -7.20
C GLU A 5 -1.78 -21.39 -7.45
N GLN A 6 -2.68 -20.88 -8.30
CA GLN A 6 -2.83 -19.44 -8.60
C GLN A 6 -3.83 -18.76 -7.63
N GLU A 7 -3.84 -19.21 -6.38
CA GLU A 7 -4.71 -18.78 -5.27
C GLU A 7 -4.10 -19.20 -3.92
N TRP A 8 -4.64 -18.67 -2.82
CA TRP A 8 -4.17 -18.94 -1.45
C TRP A 8 -5.30 -18.73 -0.43
N LYS A 9 -4.98 -18.93 0.86
CA LYS A 9 -5.94 -18.88 1.97
C LYS A 9 -5.77 -17.59 2.79
N PRO A 10 -6.70 -16.62 2.68
CA PRO A 10 -6.58 -15.31 3.31
C PRO A 10 -6.69 -15.34 4.86
N PRO A 11 -6.24 -14.27 5.53
CA PRO A 11 -6.12 -14.20 7.00
C PRO A 11 -7.46 -13.89 7.70
N ASP A 12 -7.44 -13.93 9.04
CA ASP A 12 -8.53 -13.47 9.90
C ASP A 12 -8.67 -11.94 9.95
N GLU A 13 -9.88 -11.47 10.31
CA GLU A 13 -10.22 -10.06 10.55
C GLU A 13 -9.15 -9.34 11.41
N GLU A 14 -8.72 -9.97 12.50
CA GLU A 14 -7.68 -9.50 13.42
C GLU A 14 -6.39 -9.02 12.72
N LEU A 15 -5.84 -9.79 11.78
CA LEU A 15 -4.71 -9.37 10.96
C LEU A 15 -5.11 -8.29 9.94
N ILE A 16 -6.25 -8.46 9.27
CA ILE A 16 -6.79 -7.53 8.27
C ILE A 16 -6.87 -6.09 8.82
N LYS A 17 -7.42 -5.93 10.03
CA LYS A 17 -7.55 -4.64 10.73
C LYS A 17 -6.20 -3.94 10.90
N LYS A 18 -5.18 -4.66 11.37
CA LYS A 18 -3.79 -4.18 11.50
C LYS A 18 -3.16 -3.82 10.15
N LEU A 19 -3.33 -4.67 9.13
CA LEU A 19 -2.91 -4.41 7.75
C LEU A 19 -3.54 -3.13 7.18
N VAL A 20 -4.87 -3.04 7.09
CA VAL A 20 -5.56 -1.85 6.53
C VAL A 20 -5.24 -0.58 7.33
N ASP A 21 -5.15 -0.68 8.66
CA ASP A 21 -4.76 0.43 9.54
C ASP A 21 -3.40 1.02 9.18
N GLN A 22 -2.42 0.15 8.90
CA GLN A 22 -1.11 0.55 8.38
C GLN A 22 -1.22 1.20 6.99
N ILE A 23 -1.74 0.47 6.01
CA ILE A 23 -1.66 0.90 4.61
C ILE A 23 -2.44 2.21 4.35
N GLU A 24 -3.56 2.42 5.04
CA GLU A 24 -4.34 3.66 4.94
C GLU A 24 -3.60 4.90 5.47
N PHE A 25 -2.90 4.81 6.61
CA PHE A 25 -2.02 5.89 7.06
C PHE A 25 -0.76 6.03 6.17
N TYR A 26 -0.28 4.95 5.55
CA TYR A 26 0.88 5.00 4.66
C TYR A 26 0.67 5.91 3.43
N PHE A 27 -0.52 5.91 2.85
CA PHE A 27 -0.89 6.85 1.77
C PHE A 27 -1.31 8.26 2.29
N SER A 28 -1.52 8.44 3.59
CA SER A 28 -1.87 9.74 4.19
C SER A 28 -0.72 10.75 4.13
N ASP A 29 -1.06 12.03 4.07
CA ASP A 29 -0.12 13.14 4.05
C ASP A 29 0.85 13.11 5.25
N GLU A 30 0.38 12.66 6.42
CA GLU A 30 1.17 12.55 7.66
C GLU A 30 2.32 11.55 7.59
N ASN A 31 2.17 10.45 6.84
CA ASN A 31 3.27 9.55 6.51
C ASN A 31 4.17 10.15 5.41
N LEU A 32 3.57 10.66 4.34
CA LEU A 32 4.29 11.19 3.17
C LEU A 32 5.28 12.31 3.55
N GLU A 33 4.97 13.13 4.56
CA GLU A 33 5.86 14.18 5.07
C GLU A 33 7.20 13.65 5.63
N LYS A 34 7.20 12.43 6.20
CA LYS A 34 8.37 11.78 6.83
C LYS A 34 8.99 10.62 6.02
N ASP A 35 8.18 9.89 5.24
CA ASP A 35 8.64 8.79 4.36
C ASP A 35 8.75 9.27 2.91
N ALA A 36 9.85 9.98 2.62
CA ALA A 36 10.16 10.53 1.30
C ALA A 36 10.30 9.43 0.23
N PHE A 37 10.77 8.25 0.63
CA PHE A 37 10.80 7.03 -0.18
C PHE A 37 9.41 6.63 -0.70
N LEU A 38 8.42 6.48 0.20
CA LEU A 38 7.05 6.10 -0.21
C LEU A 38 6.39 7.24 -1.01
N LEU A 39 6.56 8.48 -0.55
CA LEU A 39 6.17 9.72 -1.24
C LEU A 39 6.62 9.74 -2.71
N LYS A 40 7.86 9.32 -2.99
CA LYS A 40 8.41 9.22 -4.36
C LYS A 40 7.55 8.32 -5.25
N HIS A 41 7.15 7.13 -4.78
CA HIS A 41 6.41 6.16 -5.59
C HIS A 41 4.96 6.60 -5.83
N VAL A 42 4.30 7.12 -4.80
CA VAL A 42 2.92 7.61 -4.91
C VAL A 42 2.83 8.83 -5.85
N ARG A 43 3.83 9.70 -5.86
CA ARG A 43 3.94 10.86 -6.78
C ARG A 43 4.43 10.48 -8.18
N ARG A 44 5.08 9.32 -8.34
CA ARG A 44 5.55 8.79 -9.65
C ARG A 44 4.42 8.37 -10.59
N ASN A 45 3.23 8.14 -10.05
CA ASN A 45 2.08 7.56 -10.77
C ASN A 45 0.93 8.56 -10.97
N LYS A 46 0.20 8.31 -12.05
CA LYS A 46 -1.00 9.09 -12.43
C LYS A 46 -2.21 8.86 -11.50
N LEU A 47 -2.33 7.64 -10.97
CA LEU A 47 -3.36 7.25 -9.98
C LEU A 47 -2.82 7.13 -8.55
N GLY A 48 -1.51 6.88 -8.40
CA GLY A 48 -0.79 6.80 -7.11
C GLY A 48 -0.35 5.39 -6.68
N TYR A 49 -0.27 4.43 -7.61
CA TYR A 49 0.00 3.02 -7.31
C TYR A 49 1.38 2.76 -6.69
N VAL A 50 1.38 1.84 -5.72
CA VAL A 50 2.59 1.27 -5.07
C VAL A 50 2.40 -0.23 -4.86
N SER A 51 3.44 -0.99 -5.22
CA SER A 51 3.50 -2.46 -5.14
C SER A 51 3.26 -3.04 -3.74
N VAL A 52 2.39 -4.06 -3.63
CA VAL A 52 1.98 -4.65 -2.34
C VAL A 52 3.11 -5.44 -1.67
N LYS A 53 4.07 -5.97 -2.43
CA LYS A 53 5.27 -6.64 -1.91
C LYS A 53 6.18 -5.72 -1.08
N LEU A 54 6.17 -4.42 -1.40
CA LEU A 54 6.84 -3.37 -0.63
C LEU A 54 6.00 -2.99 0.59
N LEU A 55 4.71 -2.72 0.38
CA LEU A 55 3.80 -2.28 1.45
C LEU A 55 3.68 -3.29 2.59
N THR A 56 3.61 -4.60 2.27
CA THR A 56 3.62 -5.69 3.26
C THR A 56 4.93 -5.75 4.06
N SER A 57 6.05 -5.31 3.47
CA SER A 57 7.37 -5.37 4.08
C SER A 57 7.80 -4.05 4.73
N PHE A 58 6.86 -3.14 5.00
CA PHE A 58 7.12 -1.92 5.78
C PHE A 58 7.52 -2.24 7.22
N LYS A 59 8.25 -1.33 7.86
CA LYS A 59 8.98 -1.58 9.12
C LYS A 59 8.05 -1.95 10.28
N LYS A 60 6.82 -1.45 10.26
CA LYS A 60 5.71 -1.84 11.14
C LYS A 60 4.91 -3.04 10.61
N VAL A 61 4.53 -3.06 9.33
CA VAL A 61 3.71 -4.12 8.71
C VAL A 61 4.34 -5.51 8.84
N LYS A 62 5.68 -5.60 8.72
CA LYS A 62 6.44 -6.85 8.90
C LYS A 62 6.23 -7.53 10.25
N HIS A 63 5.84 -6.79 11.30
CA HIS A 63 5.50 -7.41 12.58
C HIS A 63 4.26 -8.33 12.47
N LEU A 64 3.36 -8.05 11.53
CA LEU A 64 2.12 -8.80 11.28
C LEU A 64 2.28 -9.81 10.13
N THR A 65 2.82 -9.38 8.98
CA THR A 65 2.79 -10.11 7.69
C THR A 65 3.94 -9.65 6.76
N ARG A 66 4.46 -10.56 5.92
CA ARG A 66 5.46 -10.30 4.85
C ARG A 66 5.04 -11.04 3.57
N ASP A 67 3.81 -10.82 3.13
CA ASP A 67 3.21 -11.49 1.97
C ASP A 67 2.21 -10.57 1.28
N TRP A 68 2.48 -10.29 0.00
CA TRP A 68 1.65 -9.45 -0.85
C TRP A 68 0.22 -9.98 -0.94
N ARG A 69 0.01 -11.30 -0.99
CA ARG A 69 -1.31 -11.94 -1.01
C ARG A 69 -2.11 -11.64 0.24
N THR A 70 -1.48 -11.82 1.40
CA THR A 70 -2.13 -11.66 2.70
C THR A 70 -2.51 -10.18 2.95
N THR A 71 -1.65 -9.24 2.54
CA THR A 71 -2.02 -7.81 2.47
C THR A 71 -3.08 -7.51 1.40
N ALA A 72 -3.03 -8.17 0.24
CA ALA A 72 -3.99 -8.02 -0.86
C ALA A 72 -5.43 -8.42 -0.50
N HIS A 73 -5.63 -9.37 0.42
CA HIS A 73 -6.93 -9.56 1.05
C HIS A 73 -7.42 -8.32 1.82
N ALA A 74 -6.56 -7.70 2.64
CA ALA A 74 -6.91 -6.52 3.44
C ALA A 74 -7.24 -5.29 2.58
N LEU A 75 -6.64 -5.17 1.38
CA LEU A 75 -6.94 -4.08 0.43
C LEU A 75 -8.43 -3.99 0.04
N LYS A 76 -9.14 -5.12 0.02
CA LYS A 76 -10.58 -5.22 -0.25
C LYS A 76 -11.45 -4.47 0.77
N TYR A 77 -10.94 -4.33 2.00
CA TYR A 77 -11.61 -3.70 3.14
C TYR A 77 -11.27 -2.20 3.26
N SER A 78 -10.20 -1.74 2.60
CA SER A 78 -9.84 -0.33 2.47
C SER A 78 -11.00 0.55 1.99
N VAL A 79 -11.10 1.73 2.58
CA VAL A 79 -12.13 2.76 2.32
C VAL A 79 -11.59 4.05 1.69
N VAL A 80 -10.26 4.29 1.74
CA VAL A 80 -9.56 5.41 1.09
C VAL A 80 -8.58 4.96 0.01
N LEU A 81 -8.49 3.65 -0.25
CA LEU A 81 -7.57 3.05 -1.21
C LEU A 81 -8.29 2.07 -2.15
N GLU A 82 -7.69 1.82 -3.31
CA GLU A 82 -8.17 0.93 -4.36
C GLU A 82 -7.05 0.01 -4.84
N LEU A 83 -7.24 -1.30 -4.66
CA LEU A 83 -6.39 -2.33 -5.25
C LEU A 83 -6.32 -2.29 -6.79
N ASN A 84 -5.17 -2.72 -7.33
CA ASN A 84 -4.93 -2.91 -8.76
C ASN A 84 -5.76 -4.07 -9.35
N GLU A 85 -5.83 -4.16 -10.67
CA GLU A 85 -6.64 -5.15 -11.42
C GLU A 85 -6.29 -6.63 -11.11
N ASP A 86 -5.03 -6.87 -10.73
CA ASP A 86 -4.45 -8.16 -10.35
C ASP A 86 -4.10 -8.23 -8.84
N HIS A 87 -4.41 -7.15 -8.10
CA HIS A 87 -4.15 -6.94 -6.67
C HIS A 87 -2.65 -6.76 -6.34
N ARG A 88 -1.77 -6.56 -7.33
CA ARG A 88 -0.29 -6.49 -7.12
C ARG A 88 0.23 -5.11 -6.71
N LYS A 89 -0.59 -4.07 -6.91
CA LYS A 89 -0.40 -2.71 -6.41
C LYS A 89 -1.69 -2.19 -5.74
N VAL A 90 -1.61 -1.06 -5.06
CA VAL A 90 -2.75 -0.27 -4.52
C VAL A 90 -2.46 1.23 -4.62
N ARG A 91 -3.51 2.03 -4.84
CA ARG A 91 -3.45 3.50 -4.93
C ARG A 91 -4.47 4.16 -4.01
N ARG A 92 -4.16 5.38 -3.55
CA ARG A 92 -5.07 6.25 -2.78
C ARG A 92 -6.17 6.80 -3.70
N THR A 93 -7.44 6.76 -3.28
CA THR A 93 -8.59 7.23 -4.08
C THR A 93 -8.50 8.72 -4.43
N THR A 94 -7.87 9.53 -3.57
CA THR A 94 -7.51 10.93 -3.86
C THR A 94 -6.06 11.06 -4.32
N PRO A 95 -5.76 11.98 -5.27
CA PRO A 95 -4.40 12.40 -5.55
C PRO A 95 -3.73 12.93 -4.27
N VAL A 96 -2.49 12.54 -4.01
CA VAL A 96 -1.72 13.03 -2.86
C VAL A 96 -1.15 14.41 -3.20
N PRO A 97 -1.23 15.39 -2.28
CA PRO A 97 -0.77 16.74 -2.55
C PRO A 97 0.73 16.77 -2.83
N LEU A 98 1.18 17.70 -3.67
CA LEU A 98 2.61 17.93 -3.90
C LEU A 98 3.34 18.35 -2.61
N PHE A 99 4.57 17.85 -2.48
CA PHE A 99 5.52 18.13 -1.40
C PHE A 99 6.74 18.89 -1.94
N PRO A 100 7.49 19.65 -1.11
CA PRO A 100 8.64 20.45 -1.57
C PRO A 100 9.73 19.63 -2.25
N ASN A 101 9.93 18.38 -1.80
CA ASN A 101 10.92 17.45 -2.35
C ASN A 101 10.52 16.86 -3.72
N GLU A 102 9.26 17.07 -4.14
CA GLU A 102 8.76 16.78 -5.48
C GLU A 102 8.72 18.05 -6.35
N ASN A 103 8.29 19.16 -5.76
CA ASN A 103 7.99 20.43 -6.42
C ASN A 103 9.24 21.26 -6.82
N LEU A 104 10.38 21.10 -6.15
CA LEU A 104 11.60 21.90 -6.38
C LEU A 104 12.11 21.88 -7.84
N PRO A 105 12.75 22.97 -8.32
CA PRO A 105 13.48 22.97 -9.59
C PRO A 105 14.63 21.95 -9.60
N SER A 106 14.80 21.25 -10.73
CA SER A 106 15.94 20.38 -11.02
C SER A 106 17.24 21.15 -11.36
N GLY A 1 7.10 -25.77 -0.69
CA GLY A 1 8.38 -25.15 -1.12
C GLY A 1 8.24 -23.64 -1.18
N GLU A 2 8.60 -23.03 -2.31
CA GLU A 2 8.42 -21.59 -2.56
C GLU A 2 6.98 -21.32 -3.07
N ASP A 3 6.02 -21.38 -2.15
CA ASP A 3 4.58 -21.45 -2.46
C ASP A 3 3.97 -20.04 -2.60
N LEU A 4 4.46 -19.30 -3.60
CA LEU A 4 4.19 -17.87 -3.83
C LEU A 4 3.23 -17.59 -5.01
N GLU A 5 2.56 -18.64 -5.49
CA GLU A 5 1.52 -18.59 -6.54
C GLU A 5 0.31 -17.71 -6.16
N GLN A 6 -0.42 -17.22 -7.17
CA GLN A 6 -1.50 -16.23 -6.99
C GLN A 6 -2.85 -16.88 -6.57
N GLU A 7 -2.79 -17.87 -5.69
CA GLU A 7 -3.92 -18.48 -4.98
C GLU A 7 -3.45 -18.95 -3.61
N TRP A 8 -4.22 -18.64 -2.56
CA TRP A 8 -3.80 -18.91 -1.19
C TRP A 8 -4.94 -18.75 -0.18
N LYS A 9 -4.62 -19.01 1.09
CA LYS A 9 -5.51 -18.84 2.26
C LYS A 9 -5.36 -17.45 2.90
N PRO A 10 -6.35 -16.53 2.76
CA PRO A 10 -6.26 -15.18 3.31
C PRO A 10 -6.31 -15.12 4.85
N PRO A 11 -5.85 -13.99 5.44
CA PRO A 11 -5.86 -13.75 6.87
C PRO A 11 -7.28 -13.61 7.47
N ASP A 12 -7.34 -13.76 8.79
CA ASP A 12 -8.52 -13.45 9.61
C ASP A 12 -8.78 -11.93 9.72
N GLU A 13 -10.02 -11.55 10.00
CA GLU A 13 -10.46 -10.17 10.20
C GLU A 13 -9.55 -9.38 11.17
N GLU A 14 -9.17 -10.00 12.29
CA GLU A 14 -8.34 -9.37 13.32
C GLU A 14 -6.92 -9.00 12.84
N LEU A 15 -6.36 -9.73 11.89
CA LEU A 15 -5.11 -9.37 11.21
C LEU A 15 -5.33 -8.27 10.16
N ILE A 16 -6.39 -8.40 9.36
CA ILE A 16 -6.84 -7.42 8.37
C ILE A 16 -6.98 -6.02 8.98
N LYS A 17 -7.54 -5.89 10.20
CA LYS A 17 -7.65 -4.62 10.93
C LYS A 17 -6.31 -3.89 11.06
N LYS A 18 -5.23 -4.59 11.47
CA LYS A 18 -3.87 -4.01 11.55
C LYS A 18 -3.31 -3.71 10.17
N LEU A 19 -3.40 -4.65 9.21
CA LEU A 19 -2.94 -4.45 7.83
C LEU A 19 -3.57 -3.19 7.21
N VAL A 20 -4.90 -3.11 7.11
CA VAL A 20 -5.60 -1.94 6.54
C VAL A 20 -5.27 -0.65 7.30
N ASP A 21 -5.20 -0.70 8.63
CA ASP A 21 -4.87 0.47 9.46
C ASP A 21 -3.48 1.06 9.13
N GLN A 22 -2.47 0.20 8.93
CA GLN A 22 -1.14 0.62 8.48
C GLN A 22 -1.19 1.21 7.06
N ILE A 23 -1.69 0.46 6.07
CA ILE A 23 -1.65 0.90 4.66
C ILE A 23 -2.41 2.22 4.45
N GLU A 24 -3.54 2.42 5.13
CA GLU A 24 -4.33 3.66 5.04
C GLU A 24 -3.60 4.90 5.58
N PHE A 25 -2.92 4.82 6.72
CA PHE A 25 -2.04 5.92 7.16
C PHE A 25 -0.80 6.07 6.26
N TYR A 26 -0.30 4.99 5.64
CA TYR A 26 0.87 5.05 4.76
C TYR A 26 0.65 5.95 3.53
N PHE A 27 -0.54 5.93 2.94
CA PHE A 27 -0.92 6.87 1.87
C PHE A 27 -1.34 8.27 2.38
N SER A 28 -1.59 8.47 3.67
CA SER A 28 -1.94 9.76 4.26
C SER A 28 -0.77 10.73 4.26
N ASP A 29 -1.05 12.02 4.10
CA ASP A 29 -0.07 13.11 4.05
C ASP A 29 0.87 13.13 5.28
N GLU A 30 0.36 12.73 6.44
CA GLU A 30 1.10 12.65 7.71
C GLU A 30 2.24 11.61 7.70
N ASN A 31 2.08 10.50 6.95
CA ASN A 31 3.20 9.60 6.64
C ASN A 31 4.09 10.20 5.53
N LEU A 32 3.48 10.69 4.45
CA LEU A 32 4.21 11.17 3.27
C LEU A 32 5.23 12.28 3.60
N GLU A 33 4.93 13.12 4.59
CA GLU A 33 5.85 14.17 5.07
C GLU A 33 7.16 13.61 5.66
N LYS A 34 7.15 12.42 6.26
CA LYS A 34 8.31 11.77 6.90
C LYS A 34 8.92 10.60 6.11
N ASP A 35 8.13 9.86 5.32
CA ASP A 35 8.59 8.75 4.47
C ASP A 35 8.72 9.21 3.01
N ALA A 36 9.83 9.90 2.74
CA ALA A 36 10.17 10.45 1.43
C ALA A 36 10.30 9.37 0.34
N PHE A 37 10.77 8.17 0.73
CA PHE A 37 10.78 6.97 -0.08
C PHE A 37 9.39 6.59 -0.63
N LEU A 38 8.39 6.42 0.24
CA LEU A 38 7.03 6.05 -0.16
C LEU A 38 6.36 7.19 -0.96
N LEU A 39 6.54 8.43 -0.48
CA LEU A 39 6.17 9.68 -1.18
C LEU A 39 6.65 9.69 -2.64
N LYS A 40 7.89 9.27 -2.90
CA LYS A 40 8.47 9.20 -4.24
C LYS A 40 7.67 8.27 -5.16
N HIS A 41 7.19 7.14 -4.68
CA HIS A 41 6.43 6.19 -5.50
C HIS A 41 5.00 6.68 -5.74
N VAL A 42 4.29 7.12 -4.70
CA VAL A 42 2.91 7.62 -4.82
C VAL A 42 2.78 8.84 -5.75
N ARG A 43 3.81 9.70 -5.78
CA ARG A 43 3.92 10.85 -6.70
C ARG A 43 4.36 10.50 -8.12
N ARG A 44 4.83 9.26 -8.35
CA ARG A 44 5.39 8.81 -9.64
C ARG A 44 4.33 8.47 -10.71
N ASN A 45 3.07 8.35 -10.30
CA ASN A 45 1.99 7.79 -11.13
C ASN A 45 0.92 8.84 -11.48
N LYS A 46 0.02 8.41 -12.38
CA LYS A 46 -1.27 9.10 -12.65
C LYS A 46 -2.29 8.99 -11.52
N LEU A 47 -2.33 7.84 -10.84
CA LEU A 47 -3.39 7.47 -9.86
C LEU A 47 -2.86 7.30 -8.43
N GLY A 48 -1.60 6.90 -8.30
CA GLY A 48 -0.86 6.76 -7.02
C GLY A 48 -0.41 5.34 -6.65
N TYR A 49 -0.36 4.40 -7.61
CA TYR A 49 -0.08 2.99 -7.37
C TYR A 49 1.31 2.66 -6.78
N VAL A 50 1.32 1.78 -5.77
CA VAL A 50 2.54 1.24 -5.13
C VAL A 50 2.38 -0.26 -4.90
N SER A 51 3.43 -1.01 -5.25
CA SER A 51 3.52 -2.47 -5.20
C SER A 51 3.27 -3.08 -3.81
N VAL A 52 2.41 -4.10 -3.75
CA VAL A 52 1.97 -4.69 -2.47
C VAL A 52 3.09 -5.49 -1.78
N LYS A 53 4.07 -6.00 -2.54
CA LYS A 53 5.27 -6.67 -1.99
C LYS A 53 6.16 -5.75 -1.16
N LEU A 54 6.16 -4.45 -1.47
CA LEU A 54 6.82 -3.42 -0.67
C LEU A 54 5.96 -3.03 0.54
N LEU A 55 4.67 -2.75 0.31
CA LEU A 55 3.72 -2.32 1.35
C LEU A 55 3.58 -3.34 2.49
N THR A 56 3.52 -4.63 2.15
CA THR A 56 3.48 -5.74 3.12
C THR A 56 4.76 -5.81 3.97
N SER A 57 5.90 -5.36 3.42
CA SER A 57 7.21 -5.45 4.06
C SER A 57 7.64 -4.13 4.75
N PHE A 58 6.70 -3.20 4.97
CA PHE A 58 6.96 -1.97 5.73
C PHE A 58 7.28 -2.24 7.19
N LYS A 59 7.90 -1.26 7.84
CA LYS A 59 8.61 -1.43 9.12
C LYS A 59 7.68 -1.85 10.26
N LYS A 60 6.42 -1.40 10.20
CA LYS A 60 5.31 -1.85 11.07
C LYS A 60 4.60 -3.10 10.53
N VAL A 61 4.30 -3.16 9.23
CA VAL A 61 3.51 -4.25 8.62
C VAL A 61 4.20 -5.60 8.76
N LYS A 62 5.53 -5.64 8.66
CA LYS A 62 6.35 -6.84 8.89
C LYS A 62 6.14 -7.52 10.25
N HIS A 63 5.70 -6.79 11.27
CA HIS A 63 5.36 -7.37 12.57
C HIS A 63 4.15 -8.33 12.47
N LEU A 64 3.25 -8.10 11.52
CA LEU A 64 2.07 -8.92 11.22
C LEU A 64 2.36 -9.93 10.09
N THR A 65 2.84 -9.45 8.94
CA THR A 65 2.80 -10.14 7.64
C THR A 65 3.96 -9.71 6.72
N ARG A 66 4.47 -10.62 5.87
CA ARG A 66 5.46 -10.37 4.80
C ARG A 66 5.07 -11.13 3.53
N ASP A 67 3.84 -10.92 3.07
CA ASP A 67 3.25 -11.58 1.89
C ASP A 67 2.24 -10.67 1.22
N TRP A 68 2.52 -10.35 -0.06
CA TRP A 68 1.72 -9.45 -0.86
C TRP A 68 0.26 -9.90 -0.94
N ARG A 69 0.01 -11.22 -0.98
CA ARG A 69 -1.33 -11.81 -1.01
C ARG A 69 -2.10 -11.51 0.27
N THR A 70 -1.44 -11.73 1.41
CA THR A 70 -2.05 -11.55 2.74
C THR A 70 -2.41 -10.09 2.99
N THR A 71 -1.53 -9.14 2.62
CA THR A 71 -1.92 -7.71 2.54
C THR A 71 -2.98 -7.43 1.47
N ALA A 72 -2.93 -8.06 0.30
CA ALA A 72 -3.89 -7.88 -0.79
C ALA A 72 -5.34 -8.19 -0.39
N HIS A 73 -5.58 -9.24 0.41
CA HIS A 73 -6.90 -9.47 1.00
C HIS A 73 -7.40 -8.28 1.83
N ALA A 74 -6.53 -7.66 2.65
CA ALA A 74 -6.86 -6.49 3.45
C ALA A 74 -7.18 -5.24 2.59
N LEU A 75 -6.59 -5.11 1.39
CA LEU A 75 -6.90 -4.02 0.44
C LEU A 75 -8.38 -3.94 0.03
N LYS A 76 -9.09 -5.07 0.05
CA LYS A 76 -10.54 -5.17 -0.20
C LYS A 76 -11.38 -4.41 0.83
N TYR A 77 -10.89 -4.29 2.06
CA TYR A 77 -11.56 -3.66 3.19
C TYR A 77 -11.21 -2.17 3.34
N SER A 78 -10.17 -1.71 2.62
CA SER A 78 -9.82 -0.29 2.49
C SER A 78 -11.01 0.59 2.09
N VAL A 79 -11.12 1.75 2.75
CA VAL A 79 -12.18 2.77 2.55
C VAL A 79 -11.66 4.09 1.96
N VAL A 80 -10.33 4.27 1.86
CA VAL A 80 -9.66 5.42 1.24
C VAL A 80 -8.69 5.02 0.12
N LEU A 81 -8.55 3.72 -0.17
CA LEU A 81 -7.63 3.17 -1.15
C LEU A 81 -8.36 2.20 -2.10
N GLU A 82 -7.73 1.92 -3.24
CA GLU A 82 -8.25 1.05 -4.29
C GLU A 82 -7.15 0.08 -4.77
N LEU A 83 -7.37 -1.23 -4.60
CA LEU A 83 -6.52 -2.26 -5.18
C LEU A 83 -6.47 -2.24 -6.73
N ASN A 84 -5.35 -2.72 -7.26
CA ASN A 84 -5.06 -2.93 -8.68
C ASN A 84 -5.93 -4.07 -9.28
N GLU A 85 -5.99 -4.13 -10.61
CA GLU A 85 -6.66 -5.14 -11.43
C GLU A 85 -6.40 -6.59 -10.97
N ASP A 86 -5.15 -6.92 -10.65
CA ASP A 86 -4.70 -8.26 -10.20
C ASP A 86 -4.29 -8.27 -8.72
N HIS A 87 -4.60 -7.19 -7.98
CA HIS A 87 -4.32 -6.96 -6.56
C HIS A 87 -2.80 -6.79 -6.25
N ARG A 88 -1.96 -6.59 -7.28
CA ARG A 88 -0.48 -6.51 -7.19
C ARG A 88 0.07 -5.13 -6.82
N LYS A 89 -0.78 -4.10 -6.85
CA LYS A 89 -0.53 -2.72 -6.39
C LYS A 89 -1.80 -2.18 -5.68
N VAL A 90 -1.70 -1.03 -5.05
CA VAL A 90 -2.83 -0.23 -4.51
C VAL A 90 -2.52 1.26 -4.64
N ARG A 91 -3.57 2.07 -4.90
CA ARG A 91 -3.49 3.54 -4.98
C ARG A 91 -4.50 4.20 -4.04
N ARG A 92 -4.16 5.40 -3.55
CA ARG A 92 -5.06 6.25 -2.74
C ARG A 92 -6.18 6.81 -3.60
N THR A 93 -7.43 6.75 -3.14
CA THR A 93 -8.62 7.24 -3.89
C THR A 93 -8.49 8.68 -4.37
N THR A 94 -7.82 9.54 -3.58
CA THR A 94 -7.44 10.91 -3.99
C THR A 94 -5.98 10.97 -4.45
N PRO A 95 -5.67 11.81 -5.45
CA PRO A 95 -4.28 12.21 -5.74
C PRO A 95 -3.64 12.82 -4.49
N VAL A 96 -2.41 12.43 -4.18
CA VAL A 96 -1.69 12.93 -3.00
C VAL A 96 -1.11 14.31 -3.33
N PRO A 97 -1.20 15.30 -2.42
CA PRO A 97 -0.70 16.65 -2.68
C PRO A 97 0.80 16.64 -2.94
N LEU A 98 1.27 17.56 -3.77
CA LEU A 98 2.70 17.80 -3.95
C LEU A 98 3.41 18.19 -2.63
N PHE A 99 4.68 17.77 -2.53
CA PHE A 99 5.59 18.04 -1.42
C PHE A 99 6.85 18.80 -1.89
N PRO A 100 7.59 19.49 -1.00
CA PRO A 100 8.79 20.24 -1.36
C PRO A 100 9.91 19.36 -1.94
N ASN A 101 9.96 18.07 -1.57
CA ASN A 101 10.95 17.13 -2.10
C ASN A 101 10.67 16.72 -3.58
N GLU A 102 9.43 16.93 -4.03
CA GLU A 102 9.04 16.81 -5.44
C GLU A 102 9.37 18.09 -6.23
N ASN A 103 9.12 19.26 -5.61
CA ASN A 103 9.46 20.58 -6.15
C ASN A 103 10.97 20.79 -6.36
N LEU A 104 11.81 20.29 -5.44
CA LEU A 104 13.27 20.41 -5.48
C LEU A 104 13.99 19.23 -4.78
N PRO A 105 15.18 18.81 -5.26
CA PRO A 105 15.94 17.71 -4.67
C PRO A 105 16.58 18.10 -3.33
N SER A 106 16.54 17.17 -2.36
CA SER A 106 17.30 17.21 -1.10
C SER A 106 18.78 16.80 -1.28
N GLY A 1 6.24 -24.80 -15.85
CA GLY A 1 6.73 -26.12 -15.37
C GLY A 1 5.80 -26.66 -14.30
N GLU A 2 6.36 -27.14 -13.18
CA GLU A 2 5.58 -27.56 -12.00
C GLU A 2 5.28 -26.34 -11.12
N ASP A 3 4.40 -25.47 -11.62
CA ASP A 3 4.09 -24.15 -11.06
C ASP A 3 3.28 -24.21 -9.74
N LEU A 4 3.42 -23.18 -8.92
CA LEU A 4 2.61 -22.96 -7.71
C LEU A 4 1.09 -22.92 -7.98
N GLU A 5 0.29 -23.29 -6.97
CA GLU A 5 -1.17 -23.11 -6.97
C GLU A 5 -1.59 -21.64 -7.13
N GLN A 6 -2.67 -21.38 -7.87
CA GLN A 6 -3.18 -20.04 -8.20
C GLN A 6 -4.12 -19.46 -7.13
N GLU A 7 -3.89 -19.80 -5.86
CA GLU A 7 -4.69 -19.39 -4.68
C GLU A 7 -3.90 -19.57 -3.38
N TRP A 8 -4.39 -18.99 -2.28
CA TRP A 8 -3.87 -19.17 -0.92
C TRP A 8 -4.96 -18.94 0.13
N LYS A 9 -4.65 -19.15 1.42
CA LYS A 9 -5.58 -18.90 2.53
C LYS A 9 -5.42 -17.48 3.10
N PRO A 10 -6.39 -16.56 2.90
CA PRO A 10 -6.30 -15.18 3.41
C PRO A 10 -6.36 -15.07 4.95
N PRO A 11 -5.91 -13.94 5.52
CA PRO A 11 -5.90 -13.67 6.95
C PRO A 11 -7.30 -13.56 7.57
N ASP A 12 -7.34 -13.67 8.90
CA ASP A 12 -8.52 -13.40 9.72
C ASP A 12 -8.86 -11.90 9.78
N GLU A 13 -10.14 -11.60 10.03
CA GLU A 13 -10.70 -10.25 10.22
C GLU A 13 -9.86 -9.37 11.18
N GLU A 14 -9.43 -9.93 12.30
CA GLU A 14 -8.74 -9.19 13.36
C GLU A 14 -7.29 -8.83 12.98
N LEU A 15 -6.67 -9.62 12.10
CA LEU A 15 -5.37 -9.32 11.50
C LEU A 15 -5.52 -8.26 10.39
N ILE A 16 -6.51 -8.44 9.51
CA ILE A 16 -6.91 -7.46 8.47
C ILE A 16 -7.04 -6.05 9.04
N LYS A 17 -7.71 -5.87 10.18
CA LYS A 17 -7.90 -4.58 10.85
C LYS A 17 -6.58 -3.84 11.13
N LYS A 18 -5.51 -4.53 11.55
CA LYS A 18 -4.15 -3.96 11.65
C LYS A 18 -3.55 -3.71 10.27
N LEU A 19 -3.54 -4.71 9.40
CA LEU A 19 -2.95 -4.66 8.06
C LEU A 19 -3.50 -3.45 7.26
N VAL A 20 -4.82 -3.37 7.03
CA VAL A 20 -5.47 -2.24 6.35
C VAL A 20 -5.19 -0.89 7.04
N ASP A 21 -5.18 -0.85 8.37
CA ASP A 21 -4.92 0.38 9.14
C ASP A 21 -3.51 0.94 8.89
N GLN A 22 -2.50 0.07 8.78
CA GLN A 22 -1.16 0.47 8.35
C GLN A 22 -1.18 1.08 6.93
N ILE A 23 -1.68 0.33 5.94
CA ILE A 23 -1.62 0.77 4.54
C ILE A 23 -2.41 2.08 4.33
N GLU A 24 -3.54 2.24 5.03
CA GLU A 24 -4.35 3.45 5.12
C GLU A 24 -3.52 4.68 5.51
N PHE A 25 -2.85 4.66 6.66
CA PHE A 25 -2.01 5.78 7.09
C PHE A 25 -0.76 5.95 6.22
N TYR A 26 -0.27 4.88 5.58
CA TYR A 26 0.91 4.95 4.70
C TYR A 26 0.71 5.89 3.51
N PHE A 27 -0.49 5.95 2.94
CA PHE A 27 -0.82 6.92 1.89
C PHE A 27 -1.25 8.32 2.42
N SER A 28 -1.50 8.48 3.72
CA SER A 28 -1.84 9.78 4.32
C SER A 28 -0.65 10.75 4.33
N ASP A 29 -0.95 12.05 4.20
CA ASP A 29 0.02 13.15 4.15
C ASP A 29 1.00 13.12 5.35
N GLU A 30 0.51 12.70 6.52
CA GLU A 30 1.29 12.60 7.76
C GLU A 30 2.41 11.54 7.72
N ASN A 31 2.22 10.42 7.00
CA ASN A 31 3.31 9.50 6.70
C ASN A 31 4.21 10.05 5.58
N LEU A 32 3.61 10.58 4.51
CA LEU A 32 4.36 11.07 3.35
C LEU A 32 5.43 12.11 3.72
N GLU A 33 5.13 13.01 4.66
CA GLU A 33 6.09 13.98 5.19
C GLU A 33 7.40 13.35 5.71
N LYS A 34 7.30 12.26 6.50
CA LYS A 34 8.44 11.50 7.06
C LYS A 34 9.05 10.46 6.10
N ASP A 35 8.23 9.78 5.30
CA ASP A 35 8.64 8.70 4.39
C ASP A 35 8.72 9.19 2.94
N ALA A 36 9.78 9.93 2.64
CA ALA A 36 10.07 10.51 1.33
C ALA A 36 10.26 9.43 0.23
N PHE A 37 10.77 8.27 0.61
CA PHE A 37 10.80 7.06 -0.22
C PHE A 37 9.41 6.68 -0.77
N LEU A 38 8.40 6.53 0.11
CA LEU A 38 7.04 6.18 -0.29
C LEU A 38 6.39 7.34 -1.08
N LEU A 39 6.61 8.58 -0.64
CA LEU A 39 6.26 9.85 -1.31
C LEU A 39 6.68 9.83 -2.79
N LYS A 40 7.91 9.39 -3.08
CA LYS A 40 8.46 9.27 -4.44
C LYS A 40 7.67 8.30 -5.30
N HIS A 41 7.27 7.14 -4.77
CA HIS A 41 6.53 6.13 -5.54
C HIS A 41 5.10 6.59 -5.84
N VAL A 42 4.40 7.11 -4.84
CA VAL A 42 3.03 7.64 -5.00
C VAL A 42 2.96 8.84 -5.97
N ARG A 43 4.01 9.68 -6.02
CA ARG A 43 4.14 10.79 -6.98
C ARG A 43 4.56 10.35 -8.40
N ARG A 44 5.10 9.13 -8.54
CA ARG A 44 5.66 8.60 -9.81
C ARG A 44 4.61 8.38 -10.91
N ASN A 45 3.39 8.05 -10.50
CA ASN A 45 2.32 7.55 -11.38
C ASN A 45 1.30 8.64 -11.77
N LYS A 46 0.23 8.19 -12.44
CA LYS A 46 -0.99 8.98 -12.71
C LYS A 46 -2.11 8.81 -11.67
N LEU A 47 -2.26 7.61 -11.08
CA LEU A 47 -3.28 7.28 -10.06
C LEU A 47 -2.71 7.18 -8.63
N GLY A 48 -1.42 6.92 -8.50
CA GLY A 48 -0.69 6.80 -7.22
C GLY A 48 -0.35 5.36 -6.78
N TYR A 49 -0.35 4.39 -7.70
CA TYR A 49 -0.11 2.98 -7.42
C TYR A 49 1.30 2.64 -6.88
N VAL A 50 1.31 1.79 -5.85
CA VAL A 50 2.53 1.26 -5.21
C VAL A 50 2.39 -0.25 -4.96
N SER A 51 3.44 -0.99 -5.32
CA SER A 51 3.53 -2.47 -5.28
C SER A 51 3.29 -3.07 -3.89
N VAL A 52 2.44 -4.09 -3.82
CA VAL A 52 1.99 -4.69 -2.55
C VAL A 52 3.10 -5.47 -1.83
N LYS A 53 4.08 -6.01 -2.57
CA LYS A 53 5.28 -6.67 -1.99
C LYS A 53 6.17 -5.71 -1.19
N LEU A 54 6.17 -4.42 -1.54
CA LEU A 54 6.84 -3.38 -0.77
C LEU A 54 6.00 -2.97 0.44
N LEU A 55 4.70 -2.73 0.23
CA LEU A 55 3.77 -2.27 1.27
C LEU A 55 3.64 -3.29 2.43
N THR A 56 3.60 -4.58 2.11
CA THR A 56 3.61 -5.66 3.11
C THR A 56 4.91 -5.70 3.92
N SER A 57 6.03 -5.29 3.33
CA SER A 57 7.34 -5.37 3.96
C SER A 57 7.78 -4.06 4.65
N PHE A 58 6.84 -3.14 4.89
CA PHE A 58 7.07 -1.90 5.63
C PHE A 58 7.41 -2.15 7.08
N LYS A 59 8.06 -1.17 7.72
CA LYS A 59 8.66 -1.27 9.06
C LYS A 59 7.63 -1.56 10.17
N LYS A 60 6.40 -1.08 9.98
CA LYS A 60 5.21 -1.48 10.75
C LYS A 60 4.66 -2.85 10.33
N VAL A 61 4.34 -3.00 9.04
CA VAL A 61 3.55 -4.13 8.51
C VAL A 61 4.23 -5.48 8.73
N LYS A 62 5.58 -5.52 8.67
CA LYS A 62 6.38 -6.70 9.00
C LYS A 62 6.11 -7.32 10.37
N HIS A 63 5.61 -6.55 11.33
CA HIS A 63 5.18 -7.09 12.62
C HIS A 63 3.99 -8.07 12.49
N LEU A 64 3.11 -7.85 11.49
CA LEU A 64 1.95 -8.70 11.17
C LEU A 64 2.27 -9.70 10.04
N THR A 65 2.82 -9.21 8.93
CA THR A 65 2.79 -9.87 7.60
C THR A 65 3.98 -9.48 6.72
N ARG A 66 4.50 -10.41 5.92
CA ARG A 66 5.54 -10.18 4.87
C ARG A 66 5.16 -10.95 3.59
N ASP A 67 3.95 -10.70 3.11
CA ASP A 67 3.29 -11.44 2.02
C ASP A 67 2.28 -10.55 1.29
N TRP A 68 2.55 -10.35 0.00
CA TRP A 68 1.72 -9.53 -0.86
C TRP A 68 0.28 -10.05 -0.94
N ARG A 69 0.06 -11.37 -0.93
CA ARG A 69 -1.28 -11.99 -0.98
C ARG A 69 -2.07 -11.65 0.27
N THR A 70 -1.44 -11.84 1.43
CA THR A 70 -2.08 -11.61 2.74
C THR A 70 -2.45 -10.14 2.91
N THR A 71 -1.59 -9.22 2.47
CA THR A 71 -1.93 -7.79 2.34
C THR A 71 -3.02 -7.53 1.29
N ALA A 72 -2.96 -8.17 0.11
CA ALA A 72 -3.90 -8.02 -0.99
C ALA A 72 -5.35 -8.28 -0.57
N HIS A 73 -5.61 -9.33 0.23
CA HIS A 73 -6.92 -9.54 0.84
C HIS A 73 -7.39 -8.33 1.65
N ALA A 74 -6.53 -7.76 2.51
CA ALA A 74 -6.85 -6.61 3.36
C ALA A 74 -7.15 -5.33 2.55
N LEU A 75 -6.56 -5.16 1.35
CA LEU A 75 -6.84 -4.02 0.46
C LEU A 75 -8.33 -3.88 0.11
N LYS A 76 -9.03 -5.01 -0.01
CA LYS A 76 -10.48 -5.07 -0.31
C LYS A 76 -11.36 -4.39 0.75
N TYR A 77 -10.89 -4.38 1.99
CA TYR A 77 -11.58 -3.81 3.14
C TYR A 77 -11.26 -2.32 3.35
N SER A 78 -10.24 -1.79 2.64
CA SER A 78 -9.92 -0.36 2.65
C SER A 78 -11.13 0.53 2.33
N VAL A 79 -11.20 1.64 3.07
CA VAL A 79 -12.20 2.70 2.96
C VAL A 79 -11.66 3.98 2.29
N VAL A 80 -10.36 4.03 1.96
CA VAL A 80 -9.68 5.19 1.36
C VAL A 80 -8.73 4.83 0.22
N LEU A 81 -8.50 3.55 -0.04
CA LEU A 81 -7.59 3.05 -1.08
C LEU A 81 -8.33 2.13 -2.07
N GLU A 82 -7.72 1.94 -3.25
CA GLU A 82 -8.21 1.08 -4.33
C GLU A 82 -7.10 0.15 -4.83
N LEU A 83 -7.30 -1.16 -4.68
CA LEU A 83 -6.41 -2.18 -5.24
C LEU A 83 -6.47 -2.31 -6.77
N ASN A 84 -5.42 -2.91 -7.32
CA ASN A 84 -5.24 -3.24 -8.74
C ASN A 84 -6.33 -4.17 -9.32
N GLU A 85 -6.31 -4.29 -10.65
CA GLU A 85 -6.99 -5.33 -11.43
C GLU A 85 -6.69 -6.75 -10.92
N ASP A 86 -5.42 -7.02 -10.62
CA ASP A 86 -4.89 -8.31 -10.14
C ASP A 86 -4.49 -8.30 -8.65
N HIS A 87 -4.78 -7.19 -7.94
CA HIS A 87 -4.46 -6.95 -6.52
C HIS A 87 -2.95 -6.79 -6.21
N ARG A 88 -2.08 -6.54 -7.21
CA ARG A 88 -0.60 -6.48 -7.05
C ARG A 88 -0.02 -5.09 -6.77
N LYS A 89 -0.82 -4.04 -6.93
CA LYS A 89 -0.59 -2.66 -6.47
C LYS A 89 -1.85 -2.11 -5.80
N VAL A 90 -1.71 -1.01 -5.07
CA VAL A 90 -2.82 -0.20 -4.48
C VAL A 90 -2.51 1.29 -4.58
N ARG A 91 -3.55 2.10 -4.76
CA ARG A 91 -3.48 3.57 -4.84
C ARG A 91 -4.48 4.24 -3.90
N ARG A 92 -4.16 5.45 -3.44
CA ARG A 92 -5.04 6.30 -2.63
C ARG A 92 -6.18 6.85 -3.50
N THR A 93 -7.43 6.79 -3.02
CA THR A 93 -8.62 7.27 -3.78
C THR A 93 -8.50 8.73 -4.22
N THR A 94 -7.84 9.57 -3.43
CA THR A 94 -7.45 10.95 -3.80
C THR A 94 -5.99 11.04 -4.25
N PRO A 95 -5.66 11.88 -5.25
CA PRO A 95 -4.28 12.28 -5.53
C PRO A 95 -3.65 12.90 -4.28
N VAL A 96 -2.40 12.53 -3.97
CA VAL A 96 -1.70 13.05 -2.78
C VAL A 96 -1.18 14.47 -3.10
N PRO A 97 -1.38 15.45 -2.19
CA PRO A 97 -0.96 16.82 -2.42
C PRO A 97 0.55 16.92 -2.57
N LEU A 98 1.01 17.82 -3.44
CA LEU A 98 2.44 18.10 -3.60
C LEU A 98 3.08 18.62 -2.29
N PHE A 99 4.35 18.30 -2.11
CA PHE A 99 5.18 18.65 -0.96
C PHE A 99 6.27 19.68 -1.35
N PRO A 100 6.90 20.39 -0.39
CA PRO A 100 7.94 21.38 -0.67
C PRO A 100 9.12 20.81 -1.48
N ASN A 101 9.48 19.55 -1.22
CA ASN A 101 10.54 18.83 -1.94
C ASN A 101 10.20 18.61 -3.43
N GLU A 102 8.93 18.43 -3.75
CA GLU A 102 8.43 18.28 -5.13
C GLU A 102 8.44 19.61 -5.92
N ASN A 103 8.35 20.74 -5.20
CA ASN A 103 8.34 22.10 -5.76
C ASN A 103 9.74 22.73 -5.92
N LEU A 104 10.82 22.01 -5.57
CA LEU A 104 12.21 22.45 -5.78
C LEU A 104 12.54 22.67 -7.27
N PRO A 105 13.39 23.67 -7.61
CA PRO A 105 13.80 23.94 -8.99
C PRO A 105 14.70 22.83 -9.58
N SER A 106 14.66 22.68 -10.91
CA SER A 106 15.54 21.79 -11.69
C SER A 106 16.98 22.32 -11.81
N GLY A 1 -17.33 -22.76 -14.55
CA GLY A 1 -17.25 -21.35 -14.11
C GLY A 1 -16.03 -20.65 -14.69
N GLU A 2 -15.33 -19.86 -13.87
CA GLU A 2 -14.07 -19.20 -14.20
C GLU A 2 -12.91 -20.17 -14.52
N ASP A 3 -11.90 -19.69 -15.26
CA ASP A 3 -10.71 -20.47 -15.67
C ASP A 3 -9.49 -20.30 -14.75
N LEU A 4 -9.65 -19.59 -13.62
CA LEU A 4 -8.59 -19.34 -12.63
C LEU A 4 -8.07 -20.64 -11.99
N GLU A 5 -6.76 -20.70 -11.75
CA GLU A 5 -6.06 -21.88 -11.17
C GLU A 5 -4.93 -21.49 -10.19
N GLN A 6 -5.08 -20.33 -9.54
CA GLN A 6 -4.15 -19.76 -8.56
C GLN A 6 -4.92 -19.10 -7.40
N GLU A 7 -4.63 -19.52 -6.16
CA GLU A 7 -5.30 -19.08 -4.93
C GLU A 7 -4.44 -19.36 -3.68
N TRP A 8 -4.85 -18.82 -2.53
CA TRP A 8 -4.25 -19.06 -1.21
C TRP A 8 -5.30 -18.86 -0.10
N LYS A 9 -4.94 -19.13 1.17
CA LYS A 9 -5.80 -18.91 2.34
C LYS A 9 -5.58 -17.52 2.97
N PRO A 10 -6.52 -16.57 2.85
CA PRO A 10 -6.37 -15.22 3.40
C PRO A 10 -6.40 -15.15 4.94
N PRO A 11 -5.93 -14.02 5.51
CA PRO A 11 -5.97 -13.72 6.94
C PRO A 11 -7.40 -13.59 7.51
N ASP A 12 -7.49 -13.68 8.83
CA ASP A 12 -8.68 -13.34 9.62
C ASP A 12 -8.89 -11.82 9.72
N GLU A 13 -10.11 -11.41 10.02
CA GLU A 13 -10.52 -10.01 10.30
C GLU A 13 -9.53 -9.30 11.25
N GLU A 14 -9.19 -9.96 12.35
CA GLU A 14 -8.26 -9.47 13.38
C GLU A 14 -6.91 -8.98 12.82
N LEU A 15 -6.28 -9.78 11.97
CA LEU A 15 -5.08 -9.39 11.22
C LEU A 15 -5.37 -8.27 10.22
N ILE A 16 -6.43 -8.43 9.40
CA ILE A 16 -6.86 -7.46 8.37
C ILE A 16 -7.00 -6.04 8.93
N LYS A 17 -7.68 -5.86 10.08
CA LYS A 17 -7.89 -4.56 10.73
C LYS A 17 -6.57 -3.83 11.01
N LYS A 18 -5.59 -4.54 11.55
CA LYS A 18 -4.19 -4.06 11.73
C LYS A 18 -3.52 -3.76 10.38
N LEU A 19 -3.52 -4.71 9.44
CA LEU A 19 -2.91 -4.60 8.12
C LEU A 19 -3.44 -3.36 7.34
N VAL A 20 -4.76 -3.27 7.12
CA VAL A 20 -5.41 -2.13 6.46
C VAL A 20 -5.13 -0.80 7.18
N ASP A 21 -5.12 -0.78 8.51
CA ASP A 21 -4.83 0.43 9.29
C ASP A 21 -3.43 0.99 9.03
N GLN A 22 -2.42 0.12 8.86
CA GLN A 22 -1.09 0.53 8.40
C GLN A 22 -1.15 1.13 6.99
N ILE A 23 -1.68 0.41 6.00
CA ILE A 23 -1.63 0.85 4.60
C ILE A 23 -2.43 2.17 4.40
N GLU A 24 -3.54 2.33 5.13
CA GLU A 24 -4.35 3.54 5.21
C GLU A 24 -3.54 4.78 5.63
N PHE A 25 -2.84 4.73 6.77
CA PHE A 25 -1.98 5.84 7.18
C PHE A 25 -0.76 6.01 6.27
N TYR A 26 -0.27 4.93 5.64
CA TYR A 26 0.89 5.00 4.74
C TYR A 26 0.69 5.93 3.54
N PHE A 27 -0.49 5.92 2.91
CA PHE A 27 -0.82 6.88 1.84
C PHE A 27 -1.29 8.27 2.35
N SER A 28 -1.58 8.42 3.64
CA SER A 28 -1.97 9.71 4.24
C SER A 28 -0.81 10.70 4.30
N ASP A 29 -1.13 11.99 4.18
CA ASP A 29 -0.17 13.12 4.14
C ASP A 29 0.81 13.09 5.32
N GLU A 30 0.33 12.66 6.49
CA GLU A 30 1.11 12.57 7.74
C GLU A 30 2.26 11.56 7.68
N ASN A 31 2.12 10.45 6.93
CA ASN A 31 3.24 9.57 6.61
C ASN A 31 4.12 10.15 5.48
N LEU A 32 3.51 10.67 4.41
CA LEU A 32 4.23 11.19 3.24
C LEU A 32 5.24 12.30 3.61
N GLU A 33 4.92 13.13 4.61
CA GLU A 33 5.83 14.14 5.17
C GLU A 33 7.16 13.57 5.70
N LYS A 34 7.12 12.41 6.38
CA LYS A 34 8.29 11.74 6.98
C LYS A 34 8.91 10.64 6.12
N ASP A 35 8.13 10.00 5.25
CA ASP A 35 8.56 8.88 4.38
C ASP A 35 8.62 9.34 2.92
N ALA A 36 9.71 10.07 2.60
CA ALA A 36 9.99 10.55 1.25
C ALA A 36 10.16 9.39 0.26
N PHE A 37 10.65 8.24 0.74
CA PHE A 37 10.69 6.96 0.02
C PHE A 37 9.32 6.53 -0.54
N LEU A 38 8.28 6.44 0.32
CA LEU A 38 6.94 6.03 -0.11
C LEU A 38 6.31 7.12 -1.01
N LEU A 39 6.47 8.39 -0.62
CA LEU A 39 6.08 9.55 -1.42
C LEU A 39 6.66 9.50 -2.84
N LYS A 40 7.89 9.04 -3.02
CA LYS A 40 8.55 8.84 -4.32
C LYS A 40 7.85 7.81 -5.21
N HIS A 41 7.54 6.61 -4.70
CA HIS A 41 6.81 5.58 -5.46
C HIS A 41 5.37 6.00 -5.80
N VAL A 42 4.70 6.63 -4.83
CA VAL A 42 3.43 7.34 -5.01
C VAL A 42 3.51 8.34 -6.18
N ARG A 43 4.45 9.28 -6.14
CA ARG A 43 4.65 10.34 -7.15
C ARG A 43 5.15 9.83 -8.51
N ARG A 44 5.81 8.66 -8.54
CA ARG A 44 6.20 7.97 -9.79
C ARG A 44 5.02 7.55 -10.68
N ASN A 45 3.83 7.37 -10.10
CA ASN A 45 2.64 6.88 -10.78
C ASN A 45 1.55 7.98 -10.87
N LYS A 46 0.84 8.00 -12.01
CA LYS A 46 -0.21 9.01 -12.30
C LYS A 46 -1.44 8.92 -11.37
N LEU A 47 -1.77 7.70 -10.92
CA LEU A 47 -2.87 7.42 -9.97
C LEU A 47 -2.42 7.27 -8.52
N GLY A 48 -1.12 7.01 -8.29
CA GLY A 48 -0.50 6.85 -6.97
C GLY A 48 -0.17 5.41 -6.57
N TYR A 49 -0.15 4.47 -7.51
CA TYR A 49 0.08 3.03 -7.26
C TYR A 49 1.46 2.73 -6.64
N VAL A 50 1.47 1.79 -5.70
CA VAL A 50 2.67 1.21 -5.08
C VAL A 50 2.51 -0.30 -4.91
N SER A 51 3.54 -1.05 -5.30
CA SER A 51 3.61 -2.52 -5.26
C SER A 51 3.36 -3.13 -3.89
N VAL A 52 2.49 -4.15 -3.82
CA VAL A 52 2.04 -4.74 -2.54
C VAL A 52 3.15 -5.53 -1.83
N LYS A 53 4.12 -6.08 -2.57
CA LYS A 53 5.33 -6.76 -2.02
C LYS A 53 6.23 -5.82 -1.22
N LEU A 54 6.21 -4.52 -1.54
CA LEU A 54 6.91 -3.47 -0.80
C LEU A 54 6.09 -2.97 0.39
N LEU A 55 4.80 -2.67 0.18
CA LEU A 55 3.88 -2.23 1.23
C LEU A 55 3.76 -3.24 2.37
N THR A 56 3.74 -4.54 2.06
CA THR A 56 3.69 -5.61 3.06
C THR A 56 4.98 -5.70 3.88
N SER A 57 6.11 -5.28 3.31
CA SER A 57 7.43 -5.34 3.97
C SER A 57 7.83 -4.02 4.65
N PHE A 58 6.87 -3.11 4.86
CA PHE A 58 7.06 -1.87 5.61
C PHE A 58 7.37 -2.11 7.07
N LYS A 59 7.97 -1.10 7.71
CA LYS A 59 8.60 -1.21 9.04
C LYS A 59 7.60 -1.58 10.13
N LYS A 60 6.36 -1.09 10.00
CA LYS A 60 5.19 -1.50 10.79
C LYS A 60 4.65 -2.87 10.35
N VAL A 61 4.31 -3.01 9.05
CA VAL A 61 3.56 -4.16 8.52
C VAL A 61 4.28 -5.49 8.75
N LYS A 62 5.62 -5.49 8.66
CA LYS A 62 6.46 -6.67 8.94
C LYS A 62 6.24 -7.30 10.33
N HIS A 63 5.77 -6.53 11.31
CA HIS A 63 5.40 -7.09 12.61
C HIS A 63 4.22 -8.08 12.53
N LEU A 64 3.31 -7.87 11.56
CA LEU A 64 2.14 -8.71 11.28
C LEU A 64 2.40 -9.72 10.15
N THR A 65 2.86 -9.22 8.98
CA THR A 65 2.80 -9.90 7.67
C THR A 65 3.97 -9.49 6.78
N ARG A 66 4.49 -10.42 5.94
CA ARG A 66 5.49 -10.18 4.87
C ARG A 66 5.09 -10.93 3.59
N ASP A 67 3.86 -10.68 3.13
CA ASP A 67 3.21 -11.39 2.04
C ASP A 67 2.20 -10.50 1.31
N TRP A 68 2.45 -10.30 0.02
CA TRP A 68 1.63 -9.49 -0.87
C TRP A 68 0.19 -10.01 -0.96
N ARG A 69 -0.02 -11.34 -0.94
CA ARG A 69 -1.36 -11.96 -0.97
C ARG A 69 -2.14 -11.63 0.30
N THR A 70 -1.50 -11.83 1.45
CA THR A 70 -2.11 -11.59 2.77
C THR A 70 -2.48 -10.11 2.93
N THR A 71 -1.62 -9.19 2.49
CA THR A 71 -1.97 -7.77 2.37
C THR A 71 -3.07 -7.51 1.32
N ALA A 72 -3.02 -8.14 0.15
CA ALA A 72 -4.02 -8.01 -0.92
C ALA A 72 -5.45 -8.28 -0.46
N HIS A 73 -5.68 -9.32 0.37
CA HIS A 73 -6.99 -9.52 1.00
C HIS A 73 -7.45 -8.31 1.83
N ALA A 74 -6.55 -7.71 2.61
CA ALA A 74 -6.84 -6.52 3.42
C ALA A 74 -7.15 -5.26 2.56
N LEU A 75 -6.60 -5.16 1.35
CA LEU A 75 -6.89 -4.06 0.41
C LEU A 75 -8.37 -3.96 0.01
N LYS A 76 -9.11 -5.08 0.06
CA LYS A 76 -10.56 -5.14 -0.16
C LYS A 76 -11.36 -4.36 0.88
N TYR A 77 -10.82 -4.26 2.11
CA TYR A 77 -11.44 -3.60 3.26
C TYR A 77 -11.02 -2.13 3.39
N SER A 78 -10.02 -1.69 2.62
CA SER A 78 -9.62 -0.27 2.50
C SER A 78 -10.81 0.63 2.14
N VAL A 79 -10.94 1.74 2.87
CA VAL A 79 -12.00 2.76 2.71
C VAL A 79 -11.51 4.05 2.03
N VAL A 80 -10.19 4.14 1.76
CA VAL A 80 -9.52 5.30 1.14
C VAL A 80 -8.54 4.91 0.04
N LEU A 81 -8.38 3.61 -0.25
CA LEU A 81 -7.44 3.07 -1.23
C LEU A 81 -8.15 2.11 -2.20
N GLU A 82 -7.52 1.85 -3.35
CA GLU A 82 -8.04 1.01 -4.44
C GLU A 82 -6.97 0.02 -4.93
N LEU A 83 -7.21 -1.28 -4.71
CA LEU A 83 -6.43 -2.38 -5.29
C LEU A 83 -6.41 -2.40 -6.83
N ASN A 84 -5.35 -3.01 -7.38
CA ASN A 84 -5.20 -3.40 -8.78
C ASN A 84 -6.28 -4.40 -9.25
N GLU A 85 -6.41 -4.54 -10.57
CA GLU A 85 -7.12 -5.64 -11.25
C GLU A 85 -6.79 -7.04 -10.70
N ASP A 86 -5.51 -7.34 -10.45
CA ASP A 86 -4.99 -8.60 -9.90
C ASP A 86 -4.34 -8.41 -8.50
N HIS A 87 -4.61 -7.26 -7.87
CA HIS A 87 -4.21 -6.91 -6.49
C HIS A 87 -2.67 -6.72 -6.30
N ARG A 88 -1.92 -6.47 -7.38
CA ARG A 88 -0.43 -6.44 -7.38
C ARG A 88 0.19 -5.08 -7.00
N LYS A 89 -0.62 -4.01 -7.07
CA LYS A 89 -0.36 -2.68 -6.50
C LYS A 89 -1.67 -2.14 -5.87
N VAL A 90 -1.57 -1.03 -5.16
CA VAL A 90 -2.70 -0.24 -4.61
C VAL A 90 -2.39 1.25 -4.66
N ARG A 91 -3.42 2.08 -4.90
CA ARG A 91 -3.34 3.55 -4.97
C ARG A 91 -4.35 4.23 -4.05
N ARG A 92 -4.06 5.45 -3.60
CA ARG A 92 -4.96 6.29 -2.79
C ARG A 92 -6.11 6.82 -3.65
N THR A 93 -7.36 6.72 -3.19
CA THR A 93 -8.55 7.21 -3.92
C THR A 93 -8.47 8.69 -4.31
N THR A 94 -7.83 9.52 -3.47
CA THR A 94 -7.55 10.94 -3.74
C THR A 94 -6.12 11.16 -4.22
N PRO A 95 -5.90 12.12 -5.14
CA PRO A 95 -4.55 12.63 -5.43
C PRO A 95 -3.93 13.21 -4.16
N VAL A 96 -2.68 12.81 -3.86
CA VAL A 96 -1.94 13.33 -2.70
C VAL A 96 -1.48 14.77 -2.95
N PRO A 97 -1.53 15.67 -1.95
CA PRO A 97 -1.02 17.03 -2.09
C PRO A 97 0.49 17.01 -2.35
N LEU A 98 0.96 17.88 -3.25
CA LEU A 98 2.39 18.06 -3.49
C LEU A 98 3.13 18.54 -2.23
N PHE A 99 4.38 18.09 -2.12
CA PHE A 99 5.34 18.39 -1.06
C PHE A 99 6.49 19.26 -1.63
N PRO A 100 7.21 20.04 -0.80
CA PRO A 100 8.24 20.96 -1.29
C PRO A 100 9.36 20.27 -2.07
N ASN A 101 9.74 19.06 -1.64
CA ASN A 101 10.75 18.21 -2.29
C ASN A 101 10.30 17.66 -3.66
N GLU A 102 9.01 17.71 -3.96
CA GLU A 102 8.41 17.31 -5.25
C GLU A 102 8.14 18.53 -6.15
N ASN A 103 7.65 19.63 -5.57
CA ASN A 103 7.38 20.90 -6.24
C ASN A 103 8.66 21.61 -6.75
N LEU A 104 9.73 21.63 -5.94
CA LEU A 104 11.02 22.22 -6.31
C LEU A 104 11.74 21.43 -7.42
N PRO A 105 12.46 22.09 -8.34
CA PRO A 105 13.20 21.44 -9.42
C PRO A 105 14.41 20.63 -8.91
N SER A 106 14.77 19.57 -9.65
CA SER A 106 15.97 18.74 -9.43
C SER A 106 17.28 19.47 -9.80
#